data_6UCU
#
_entry.id   6UCU
#
_cell.length_a   1.00
_cell.length_b   1.00
_cell.length_c   1.00
_cell.angle_alpha   90.00
_cell.angle_beta   90.00
_cell.angle_gamma   90.00
#
_symmetry.space_group_name_H-M   'P 1'
#
loop_
_entity.id
_entity.type
_entity.pdbx_description
1 polymer 'Mitochondrial import receptor subunit TOM40'
2 polymer 'Mitochondrial import receptor subunit TOM22'
3 polymer 'Mitochondrial import receptor subunit TOM5'
4 polymer 'Mitochondrial import receptor subunit TOM6'
5 polymer 'Mitochondrial import receptor subunit TOM7'
6 non-polymer DODECYL-BETA-D-MALTOSIDE
#
loop_
_entity_poly.entity_id
_entity_poly.type
_entity_poly.pdbx_seq_one_letter_code
_entity_poly.pdbx_strand_id
1 'polypeptide(L)'
;MSAPTPLAEASQIPTIPALSPLTAKQSKGNFFSSNPISSFVVDTYKQLHSHRQSLELVNPGTVENLNKEVSRDVFLSQYF
FTGLRADLNKAFSMNPAFQTSHTFSIGSQALPKYAFSALFANDNLFAQGNIDNDLSVSGRLNYGWDKKNISKVNLQISDG
QPTMCQLEQDYQASDFSVNVKTLNPSFSEKGEFTGVAVASFLQSVTPQLALGLETLYSRTDGSAPGDAGVSYLTRYVSKK
QDWIFSGQLQANGALIASLWRKVAQNVEAGIETTLQAGMVPITDPLMGTPIGIQPTVEGSTTIGAKYEYRQSVYRGTLDS
NGKVACFLERKVLPTLSVLFCGEIDHFKNDTKIGCGLQFETAGNQELLMLQQGLDADGNPLQALPQLGGWSHPQFEK
;
A,I
2 'polypeptide(L)'
;MVELTEIKDDVVQLDEPQFSRNQAIVEEKASATNNDVVDDEDDSDSDFEDEFDENETLLDRIVALKDIVPPGKRQTISNF
FGFTSSFVRNAFTKSGNLAWTLTTTALLLGVPLSLSILAEQQLIEMEKTFDLQSDANNILAQGEKDAAATANGGHHHHHH
HH
;
B,J
3 'polypeptide(L)' MFGLPQQEVSEEEKRAHQEQTEKTLKQAAYVAAFLWVSPMIWHLVKKQWK C,K
4 'polypeptide(L)' MDGMFAMPGAAAGAASPQQPKSRFQAFKESPLYTIALNGAFFVAGVAFIQSPLMDMLAPQL D,L
5 'polypeptide(L)' MSFLPSFILSDESKERISKILTLTHNVAHYGWIPFVLYLGWAHTSNRPNFLNLLSPLPSV E,M
#
loop_
_chem_comp.id
_chem_comp.type
_chem_comp.name
_chem_comp.formula
LMT D-saccharide DODECYL-BETA-D-MALTOSIDE 'C24 H46 O11'
#
# COMPACT_ATOMS: atom_id res chain seq x y z
N HIS A 49 -23.93 25.99 49.18
CA HIS A 49 -23.20 24.91 48.54
C HIS A 49 -23.55 23.57 49.21
N SER A 50 -24.83 23.38 49.47
CA SER A 50 -25.38 22.17 50.08
C SER A 50 -26.27 21.42 49.11
N HIS A 51 -27.28 22.11 48.59
CA HIS A 51 -28.04 21.54 47.49
C HIS A 51 -27.25 21.51 46.19
N ARG A 52 -25.99 21.95 46.19
CA ARG A 52 -25.04 21.50 45.17
C ARG A 52 -24.75 20.02 45.32
N GLN A 53 -24.43 19.59 46.54
CA GLN A 53 -24.33 18.17 46.83
C GLN A 53 -25.63 17.45 46.52
N SER A 54 -26.76 18.15 46.57
CA SER A 54 -28.03 17.49 46.19
C SER A 54 -28.05 17.07 44.72
N LEU A 55 -27.48 17.88 43.81
CA LEU A 55 -27.68 17.63 42.38
C LEU A 55 -27.13 16.29 41.90
N GLU A 56 -26.10 15.76 42.56
CA GLU A 56 -25.37 14.59 42.06
C GLU A 56 -24.81 14.88 40.67
N LEU A 57 -23.97 15.90 40.60
CA LEU A 57 -23.28 16.25 39.38
C LEU A 57 -22.07 15.37 39.19
N VAL A 58 -21.71 15.13 37.93
CA VAL A 58 -20.57 14.29 37.59
C VAL A 58 -19.57 15.15 36.86
N ASN A 59 -18.30 14.91 37.14
CA ASN A 59 -17.21 15.60 36.49
C ASN A 59 -17.24 15.40 34.97
N PRO A 60 -17.15 16.46 34.15
CA PRO A 60 -17.00 16.23 32.71
C PRO A 60 -15.54 15.98 32.34
N GLY A 61 -15.34 15.46 31.13
CA GLY A 61 -14.00 15.15 30.68
C GLY A 61 -13.18 16.40 30.39
N THR A 62 -11.87 16.22 30.20
CA THR A 62 -11.04 17.38 29.93
C THR A 62 -11.48 18.05 28.64
N VAL A 63 -11.04 19.28 28.45
CA VAL A 63 -11.33 19.98 27.20
C VAL A 63 -10.65 19.28 26.04
N GLU A 64 -9.52 18.62 26.29
CA GLU A 64 -8.87 17.84 25.25
C GLU A 64 -9.64 16.57 24.94
N ASN A 65 -10.36 16.03 25.92
CA ASN A 65 -11.17 14.82 25.75
C ASN A 65 -12.61 15.14 25.38
N LEU A 66 -12.83 16.25 24.68
CA LEU A 66 -14.17 16.69 24.33
C LEU A 66 -14.70 15.96 23.09
N ASN A 67 -13.98 16.09 21.97
CA ASN A 67 -14.26 15.34 20.75
C ASN A 67 -13.45 14.05 20.69
N LYS A 68 -13.13 13.45 21.84
CA LYS A 68 -12.28 12.28 21.88
C LYS A 68 -12.88 11.12 21.11
N GLU A 69 -14.19 10.93 21.22
CA GLU A 69 -14.82 9.76 20.63
C GLU A 69 -14.83 9.86 19.11
N VAL A 70 -15.20 11.02 18.58
CA VAL A 70 -15.29 11.17 17.13
C VAL A 70 -13.91 11.38 16.52
N SER A 71 -13.18 12.38 17.02
CA SER A 71 -11.96 12.80 16.36
C SER A 71 -10.86 11.75 16.46
N ARG A 72 -10.82 11.00 17.56
CA ARG A 72 -9.73 10.07 17.82
C ARG A 72 -10.19 8.61 17.79
N ASP A 73 -11.18 8.22 18.59
CA ASP A 73 -11.55 6.81 18.64
C ASP A 73 -12.10 6.34 17.29
N VAL A 74 -13.07 7.06 16.74
CA VAL A 74 -13.74 6.61 15.52
C VAL A 74 -12.89 6.94 14.29
N PHE A 75 -12.63 8.22 14.06
CA PHE A 75 -11.93 8.62 12.85
C PHE A 75 -10.48 8.14 12.87
N LEU A 76 -9.82 8.35 11.73
CA LEU A 76 -8.51 7.80 11.45
C LEU A 76 -7.49 8.86 11.07
N SER A 77 -7.80 10.14 11.28
CA SER A 77 -6.87 11.19 10.90
C SER A 77 -5.57 11.10 11.69
N GLN A 78 -5.66 10.80 12.99
CA GLN A 78 -4.47 10.54 13.77
C GLN A 78 -3.79 9.25 13.32
N TYR A 79 -4.59 8.21 13.08
CA TYR A 79 -4.05 6.90 12.75
C TYR A 79 -3.49 6.83 11.34
N PHE A 80 -4.06 7.57 10.40
CA PHE A 80 -3.68 7.43 9.01
C PHE A 80 -2.24 7.87 8.77
N PHE A 81 -1.58 7.15 7.87
CA PHE A 81 -0.22 7.48 7.44
C PHE A 81 -0.09 7.11 5.97
N THR A 82 1.14 7.21 5.47
CA THR A 82 1.45 6.92 4.08
C THR A 82 2.76 6.15 4.03
N GLY A 83 2.88 5.32 3.01
CA GLY A 83 4.09 4.56 2.81
C GLY A 83 4.24 3.43 3.80
N LEU A 84 5.36 2.74 3.68
CA LEU A 84 5.64 1.59 4.54
C LEU A 84 6.10 2.08 5.90
N ARG A 85 5.67 1.37 6.95
CA ARG A 85 6.21 1.71 8.26
C ARG A 85 6.21 0.44 9.11
N ALA A 86 7.22 0.32 9.97
CA ALA A 86 7.31 -0.78 10.92
C ALA A 86 7.58 -0.24 12.31
N ASP A 87 6.94 -0.82 13.31
CA ASP A 87 7.11 -0.43 14.70
C ASP A 87 7.50 -1.64 15.51
N LEU A 88 8.48 -1.46 16.41
CA LEU A 88 9.05 -2.51 17.23
C LEU A 88 9.08 -2.00 18.66
N ASN A 89 8.06 -2.31 19.45
CA ASN A 89 8.06 -1.93 20.86
C ASN A 89 8.34 -3.15 21.71
N LYS A 90 9.17 -2.97 22.74
CA LYS A 90 9.47 -4.04 23.67
C LYS A 90 9.28 -3.54 25.09
N ALA A 91 8.64 -4.38 25.89
CA ALA A 91 8.23 -4.05 27.24
C ALA A 91 9.12 -4.80 28.22
N PHE A 92 9.81 -4.05 29.08
CA PHE A 92 10.74 -4.64 30.02
C PHE A 92 10.08 -5.00 31.34
N SER A 93 9.05 -4.26 31.74
CA SER A 93 8.38 -4.53 33.01
C SER A 93 6.95 -4.03 32.94
N MET A 94 6.10 -4.50 33.88
CA MET A 94 4.72 -4.05 33.89
C MET A 94 4.12 -3.48 35.15
N ASN A 95 4.64 -3.73 36.35
CA ASN A 95 4.02 -3.06 37.49
C ASN A 95 4.24 -1.56 37.40
N PRO A 96 5.45 -1.06 37.29
CA PRO A 96 5.64 0.25 36.69
C PRO A 96 5.90 0.04 35.21
N ALA A 97 5.07 0.55 34.31
CA ALA A 97 5.30 0.25 32.92
C ALA A 97 6.57 0.92 32.41
N PHE A 98 7.39 0.13 31.71
CA PHE A 98 8.55 0.64 31.00
C PHE A 98 8.68 -0.11 29.69
N GLN A 99 8.81 0.65 28.59
CA GLN A 99 8.91 0.04 27.28
C GLN A 99 9.63 0.98 26.34
N THR A 100 10.38 0.40 25.41
CA THR A 100 11.19 1.12 24.44
C THR A 100 10.73 0.75 23.05
N SER A 101 10.56 1.76 22.19
CA SER A 101 9.98 1.58 20.87
C SER A 101 10.89 2.13 19.78
N HIS A 102 11.10 1.32 18.76
CA HIS A 102 11.75 1.72 17.52
C HIS A 102 10.67 1.89 16.46
N THR A 103 10.88 2.83 15.55
CA THR A 103 9.91 3.11 14.49
C THR A 103 10.66 3.43 13.21
N PHE A 104 10.45 2.62 12.19
CA PHE A 104 11.09 2.78 10.90
C PHE A 104 10.01 3.20 9.91
N SER A 105 10.28 4.21 9.10
CA SER A 105 9.28 4.66 8.14
C SER A 105 9.92 5.06 6.84
N ILE A 106 9.14 4.96 5.76
CA ILE A 106 9.58 5.43 4.46
C ILE A 106 8.37 5.60 3.56
N GLY A 107 8.36 6.71 2.82
CA GLY A 107 7.29 7.04 1.91
C GLY A 107 6.35 8.12 2.39
N SER A 108 6.64 8.79 3.50
CA SER A 108 5.81 9.86 4.02
C SER A 108 6.69 11.02 4.45
N GLN A 109 6.05 12.19 4.56
CA GLN A 109 6.73 13.42 4.94
C GLN A 109 6.70 13.68 6.44
N ALA A 110 5.63 13.24 7.11
CA ALA A 110 5.50 13.49 8.55
C ALA A 110 6.43 12.59 9.34
N LEU A 111 6.43 11.31 9.05
CA LEU A 111 7.12 10.36 9.91
C LEU A 111 8.61 10.34 9.60
N PRO A 112 9.48 10.32 10.60
CA PRO A 112 10.91 10.20 10.33
C PRO A 112 11.33 8.76 10.03
N LYS A 113 12.56 8.64 9.55
CA LYS A 113 13.10 7.36 9.13
C LYS A 113 13.34 6.39 10.29
N TYR A 114 13.94 6.85 11.39
CA TYR A 114 14.13 6.05 12.59
C TYR A 114 13.79 6.90 13.78
N ALA A 115 12.98 6.37 14.70
CA ALA A 115 12.65 7.09 15.92
C ALA A 115 12.66 6.14 17.10
N PHE A 116 13.46 6.45 18.12
CA PHE A 116 13.55 5.67 19.33
C PHE A 116 12.88 6.42 20.48
N SER A 117 11.81 5.85 21.02
CA SER A 117 11.08 6.43 22.13
C SER A 117 11.06 5.46 23.29
N ALA A 118 11.11 6.01 24.50
CA ALA A 118 11.12 5.22 25.72
C ALA A 118 10.30 5.92 26.78
N LEU A 119 9.40 5.18 27.42
CA LEU A 119 8.54 5.74 28.46
C LEU A 119 8.62 4.92 29.73
N PHE A 120 8.40 5.60 30.84
CA PHE A 120 8.29 5.02 32.16
C PHE A 120 7.00 5.55 32.76
N ALA A 121 6.23 4.69 33.42
CA ALA A 121 4.99 5.13 34.02
C ALA A 121 4.76 4.35 35.30
N ASN A 122 4.96 4.98 36.47
CA ASN A 122 4.70 4.32 37.73
C ASN A 122 3.29 4.73 38.17
N ASP A 123 2.93 4.54 39.44
CA ASP A 123 1.54 4.82 39.83
C ASP A 123 1.11 6.26 39.57
N ASN A 124 1.96 7.27 39.82
CA ASN A 124 1.53 8.65 39.58
C ASN A 124 2.41 9.50 38.66
N LEU A 125 3.54 9.00 38.16
CA LEU A 125 4.42 9.79 37.30
C LEU A 125 4.60 9.08 35.96
N PHE A 126 4.46 9.83 34.86
CA PHE A 126 4.70 9.34 33.50
C PHE A 126 5.83 10.15 32.92
N ALA A 127 6.84 9.50 32.32
CA ALA A 127 7.87 10.21 31.59
C ALA A 127 8.23 9.51 30.29
N GLN A 128 8.10 10.23 29.17
CA GLN A 128 8.46 9.72 27.86
C GLN A 128 9.53 10.61 27.26
N GLY A 129 10.56 9.99 26.72
CA GLY A 129 11.62 10.70 26.02
C GLY A 129 11.71 10.09 24.65
N ASN A 130 11.89 10.92 23.62
CA ASN A 130 11.89 10.46 22.25
C ASN A 130 13.05 11.09 21.50
N ILE A 131 13.80 10.29 20.75
CA ILE A 131 14.91 10.74 19.93
C ILE A 131 14.60 10.36 18.49
N ASP A 132 14.84 11.26 17.57
CA ASP A 132 14.48 11.09 16.17
C ASP A 132 15.73 11.28 15.32
N ASN A 133 15.76 10.71 14.13
CA ASN A 133 16.89 11.04 13.25
C ASN A 133 16.82 12.52 12.93
N ASP A 134 17.99 13.10 12.67
CA ASP A 134 18.32 14.53 12.75
C ASP A 134 18.12 15.06 14.17
N LEU A 135 18.15 14.17 15.16
CA LEU A 135 18.27 14.52 16.57
C LEU A 135 17.27 15.54 17.08
N SER A 136 16.00 15.34 16.75
CA SER A 136 14.94 16.17 17.31
C SER A 136 14.43 15.43 18.54
N VAL A 137 14.72 15.94 19.73
CA VAL A 137 14.35 15.25 20.97
C VAL A 137 13.06 15.83 21.52
N SER A 138 12.07 14.98 21.78
CA SER A 138 10.83 15.39 22.42
C SER A 138 10.62 14.64 23.72
N GLY A 139 10.39 15.35 24.80
CA GLY A 139 10.15 14.74 26.08
C GLY A 139 8.94 15.29 26.80
N ARG A 140 8.07 14.42 27.28
CA ARG A 140 6.92 14.81 28.08
C ARG A 140 6.98 14.15 29.44
N LEU A 141 6.43 14.83 30.43
CA LEU A 141 6.50 14.41 31.82
C LEU A 141 5.21 14.82 32.51
N ASN A 142 4.40 13.85 32.92
CA ASN A 142 3.23 14.08 33.75
C ASN A 142 3.57 13.66 35.16
N TYR A 143 3.15 14.45 36.14
CA TYR A 143 3.26 14.09 37.55
C TYR A 143 1.91 14.36 38.22
N GLY A 144 1.33 13.31 38.79
CA GLY A 144 0.08 13.44 39.49
C GLY A 144 0.26 13.69 40.97
N TRP A 145 0.09 14.94 41.39
CA TRP A 145 0.02 15.26 42.81
C TRP A 145 -1.13 14.54 43.48
N ASP A 146 -2.17 14.20 42.72
CA ASP A 146 -3.32 13.47 43.20
C ASP A 146 -3.98 12.85 41.97
N LYS A 147 -4.99 12.02 42.20
CA LYS A 147 -5.71 11.43 41.07
C LYS A 147 -6.37 12.50 40.21
N LYS A 148 -6.84 13.59 40.83
CA LYS A 148 -7.48 14.66 40.10
C LYS A 148 -6.45 15.62 39.49
N ASN A 149 -5.67 16.27 40.36
CA ASN A 149 -4.70 17.25 39.92
C ASN A 149 -3.52 16.58 39.26
N ILE A 150 -3.08 17.13 38.12
CA ILE A 150 -1.83 16.72 37.49
C ILE A 150 -1.10 17.96 37.00
N SER A 151 0.22 17.90 37.08
CA SER A 151 1.12 18.94 36.58
C SER A 151 2.03 18.30 35.57
N LYS A 152 2.07 18.86 34.36
CA LYS A 152 2.81 18.24 33.28
C LYS A 152 3.63 19.25 32.50
N VAL A 153 4.53 18.69 31.71
CA VAL A 153 5.55 19.40 30.97
C VAL A 153 5.69 18.70 29.64
N ASN A 154 5.89 19.47 28.59
CA ASN A 154 6.19 18.90 27.30
C ASN A 154 7.32 19.75 26.76
N LEU A 155 8.41 19.14 26.35
CA LEU A 155 9.58 19.87 25.88
C LEU A 155 9.96 19.31 24.54
N GLN A 156 10.05 20.15 23.52
CA GLN A 156 10.44 19.67 22.20
C GLN A 156 11.58 20.51 21.65
N ILE A 157 12.62 19.84 21.18
CA ILE A 157 13.79 20.48 20.61
C ILE A 157 13.92 20.03 19.15
N SER A 158 14.10 20.99 18.24
CA SER A 158 14.16 20.66 16.82
C SER A 158 15.52 20.84 16.14
N ASP A 159 16.57 21.21 16.87
CA ASP A 159 17.93 21.33 16.33
C ASP A 159 18.01 22.19 15.06
N GLY A 160 17.51 23.42 15.15
CA GLY A 160 17.48 24.34 14.03
C GLY A 160 16.26 25.25 13.99
N GLN A 161 15.30 24.99 14.86
CA GLN A 161 14.09 25.78 15.02
C GLN A 161 13.99 26.19 16.48
N PRO A 162 13.20 27.19 16.80
CA PRO A 162 13.11 27.60 18.21
C PRO A 162 12.49 26.50 19.06
N THR A 163 13.12 26.23 20.20
CA THR A 163 12.65 25.22 21.14
C THR A 163 11.28 25.62 21.65
N MET A 164 10.36 24.66 21.74
CA MET A 164 9.05 24.95 22.27
C MET A 164 8.72 23.99 23.39
N CYS A 165 8.43 24.53 24.58
CA CYS A 165 8.07 23.72 25.73
C CYS A 165 6.83 24.30 26.38
N GLN A 166 5.90 23.45 26.82
CA GLN A 166 4.69 23.96 27.44
C GLN A 166 4.46 23.35 28.81
N LEU A 167 4.18 24.21 29.78
CA LEU A 167 3.87 23.81 31.14
C LEU A 167 2.36 23.83 31.30
N GLU A 168 1.77 22.70 31.65
CA GLU A 168 0.33 22.59 31.83
C GLU A 168 -0.01 22.11 33.22
N GLN A 169 -1.16 22.56 33.70
CA GLN A 169 -1.68 22.20 35.01
C GLN A 169 -3.17 21.92 34.80
N ASP A 170 -3.58 20.68 35.02
CA ASP A 170 -4.95 20.24 34.79
C ASP A 170 -5.53 19.78 36.11
N TYR A 171 -6.58 20.45 36.58
CA TYR A 171 -7.22 20.08 37.84
C TYR A 171 -8.69 19.79 37.60
N GLN A 172 -9.16 18.61 37.99
CA GLN A 172 -10.55 18.24 37.76
C GLN A 172 -11.27 18.02 39.07
N ALA A 173 -12.29 18.82 39.36
CA ALA A 173 -13.04 18.69 40.60
C ALA A 173 -14.23 17.76 40.42
N SER A 174 -15.08 17.72 41.45
CA SER A 174 -16.25 16.86 41.47
C SER A 174 -17.20 17.20 40.33
N ASP A 175 -17.33 18.50 40.01
CA ASP A 175 -18.32 18.96 39.04
C ASP A 175 -17.75 19.97 38.05
N PHE A 176 -16.44 20.06 37.91
CA PHE A 176 -15.88 20.89 36.85
C PHE A 176 -14.43 20.48 36.59
N SER A 177 -13.90 21.06 35.52
CA SER A 177 -12.56 20.76 35.04
C SER A 177 -11.89 22.04 34.58
N VAL A 178 -10.63 22.19 34.97
CA VAL A 178 -9.82 23.36 34.66
C VAL A 178 -8.53 22.87 34.03
N ASN A 179 -8.01 23.63 33.09
CA ASN A 179 -6.60 23.49 32.74
C ASN A 179 -6.01 24.85 32.38
N VAL A 180 -4.71 24.95 32.57
CA VAL A 180 -3.94 26.14 32.27
C VAL A 180 -2.63 25.65 31.65
N LYS A 181 -2.44 25.90 30.35
CA LYS A 181 -1.23 25.52 29.66
C LYS A 181 -0.57 26.74 29.05
N THR A 182 0.71 26.90 29.34
CA THR A 182 1.50 28.05 28.94
C THR A 182 2.63 27.57 28.05
N LEU A 183 2.68 28.08 26.83
CA LEU A 183 3.68 27.72 25.83
C LEU A 183 4.70 28.84 25.69
N ASN A 184 5.97 28.49 25.88
CA ASN A 184 7.09 29.42 25.81
C ASN A 184 6.87 30.69 26.62
N PRO A 185 6.73 30.57 27.94
CA PRO A 185 6.62 31.77 28.77
C PRO A 185 7.94 32.52 28.85
N SER A 186 7.83 33.84 28.98
CA SER A 186 8.98 34.70 29.17
C SER A 186 8.47 36.07 29.57
N PHE A 187 9.27 36.77 30.36
CA PHE A 187 8.94 38.09 30.85
C PHE A 187 9.87 39.11 30.23
N SER A 188 9.29 40.16 29.66
CA SER A 188 10.06 41.26 29.13
C SER A 188 10.74 42.02 30.28
N GLU A 189 11.54 43.01 29.92
CA GLU A 189 12.25 43.80 30.94
C GLU A 189 11.28 44.58 31.81
N LYS A 190 10.11 44.92 31.29
CA LYS A 190 9.12 45.69 32.04
C LYS A 190 8.31 44.83 33.00
N GLY A 191 8.47 43.51 32.96
CA GLY A 191 7.66 42.61 33.77
C GLY A 191 6.39 42.13 33.11
N GLU A 192 6.27 42.28 31.79
CA GLU A 192 5.07 41.90 31.06
C GLU A 192 5.24 40.51 30.46
N PHE A 193 4.13 39.78 30.40
CA PHE A 193 4.14 38.42 29.90
C PHE A 193 4.47 38.39 28.41
N THR A 194 5.12 37.30 27.99
CA THR A 194 5.48 37.11 26.58
C THR A 194 5.47 35.61 26.31
N GLY A 195 4.46 35.16 25.57
CA GLY A 195 4.27 33.76 25.29
C GLY A 195 2.83 33.50 24.90
N VAL A 196 2.39 32.26 25.09
CA VAL A 196 1.01 31.87 24.87
C VAL A 196 0.47 31.28 26.16
N ALA A 197 -0.77 31.59 26.48
CA ALA A 197 -1.44 31.05 27.66
C ALA A 197 -2.86 30.67 27.31
N VAL A 198 -3.25 29.45 27.67
CA VAL A 198 -4.55 28.90 27.35
C VAL A 198 -5.15 28.40 28.65
N ALA A 199 -6.22 29.06 29.10
CA ALA A 199 -6.93 28.69 30.32
C ALA A 199 -8.35 28.29 29.95
N SER A 200 -8.73 27.07 30.32
CA SER A 200 -10.03 26.53 29.96
C SER A 200 -10.74 25.97 31.18
N PHE A 201 -12.07 26.04 31.11
CA PHE A 201 -12.98 25.72 32.19
C PHE A 201 -14.17 24.98 31.60
N LEU A 202 -14.71 24.03 32.35
CA LEU A 202 -15.83 23.23 31.88
C LEU A 202 -16.66 22.78 33.07
N GLN A 203 -17.96 23.04 33.03
CA GLN A 203 -18.88 22.87 34.14
C GLN A 203 -20.11 22.12 33.67
N SER A 204 -20.59 21.21 34.51
CA SER A 204 -21.81 20.45 34.24
C SER A 204 -23.00 21.18 34.86
N VAL A 205 -23.79 21.83 34.02
CA VAL A 205 -25.01 22.48 34.50
C VAL A 205 -26.06 21.44 34.89
N THR A 206 -25.98 20.26 34.30
CA THR A 206 -26.88 19.15 34.59
C THR A 206 -26.13 17.87 34.21
N PRO A 207 -26.49 16.71 34.78
CA PRO A 207 -25.63 15.53 34.65
C PRO A 207 -25.35 15.09 33.22
N GLN A 208 -26.05 15.64 32.22
CA GLN A 208 -25.79 15.36 30.82
C GLN A 208 -24.99 16.45 30.13
N LEU A 209 -25.30 17.72 30.40
CA LEU A 209 -24.60 18.81 29.72
C LEU A 209 -23.26 19.12 30.35
N ALA A 210 -22.44 19.83 29.59
CA ALA A 210 -21.19 20.39 30.07
C ALA A 210 -20.89 21.60 29.20
N LEU A 211 -21.06 22.79 29.76
CA LEU A 211 -20.77 24.04 29.09
C LEU A 211 -19.45 24.60 29.60
N GLY A 212 -18.71 25.24 28.72
CA GLY A 212 -17.44 25.79 29.14
C GLY A 212 -16.83 26.70 28.12
N LEU A 213 -15.58 27.08 28.37
CA LEU A 213 -14.87 27.98 27.49
C LEU A 213 -13.37 27.77 27.62
N GLU A 214 -12.64 28.30 26.65
CA GLU A 214 -11.19 28.37 26.70
C GLU A 214 -10.74 29.72 26.17
N THR A 215 -9.87 30.37 26.93
CA THR A 215 -9.35 31.69 26.63
C THR A 215 -7.87 31.57 26.28
N LEU A 216 -7.50 32.05 25.10
CA LEU A 216 -6.12 32.06 24.63
C LEU A 216 -5.64 33.49 24.58
N TYR A 217 -4.55 33.79 25.29
CA TYR A 217 -3.88 35.08 25.22
C TYR A 217 -2.46 34.87 24.75
N SER A 218 -2.10 35.53 23.64
CA SER A 218 -0.80 35.34 23.01
C SER A 218 -0.14 36.69 22.77
N ARG A 219 1.08 36.84 23.28
CA ARG A 219 1.89 38.03 23.09
C ARG A 219 3.26 37.59 22.61
N THR A 220 3.61 37.93 21.37
CA THR A 220 4.81 37.39 20.76
C THR A 220 6.07 38.05 21.30
N ASP A 221 6.16 39.38 21.17
CA ASP A 221 7.41 40.11 21.37
C ASP A 221 7.34 41.17 22.46
N GLY A 222 6.22 41.88 22.57
CA GLY A 222 6.08 43.02 23.46
C GLY A 222 5.95 44.35 22.74
N SER A 223 6.46 44.43 21.51
CA SER A 223 6.28 45.64 20.71
C SER A 223 4.81 45.86 20.38
N ALA A 224 4.13 44.79 19.93
CA ALA A 224 2.69 44.81 19.70
C ALA A 224 1.99 44.18 20.89
N PRO A 225 0.98 44.80 21.51
CA PRO A 225 0.27 44.12 22.59
C PRO A 225 -0.42 42.85 22.10
N GLY A 226 -0.32 41.81 22.92
CA GLY A 226 -0.84 40.52 22.52
C GLY A 226 -2.35 40.51 22.40
N ASP A 227 -2.84 39.52 21.67
CA ASP A 227 -4.24 39.38 21.34
C ASP A 227 -4.88 38.25 22.14
N ALA A 228 -6.18 38.37 22.35
CA ALA A 228 -6.97 37.42 23.12
C ALA A 228 -8.08 36.87 22.26
N GLY A 229 -8.26 35.55 22.32
CA GLY A 229 -9.31 34.86 21.60
C GLY A 229 -10.04 33.89 22.52
N VAL A 230 -11.37 34.02 22.57
CA VAL A 230 -12.22 33.22 23.44
C VAL A 230 -12.96 32.21 22.58
N SER A 231 -13.15 31.02 23.13
CA SER A 231 -13.88 29.96 22.47
C SER A 231 -14.83 29.32 23.46
N TYR A 232 -16.01 28.94 22.98
CA TYR A 232 -17.04 28.36 23.80
C TYR A 232 -17.21 26.88 23.45
N LEU A 233 -17.74 26.12 24.42
CA LEU A 233 -17.68 24.67 24.39
C LEU A 233 -18.96 24.09 24.95
N THR A 234 -19.44 23.02 24.33
CA THR A 234 -20.68 22.36 24.73
C THR A 234 -20.52 20.87 24.52
N ARG A 235 -20.95 20.09 25.50
CA ARG A 235 -21.04 18.64 25.38
C ARG A 235 -22.38 18.21 25.97
N TYR A 236 -22.98 17.19 25.35
CA TYR A 236 -24.20 16.60 25.86
C TYR A 236 -24.10 15.09 25.72
N VAL A 237 -24.09 14.40 26.86
CA VAL A 237 -24.04 12.94 26.91
C VAL A 237 -25.45 12.43 27.15
N SER A 238 -25.82 11.36 26.46
CA SER A 238 -27.15 10.83 26.58
C SER A 238 -27.38 10.26 27.98
N LYS A 239 -28.63 9.90 28.24
CA LYS A 239 -28.99 9.32 29.53
C LYS A 239 -28.37 7.95 29.71
N LYS A 240 -28.43 7.12 28.67
CA LYS A 240 -27.89 5.77 28.69
C LYS A 240 -26.50 5.68 28.09
N GLN A 241 -25.81 6.81 27.95
CA GLN A 241 -24.47 6.89 27.36
C GLN A 241 -24.43 6.36 25.93
N ASP A 242 -25.57 6.31 25.25
CA ASP A 242 -25.62 5.80 23.89
C ASP A 242 -24.89 6.74 22.94
N TRP A 243 -25.31 8.00 22.92
CA TRP A 243 -24.81 8.98 21.97
C TRP A 243 -24.35 10.23 22.69
N ILE A 244 -23.42 10.94 22.02
CA ILE A 244 -22.81 12.14 22.55
C ILE A 244 -22.83 13.20 21.46
N PHE A 245 -23.04 14.46 21.87
CA PHE A 245 -22.93 15.62 21.01
C PHE A 245 -21.87 16.55 21.58
N SER A 246 -21.15 17.23 20.70
CA SER A 246 -20.00 18.04 21.09
C SER A 246 -19.81 19.18 20.11
N GLY A 247 -19.97 20.41 20.58
CA GLY A 247 -19.88 21.58 19.73
C GLY A 247 -19.00 22.67 20.31
N GLN A 248 -18.07 23.18 19.50
CA GLN A 248 -17.14 24.21 19.93
C GLN A 248 -17.09 25.32 18.88
N LEU A 249 -17.39 26.54 19.31
CA LEU A 249 -17.32 27.73 18.47
C LEU A 249 -16.01 28.45 18.81
N GLN A 250 -14.99 28.23 17.98
CA GLN A 250 -13.66 28.71 18.29
C GLN A 250 -13.59 30.24 18.22
N ALA A 251 -12.40 30.77 18.54
CA ALA A 251 -12.18 32.20 18.56
C ALA A 251 -11.92 32.77 17.18
N ASN A 252 -11.50 31.94 16.22
CA ASN A 252 -11.23 32.36 14.86
C ASN A 252 -12.49 32.41 14.00
N GLY A 253 -13.67 32.43 14.60
CA GLY A 253 -14.91 32.30 13.87
C GLY A 253 -15.29 30.88 13.52
N ALA A 254 -14.38 29.93 13.69
CA ALA A 254 -14.62 28.55 13.28
C ALA A 254 -15.65 27.87 14.19
N LEU A 255 -16.28 26.85 13.64
CA LEU A 255 -17.25 26.02 14.35
C LEU A 255 -16.92 24.57 14.06
N ILE A 256 -16.94 23.74 15.10
CA ILE A 256 -16.73 22.30 14.97
C ILE A 256 -17.84 21.63 15.76
N ALA A 257 -18.72 20.91 15.08
CA ALA A 257 -19.81 20.18 15.71
C ALA A 257 -19.73 18.71 15.34
N SER A 258 -19.85 17.84 16.33
CA SER A 258 -19.64 16.41 16.15
C SER A 258 -20.66 15.63 16.96
N LEU A 259 -20.96 14.43 16.46
CA LEU A 259 -21.85 13.50 17.11
C LEU A 259 -21.22 12.12 17.07
N TRP A 260 -21.41 11.37 18.16
CA TRP A 260 -20.95 10.00 18.32
C TRP A 260 -22.14 9.16 18.72
N ARG A 261 -22.19 7.93 18.24
CA ARG A 261 -23.27 7.00 18.56
C ARG A 261 -22.70 5.60 18.66
N LYS A 262 -23.19 4.85 19.65
CA LYS A 262 -22.79 3.46 19.85
C LYS A 262 -23.96 2.58 19.48
N VAL A 263 -23.85 1.92 18.32
CA VAL A 263 -24.91 1.04 17.85
C VAL A 263 -24.91 -0.26 18.64
N ALA A 264 -23.73 -0.81 18.92
CA ALA A 264 -23.59 -2.00 19.73
C ALA A 264 -22.20 -2.00 20.33
N GLN A 265 -21.89 -3.06 21.06
CA GLN A 265 -20.63 -3.10 21.81
C GLN A 265 -19.42 -3.15 20.89
N ASN A 266 -19.56 -3.73 19.70
CA ASN A 266 -18.46 -3.91 18.77
C ASN A 266 -18.41 -2.85 17.68
N VAL A 267 -19.35 -1.91 17.66
CA VAL A 267 -19.52 -1.00 16.53
C VAL A 267 -19.84 0.39 17.05
N GLU A 268 -19.40 1.39 16.30
CA GLU A 268 -19.55 2.79 16.67
C GLU A 268 -19.62 3.61 15.40
N ALA A 269 -20.22 4.79 15.51
CA ALA A 269 -20.35 5.69 14.38
C ALA A 269 -20.18 7.12 14.85
N GLY A 270 -19.82 7.98 13.92
CA GLY A 270 -19.66 9.37 14.26
C GLY A 270 -19.52 10.29 13.07
N ILE A 271 -20.10 11.48 13.20
CA ILE A 271 -20.02 12.52 12.18
C ILE A 271 -19.42 13.77 12.79
N GLU A 272 -18.70 14.52 11.96
CA GLU A 272 -18.05 15.75 12.36
C GLU A 272 -18.20 16.76 11.24
N THR A 273 -18.26 18.03 11.63
CA THR A 273 -18.48 19.14 10.70
C THR A 273 -17.63 20.31 11.17
N THR A 274 -16.63 20.65 10.38
CA THR A 274 -15.75 21.77 10.64
C THR A 274 -16.01 22.87 9.62
N LEU A 275 -15.93 24.13 10.06
CA LEU A 275 -15.93 25.22 9.11
C LEU A 275 -15.26 26.43 9.74
N GLN A 276 -14.68 27.27 8.89
CA GLN A 276 -13.97 28.47 9.32
C GLN A 276 -14.64 29.72 8.78
N PRO A 295 -16.50 37.28 2.86
CA PRO A 295 -15.47 36.55 3.59
C PRO A 295 -15.13 35.20 2.97
N THR A 296 -14.12 34.53 3.51
CA THR A 296 -13.60 33.27 2.98
C THR A 296 -13.95 32.15 3.96
N VAL A 297 -15.10 31.51 3.72
CA VAL A 297 -15.56 30.38 4.52
C VAL A 297 -15.29 29.11 3.75
N GLU A 298 -14.97 28.05 4.48
CA GLU A 298 -14.81 26.73 3.90
C GLU A 298 -14.91 25.71 5.02
N GLY A 299 -15.65 24.63 4.76
CA GLY A 299 -15.88 23.62 5.78
C GLY A 299 -15.95 22.24 5.19
N SER A 300 -15.55 21.26 6.00
CA SER A 300 -15.54 19.86 5.62
C SER A 300 -16.37 19.05 6.60
N THR A 301 -17.16 18.14 6.06
CA THR A 301 -17.97 17.20 6.82
C THR A 301 -17.42 15.79 6.59
N THR A 302 -17.36 15.01 7.67
CA THR A 302 -16.85 13.64 7.61
C THR A 302 -17.74 12.75 8.43
N ILE A 303 -18.18 11.64 7.83
CA ILE A 303 -18.96 10.62 8.52
C ILE A 303 -18.16 9.33 8.49
N GLY A 304 -18.08 8.65 9.63
CA GLY A 304 -17.24 7.49 9.74
C GLY A 304 -17.80 6.48 10.72
N ALA A 305 -17.21 5.29 10.67
CA ALA A 305 -17.64 4.18 11.50
C ALA A 305 -16.44 3.36 11.90
N LYS A 306 -16.52 2.79 13.09
CA LYS A 306 -15.50 1.91 13.65
C LYS A 306 -16.17 0.60 14.02
N TYR A 307 -15.69 -0.49 13.44
CA TYR A 307 -16.17 -1.83 13.74
C TYR A 307 -14.99 -2.60 14.31
N GLU A 308 -14.98 -2.76 15.63
CA GLU A 308 -13.88 -3.42 16.32
C GLU A 308 -14.28 -4.83 16.70
N TYR A 309 -13.35 -5.75 16.51
CA TYR A 309 -13.51 -7.15 16.89
C TYR A 309 -12.25 -7.57 17.63
N ARG A 310 -12.22 -8.83 18.05
CA ARG A 310 -11.10 -9.29 18.87
C ARG A 310 -9.84 -9.48 18.01
N GLN A 311 -10.01 -9.95 16.78
CA GLN A 311 -8.88 -10.10 15.89
C GLN A 311 -8.47 -8.80 15.21
N SER A 312 -9.39 -7.86 15.06
CA SER A 312 -9.17 -6.74 14.16
C SER A 312 -9.95 -5.52 14.59
N VAL A 313 -9.58 -4.39 14.00
CA VAL A 313 -10.25 -3.10 14.19
C VAL A 313 -10.35 -2.45 12.82
N TYR A 314 -11.58 -2.19 12.37
CA TYR A 314 -11.84 -1.57 11.07
C TYR A 314 -12.36 -0.16 11.28
N ARG A 315 -11.94 0.74 10.40
CA ARG A 315 -12.41 2.13 10.44
C ARG A 315 -12.59 2.65 9.03
N GLY A 316 -13.78 3.17 8.76
CA GLY A 316 -14.10 3.71 7.45
C GLY A 316 -14.57 5.13 7.59
N THR A 317 -14.31 5.93 6.55
CA THR A 317 -14.57 7.36 6.62
C THR A 317 -14.87 7.89 5.24
N LEU A 318 -15.84 8.82 5.19
CA LEU A 318 -16.40 9.37 3.98
C LEU A 318 -16.49 10.88 4.17
N ASP A 319 -15.80 11.62 3.33
CA ASP A 319 -15.57 13.05 3.50
C ASP A 319 -16.34 13.84 2.47
N SER A 320 -16.64 15.09 2.81
CA SER A 320 -17.31 16.01 1.90
C SER A 320 -16.39 16.54 0.81
N ASN A 321 -15.08 16.45 1.01
CA ASN A 321 -14.11 16.82 -0.01
C ASN A 321 -13.96 15.76 -1.09
N GLY A 322 -14.79 14.72 -1.09
CA GLY A 322 -14.79 13.72 -2.13
C GLY A 322 -13.81 12.59 -1.94
N LYS A 323 -13.23 12.45 -0.75
CA LYS A 323 -12.25 11.42 -0.47
C LYS A 323 -12.79 10.42 0.53
N VAL A 324 -12.46 9.15 0.31
CA VAL A 324 -12.84 8.06 1.20
C VAL A 324 -11.57 7.50 1.79
N ALA A 325 -11.70 6.89 2.97
CA ALA A 325 -10.53 6.45 3.71
C ALA A 325 -10.88 5.22 4.53
N CYS A 326 -9.86 4.39 4.73
CA CYS A 326 -9.97 3.11 5.41
C CYS A 326 -8.71 2.85 6.21
N PHE A 327 -8.89 2.24 7.39
CA PHE A 327 -7.80 1.84 8.26
C PHE A 327 -8.18 0.54 8.93
N LEU A 328 -7.42 -0.52 8.66
CA LEU A 328 -7.62 -1.83 9.26
C LEU A 328 -6.38 -2.20 10.06
N GLU A 329 -6.57 -2.53 11.32
CA GLU A 329 -5.51 -3.03 12.19
C GLU A 329 -5.86 -4.47 12.53
N ARG A 330 -5.11 -5.41 11.94
CA ARG A 330 -5.41 -6.83 12.02
C ARG A 330 -4.34 -7.51 12.87
N LYS A 331 -4.74 -7.94 14.07
CA LYS A 331 -3.87 -8.75 14.91
C LYS A 331 -3.85 -10.16 14.37
N VAL A 332 -2.65 -10.65 14.05
CA VAL A 332 -2.46 -11.92 13.37
C VAL A 332 -1.78 -12.94 14.26
N LEU A 333 -0.83 -12.49 15.06
CA LEU A 333 -0.12 -13.24 16.05
C LEU A 333 -0.48 -12.67 17.41
N PRO A 334 -0.08 -13.31 18.51
CA PRO A 334 -0.15 -12.61 19.78
C PRO A 334 0.82 -11.43 19.84
N THR A 335 1.91 -11.49 19.07
CA THR A 335 2.88 -10.40 18.99
C THR A 335 2.62 -9.48 17.82
N LEU A 336 2.70 -10.02 16.60
CA LEU A 336 2.62 -9.20 15.40
C LEU A 336 1.20 -8.72 15.16
N SER A 337 1.07 -7.51 14.65
CA SER A 337 -0.19 -7.01 14.14
C SER A 337 0.07 -6.23 12.87
N VAL A 338 -0.51 -6.68 11.77
CA VAL A 338 -0.40 -6.00 10.50
C VAL A 338 -1.41 -4.87 10.46
N LEU A 339 -1.20 -3.91 9.58
CA LEU A 339 -2.22 -2.89 9.40
C LEU A 339 -2.09 -2.25 8.03
N PHE A 340 -3.24 -1.82 7.52
CA PHE A 340 -3.40 -1.28 6.18
C PHE A 340 -4.17 0.02 6.29
N CYS A 341 -3.87 0.96 5.40
CA CYS A 341 -4.63 2.19 5.32
C CYS A 341 -4.66 2.65 3.87
N GLY A 342 -5.85 3.00 3.42
CA GLY A 342 -6.07 3.38 2.04
C GLY A 342 -6.99 4.55 1.89
N GLU A 343 -6.59 5.53 1.10
CA GLU A 343 -7.33 6.78 0.92
C GLU A 343 -7.43 7.07 -0.56
N ILE A 344 -8.67 7.18 -1.04
CA ILE A 344 -8.94 7.58 -2.42
C ILE A 344 -9.43 9.02 -2.39
N ASP A 345 -9.01 9.80 -3.38
CA ASP A 345 -9.55 11.13 -3.63
C ASP A 345 -10.08 11.13 -5.04
N HIS A 346 -11.38 11.36 -5.18
CA HIS A 346 -12.07 11.25 -6.47
C HIS A 346 -11.98 12.54 -7.27
N PHE A 347 -12.05 13.69 -6.61
CA PHE A 347 -12.08 14.96 -7.33
C PHE A 347 -10.82 15.19 -8.14
N LYS A 348 -9.67 14.68 -7.67
CA LYS A 348 -8.44 14.70 -8.43
C LYS A 348 -7.88 13.31 -8.70
N ASN A 349 -8.64 12.26 -8.38
CA ASN A 349 -8.44 10.90 -8.90
C ASN A 349 -7.02 10.39 -8.59
N ASP A 350 -6.75 10.21 -7.31
CA ASP A 350 -5.49 9.59 -6.93
C ASP A 350 -5.65 8.95 -5.56
N THR A 351 -4.54 8.47 -5.01
CA THR A 351 -4.58 7.52 -3.91
C THR A 351 -3.37 7.71 -3.01
N LYS A 352 -3.59 7.44 -1.73
CA LYS A 352 -2.52 7.24 -0.76
C LYS A 352 -2.70 5.87 -0.12
N ILE A 353 -1.66 5.05 -0.18
CA ILE A 353 -1.63 3.76 0.48
C ILE A 353 -0.53 3.81 1.51
N GLY A 354 -0.85 3.39 2.72
CA GLY A 354 0.16 3.11 3.72
C GLY A 354 -0.06 1.71 4.25
N CYS A 355 1.03 1.01 4.49
CA CYS A 355 0.99 -0.33 5.03
C CYS A 355 2.05 -0.43 6.11
N GLY A 356 1.78 -1.24 7.12
CA GLY A 356 2.78 -1.32 8.17
C GLY A 356 2.49 -2.42 9.14
N LEU A 357 3.34 -2.46 10.17
CA LEU A 357 3.25 -3.53 11.14
C LEU A 357 3.70 -3.05 12.52
N GLN A 358 3.29 -3.82 13.54
CA GLN A 358 3.70 -3.63 14.91
C GLN A 358 4.10 -4.96 15.51
N PHE A 359 5.37 -5.10 15.90
CA PHE A 359 5.81 -6.15 16.80
C PHE A 359 5.77 -5.61 18.22
N GLU A 360 5.22 -6.40 19.14
CA GLU A 360 5.46 -6.19 20.56
C GLU A 360 6.17 -7.41 21.13
N THR A 361 7.25 -7.16 21.87
CA THR A 361 8.07 -8.23 22.43
C THR A 361 8.27 -8.00 23.92
N ALA A 362 8.18 -9.07 24.69
CA ALA A 362 8.50 -8.97 26.11
C ALA A 362 10.00 -8.86 26.30
N GLY A 363 10.41 -8.10 27.31
CA GLY A 363 11.81 -7.92 27.61
C GLY A 363 12.37 -9.01 28.51
N ASN A 364 11.66 -9.31 29.59
CA ASN A 364 12.07 -10.34 30.53
C ASN A 364 11.28 -11.63 30.29
N GLN A 365 11.75 -12.71 30.91
CA GLN A 365 11.18 -14.03 30.65
C GLN A 365 9.74 -14.12 31.10
N GLU A 366 9.41 -13.50 32.23
CA GLU A 366 8.06 -13.64 32.79
C GLU A 366 7.02 -13.01 31.87
N LEU A 367 7.27 -11.79 31.40
CA LEU A 367 6.35 -11.16 30.47
C LEU A 367 6.29 -11.92 29.16
N LEU A 368 7.37 -12.60 28.78
CA LEU A 368 7.38 -13.37 27.54
C LEU A 368 6.46 -14.58 27.63
N MET A 369 6.33 -15.15 28.82
CA MET A 369 5.39 -16.25 29.01
C MET A 369 3.97 -15.74 29.25
N LEU A 370 3.83 -14.57 29.87
CA LEU A 370 2.51 -13.96 29.99
C LEU A 370 1.95 -13.60 28.63
N GLN A 371 2.82 -13.19 27.70
CA GLN A 371 2.37 -12.63 26.44
C GLN A 371 1.68 -13.68 25.58
N GLN A 372 2.30 -14.84 25.42
CA GLN A 372 1.69 -15.91 24.63
C GLN A 372 0.57 -16.60 25.40
N GLY A 373 0.83 -16.96 26.65
CA GLY A 373 -0.19 -17.57 27.50
C GLY A 373 0.33 -17.92 28.87
N SER B 86 -24.99 13.52 -28.63
CA SER B 86 -26.31 13.91 -28.16
C SER B 86 -26.39 13.83 -26.64
N PHE B 87 -27.58 14.11 -26.10
CA PHE B 87 -27.76 14.06 -24.64
C PHE B 87 -27.60 12.64 -24.11
N VAL B 88 -27.98 11.64 -24.89
CA VAL B 88 -27.88 10.26 -24.43
C VAL B 88 -26.42 9.87 -24.24
N ARG B 89 -25.53 10.39 -25.08
CA ARG B 89 -24.12 10.07 -24.95
C ARG B 89 -23.53 10.68 -23.69
N ASN B 90 -24.03 11.83 -23.26
CA ASN B 90 -23.57 12.43 -22.01
C ASN B 90 -24.06 11.62 -20.82
N ALA B 91 -25.29 11.09 -20.90
CA ALA B 91 -25.86 10.34 -19.79
C ALA B 91 -25.06 9.08 -19.52
N PHE B 92 -24.63 8.38 -20.57
CA PHE B 92 -23.82 7.18 -20.39
C PHE B 92 -22.53 7.52 -19.66
N THR B 93 -21.84 8.57 -20.10
CA THR B 93 -20.58 8.98 -19.47
C THR B 93 -20.81 9.29 -17.99
N LYS B 94 -21.80 10.12 -17.69
CA LYS B 94 -22.07 10.51 -16.31
C LYS B 94 -22.39 9.31 -15.44
N SER B 95 -23.33 8.47 -15.88
CA SER B 95 -23.74 7.32 -15.07
C SER B 95 -22.61 6.32 -14.91
N GLY B 96 -21.80 6.13 -15.95
CA GLY B 96 -20.71 5.19 -15.85
C GLY B 96 -19.63 5.66 -14.90
N ASN B 97 -19.29 6.95 -14.95
CA ASN B 97 -18.31 7.49 -14.01
C ASN B 97 -18.83 7.39 -12.58
N LEU B 98 -20.12 7.66 -12.38
CA LEU B 98 -20.69 7.55 -11.04
C LEU B 98 -20.66 6.11 -10.54
N ALA B 99 -21.01 5.17 -11.42
CA ALA B 99 -20.96 3.76 -11.05
C ALA B 99 -19.54 3.34 -10.70
N TRP B 100 -18.56 3.85 -11.44
CA TRP B 100 -17.16 3.55 -11.14
C TRP B 100 -16.80 4.03 -9.75
N THR B 101 -17.14 5.27 -9.42
CA THR B 101 -16.79 5.82 -8.11
C THR B 101 -17.47 5.03 -7.00
N LEU B 102 -18.77 4.77 -7.14
CA LEU B 102 -19.49 4.01 -6.13
C LEU B 102 -18.90 2.61 -5.96
N THR B 103 -18.53 1.98 -7.07
CA THR B 103 -18.01 0.61 -7.01
C THR B 103 -16.67 0.57 -6.30
N THR B 104 -15.72 1.42 -6.71
CA THR B 104 -14.40 1.39 -6.08
C THR B 104 -14.48 1.80 -4.61
N THR B 105 -15.37 2.76 -4.30
CA THR B 105 -15.60 3.13 -2.90
C THR B 105 -16.11 1.94 -2.10
N ALA B 106 -17.12 1.25 -2.62
CA ALA B 106 -17.69 0.11 -1.92
C ALA B 106 -16.65 -0.97 -1.72
N LEU B 107 -15.82 -1.23 -2.73
CA LEU B 107 -14.78 -2.24 -2.59
C LEU B 107 -13.82 -1.87 -1.47
N LEU B 108 -13.26 -0.67 -1.52
CA LEU B 108 -12.28 -0.26 -0.52
C LEU B 108 -12.87 -0.27 0.88
N LEU B 109 -14.14 0.14 1.01
CA LEU B 109 -14.72 0.25 2.35
C LEU B 109 -15.27 -1.07 2.87
N GLY B 110 -15.58 -2.02 2.00
CA GLY B 110 -16.29 -3.23 2.40
C GLY B 110 -15.45 -4.48 2.40
N VAL B 111 -14.49 -4.61 1.49
CA VAL B 111 -13.78 -5.87 1.36
C VAL B 111 -12.87 -6.09 2.57
N PRO B 112 -12.07 -5.10 3.01
CA PRO B 112 -11.32 -5.32 4.26
C PRO B 112 -12.22 -5.58 5.44
N LEU B 113 -13.34 -4.88 5.53
CA LEU B 113 -14.29 -5.16 6.60
C LEU B 113 -14.92 -6.52 6.45
N SER B 114 -15.24 -6.92 5.22
CA SER B 114 -15.83 -8.24 5.02
C SER B 114 -14.87 -9.32 5.47
N LEU B 115 -13.58 -9.14 5.19
CA LEU B 115 -12.60 -10.13 5.60
C LEU B 115 -12.37 -10.09 7.11
N SER B 116 -12.44 -8.92 7.72
CA SER B 116 -12.38 -8.83 9.17
C SER B 116 -13.53 -9.58 9.81
N ILE B 117 -14.75 -9.30 9.37
CA ILE B 117 -15.93 -9.97 9.90
C ILE B 117 -15.85 -11.47 9.65
N LEU B 118 -15.33 -11.87 8.50
CA LEU B 118 -15.25 -13.29 8.18
C LEU B 118 -14.25 -14.01 9.07
N ALA B 119 -13.09 -13.40 9.27
CA ALA B 119 -12.11 -13.97 10.20
C ALA B 119 -12.70 -14.11 11.59
N GLU B 120 -13.48 -13.11 12.01
CA GLU B 120 -14.09 -13.19 13.32
C GLU B 120 -15.16 -14.28 13.37
N GLN B 121 -15.93 -14.44 12.30
CA GLN B 121 -16.87 -15.56 12.22
C GLN B 121 -16.17 -16.89 12.35
N GLN B 122 -15.07 -17.05 11.61
CA GLN B 122 -14.30 -18.29 11.67
C GLN B 122 -13.78 -18.54 13.08
N LEU B 123 -13.36 -17.47 13.76
CA LEU B 123 -12.84 -17.61 15.11
C LEU B 123 -13.95 -18.02 16.09
N ILE B 124 -15.13 -17.42 15.95
CA ILE B 124 -16.28 -17.83 16.75
C ILE B 124 -16.62 -19.28 16.48
N GLU B 125 -16.53 -19.70 15.22
CA GLU B 125 -16.85 -21.09 14.87
C GLU B 125 -15.85 -22.04 15.50
N MET B 126 -14.57 -21.70 15.44
CA MET B 126 -13.54 -22.52 16.08
C MET B 126 -13.79 -22.63 17.57
N GLU B 127 -14.14 -21.52 18.22
CA GLU B 127 -14.41 -21.56 19.66
C GLU B 127 -15.62 -22.43 19.96
N LYS B 128 -16.67 -22.34 19.13
CA LYS B 128 -17.83 -23.19 19.34
C LYS B 128 -17.48 -24.66 19.20
N THR B 129 -16.68 -25.01 18.19
CA THR B 129 -16.28 -26.39 18.00
C THR B 129 -15.46 -26.90 19.19
N PHE B 130 -14.49 -26.11 19.64
CA PHE B 130 -13.71 -26.52 20.80
C PHE B 130 -14.56 -26.60 22.05
N ASP B 131 -15.64 -25.80 22.13
CA ASP B 131 -16.51 -25.86 23.29
C ASP B 131 -17.36 -27.13 23.28
N LEU B 132 -17.91 -27.49 22.12
CA LEU B 132 -18.74 -28.69 22.05
C LEU B 132 -17.92 -29.95 22.23
N GLN B 133 -16.68 -29.96 21.74
CA GLN B 133 -15.82 -31.12 21.92
C GLN B 133 -15.41 -31.28 23.38
N SER B 134 -15.18 -30.17 24.07
CA SER B 134 -14.82 -30.23 25.48
C SER B 134 -15.97 -30.78 26.32
N ASP B 135 -17.18 -30.31 26.08
CA ASP B 135 -18.35 -30.75 26.81
C ASP B 135 -18.90 -32.05 26.22
N GLU C 13 -2.25 54.39 20.10
CA GLU C 13 -3.20 53.51 19.44
C GLU C 13 -3.16 52.11 20.04
N LYS C 14 -1.95 51.67 20.42
CA LYS C 14 -1.80 50.35 21.02
C LYS C 14 -2.51 50.25 22.36
N ARG C 15 -2.67 51.38 23.06
CA ARG C 15 -3.39 51.37 24.33
C ARG C 15 -4.83 50.92 24.14
N ALA C 16 -5.45 51.31 23.02
CA ALA C 16 -6.82 50.88 22.75
C ALA C 16 -6.90 49.37 22.56
N HIS C 17 -5.93 48.79 21.86
CA HIS C 17 -5.91 47.35 21.66
C HIS C 17 -5.67 46.61 22.98
N GLN C 18 -4.76 47.13 23.80
CA GLN C 18 -4.55 46.56 25.13
C GLN C 18 -5.84 46.59 25.94
N GLU C 19 -6.55 47.73 25.90
CA GLU C 19 -7.81 47.85 26.62
C GLU C 19 -8.83 46.86 26.10
N GLN C 20 -8.88 46.66 24.78
CA GLN C 20 -9.86 45.75 24.20
C GLN C 20 -9.59 44.31 24.61
N THR C 21 -8.34 43.88 24.55
CA THR C 21 -8.01 42.51 24.94
C THR C 21 -8.22 42.31 26.43
N GLU C 22 -7.90 43.32 27.23
CA GLU C 22 -8.16 43.26 28.66
C GLU C 22 -9.65 43.10 28.92
N LYS C 23 -10.48 43.83 28.17
CA LYS C 23 -11.92 43.72 28.31
C LYS C 23 -12.39 42.32 27.95
N THR C 24 -11.82 41.75 26.88
CA THR C 24 -12.17 40.38 26.49
C THR C 24 -11.86 39.40 27.61
N LEU C 25 -10.70 39.54 28.25
CA LEU C 25 -10.32 38.60 29.30
C LEU C 25 -11.21 38.75 30.53
N LYS C 26 -11.51 40.00 30.92
CA LYS C 26 -12.44 40.23 32.01
C LYS C 26 -13.81 39.63 31.72
N GLN C 27 -14.26 39.77 30.48
CA GLN C 27 -15.54 39.18 30.07
C GLN C 27 -15.52 37.67 30.21
N ALA C 28 -14.43 37.04 29.77
CA ALA C 28 -14.32 35.59 29.90
C ALA C 28 -14.38 35.15 31.36
N ALA C 29 -13.69 35.88 32.24
CA ALA C 29 -13.75 35.57 33.66
C ALA C 29 -15.17 35.68 34.19
N TYR C 30 -15.89 36.73 33.79
CA TYR C 30 -17.27 36.88 34.23
C TYR C 30 -18.14 35.72 33.74
N VAL C 31 -17.91 35.27 32.51
CA VAL C 31 -18.67 34.14 31.98
C VAL C 31 -18.38 32.88 32.78
N ALA C 32 -17.13 32.67 33.16
CA ALA C 32 -16.79 31.49 33.96
C ALA C 32 -17.48 31.54 35.32
N ALA C 33 -17.52 32.72 35.93
CA ALA C 33 -18.24 32.84 37.21
C ALA C 33 -19.72 32.54 37.02
N PHE C 34 -20.31 33.04 35.93
CA PHE C 34 -21.70 32.75 35.66
C PHE C 34 -21.93 31.26 35.49
N LEU C 35 -21.02 30.57 34.81
CA LEU C 35 -21.16 29.13 34.64
C LEU C 35 -21.08 28.41 35.98
N TRP C 36 -20.20 28.88 36.88
CA TRP C 36 -20.13 28.25 38.19
C TRP C 36 -21.43 28.47 38.96
N VAL C 37 -22.03 29.64 38.81
CA VAL C 37 -23.33 29.92 39.44
C VAL C 37 -24.43 29.09 38.79
N SER C 38 -24.23 28.69 37.53
CA SER C 38 -25.34 28.23 36.70
C SER C 38 -26.07 26.98 37.18
N PRO C 39 -25.44 25.96 37.78
CA PRO C 39 -26.24 24.78 38.20
C PRO C 39 -27.30 25.12 39.21
N MET C 40 -26.98 25.95 40.20
CA MET C 40 -27.96 26.36 41.19
C MET C 40 -29.12 27.09 40.54
N ILE C 41 -28.82 28.02 39.64
CA ILE C 41 -29.87 28.79 38.98
C ILE C 41 -30.72 27.88 38.12
N TRP C 42 -30.09 26.92 37.44
CA TRP C 42 -30.84 26.00 36.61
C TRP C 42 -31.79 25.17 37.46
N HIS C 43 -31.31 24.68 38.60
CA HIS C 43 -32.15 23.85 39.46
C HIS C 43 -33.28 24.66 40.09
N LEU C 44 -32.99 25.91 40.48
CA LEU C 44 -34.03 26.79 40.99
C LEU C 44 -35.09 27.07 39.93
N VAL C 45 -34.67 27.20 38.67
CA VAL C 45 -35.64 27.34 37.59
C VAL C 45 -36.48 26.08 37.47
N LYS C 46 -35.83 24.92 37.49
CA LYS C 46 -36.58 23.66 37.48
C LYS C 46 -37.45 23.52 38.72
N LYS C 47 -36.99 24.03 39.87
CA LYS C 47 -37.79 23.98 41.08
C LYS C 47 -39.05 24.82 40.94
N GLN C 48 -38.98 25.92 40.18
CA GLN C 48 -40.13 26.81 40.06
C GLN C 48 -41.29 26.11 39.35
N TRP C 49 -41.00 25.30 38.34
CA TRP C 49 -42.03 24.55 37.64
C TRP C 49 -42.21 23.16 38.25
N PHE D 27 -28.69 31.01 -8.04
CA PHE D 27 -27.24 31.09 -8.16
C PHE D 27 -26.64 32.03 -7.12
N LYS D 28 -26.02 31.46 -6.09
CA LYS D 28 -25.35 32.23 -5.04
C LYS D 28 -23.83 32.09 -5.12
N GLU D 29 -23.31 30.86 -5.06
CA GLU D 29 -21.88 30.55 -4.98
C GLU D 29 -21.15 31.51 -4.04
N SER D 30 -21.68 31.62 -2.82
CA SER D 30 -21.19 32.53 -1.79
C SER D 30 -20.80 31.72 -0.55
N PRO D 31 -20.18 32.33 0.47
CA PRO D 31 -19.78 31.53 1.66
C PRO D 31 -20.94 30.82 2.35
N LEU D 32 -22.12 31.45 2.38
CA LEU D 32 -23.28 30.78 2.93
C LEU D 32 -23.63 29.52 2.15
N TYR D 33 -23.15 29.37 0.91
CA TYR D 33 -23.34 28.12 0.19
C TYR D 33 -22.67 26.95 0.90
N THR D 34 -21.37 27.06 1.16
CA THR D 34 -20.69 25.96 1.83
C THR D 34 -21.19 25.80 3.26
N ILE D 35 -21.58 26.90 3.91
CA ILE D 35 -22.19 26.78 5.24
C ILE D 35 -23.44 25.90 5.16
N ALA D 36 -24.33 26.20 4.22
CA ALA D 36 -25.59 25.46 4.11
C ALA D 36 -25.34 24.03 3.67
N LEU D 37 -24.36 23.81 2.79
CA LEU D 37 -24.08 22.47 2.30
C LEU D 37 -23.54 21.59 3.41
N ASN D 38 -22.59 22.10 4.20
CA ASN D 38 -22.08 21.30 5.30
C ASN D 38 -23.13 21.10 6.38
N GLY D 39 -23.99 22.09 6.62
CA GLY D 39 -25.09 21.88 7.54
C GLY D 39 -26.06 20.81 7.06
N ALA D 40 -26.31 20.77 5.75
CA ALA D 40 -27.21 19.78 5.20
C ALA D 40 -26.61 18.39 5.31
N PHE D 41 -25.33 18.25 4.96
CA PHE D 41 -24.64 16.97 5.16
C PHE D 41 -24.67 16.57 6.63
N PHE D 42 -24.54 17.53 7.54
CA PHE D 42 -24.60 17.22 8.96
C PHE D 42 -25.96 16.65 9.35
N VAL D 43 -27.04 17.35 8.99
CA VAL D 43 -28.36 16.91 9.38
C VAL D 43 -28.67 15.55 8.75
N ALA D 44 -28.25 15.36 7.49
CA ALA D 44 -28.47 14.08 6.84
C ALA D 44 -27.71 12.97 7.54
N GLY D 45 -26.45 13.22 7.92
CA GLY D 45 -25.68 12.20 8.60
C GLY D 45 -26.21 11.89 9.98
N VAL D 46 -26.68 12.91 10.70
CA VAL D 46 -27.26 12.67 12.01
C VAL D 46 -28.53 11.84 11.88
N ALA D 47 -29.37 12.14 10.90
CA ALA D 47 -30.55 11.32 10.72
C ALA D 47 -30.19 9.95 10.21
N PHE D 48 -29.14 9.81 9.42
CA PHE D 48 -28.73 8.48 9.00
C PHE D 48 -28.24 7.69 10.21
N ILE D 49 -27.41 8.32 11.03
CA ILE D 49 -26.84 7.67 12.20
C ILE D 49 -27.93 7.34 13.21
N GLN D 50 -28.74 8.33 13.55
CA GLN D 50 -29.76 8.17 14.59
C GLN D 50 -30.86 7.22 14.14
N SER D 51 -31.08 7.12 12.84
CA SER D 51 -32.17 6.31 12.31
C SER D 51 -31.88 4.80 12.40
N PRO D 52 -32.92 3.98 12.21
CA PRO D 52 -32.75 2.51 12.14
C PRO D 52 -31.78 2.00 11.08
N LEU D 53 -31.61 2.75 10.00
CA LEU D 53 -30.75 2.31 8.91
C LEU D 53 -29.32 2.04 9.39
N MET D 54 -28.83 2.88 10.30
CA MET D 54 -27.49 2.65 10.82
C MET D 54 -27.42 1.34 11.59
N ASP D 55 -28.49 0.99 12.30
CA ASP D 55 -28.49 -0.27 13.04
C ASP D 55 -28.34 -1.45 12.10
N MET D 56 -29.03 -1.39 10.95
CA MET D 56 -28.93 -2.48 9.98
C MET D 56 -27.50 -2.69 9.54
N LEU D 57 -26.74 -1.59 9.45
CA LEU D 57 -25.33 -1.72 9.10
C LEU D 57 -24.49 -2.42 10.17
N ALA D 58 -25.05 -2.72 11.34
CA ALA D 58 -24.32 -3.44 12.38
C ALA D 58 -24.55 -4.94 12.24
N PRO D 59 -23.52 -5.76 12.02
CA PRO D 59 -23.74 -7.21 12.06
C PRO D 59 -24.20 -7.66 13.43
N GLN D 60 -25.06 -8.67 13.44
CA GLN D 60 -25.69 -9.12 14.68
C GLN D 60 -24.65 -9.70 15.63
N LEU D 61 -23.79 -10.58 15.13
CA LEU D 61 -22.67 -11.12 15.89
C LEU D 61 -21.78 -10.02 16.44
N ASP E 11 21.39 42.70 32.18
CA ASP E 11 22.01 42.82 33.49
C ASP E 11 22.71 41.53 33.88
N GLU E 12 23.38 41.54 35.04
CA GLU E 12 24.06 40.34 35.52
C GLU E 12 23.07 39.22 35.79
N SER E 13 21.89 39.56 36.31
CA SER E 13 20.86 38.55 36.53
C SER E 13 20.34 38.00 35.21
N LYS E 14 20.24 38.86 34.18
CA LYS E 14 19.86 38.39 32.86
C LYS E 14 20.89 37.42 32.30
N GLU E 15 22.18 37.74 32.46
CA GLU E 15 23.22 36.84 32.00
C GLU E 15 23.18 35.53 32.77
N ARG E 16 22.91 35.58 34.07
CA ARG E 16 22.87 34.36 34.88
C ARG E 16 21.71 33.46 34.46
N ILE E 17 20.51 34.04 34.31
CA ILE E 17 19.36 33.22 33.92
C ILE E 17 19.58 32.66 32.52
N SER E 18 20.14 33.45 31.60
CA SER E 18 20.42 32.93 30.27
C SER E 18 21.43 31.79 30.32
N LYS E 19 22.44 31.90 31.19
CA LYS E 19 23.45 30.85 31.29
C LYS E 19 22.84 29.56 31.82
N ILE E 20 22.06 29.64 32.89
CA ILE E 20 21.52 28.40 33.44
C ILE E 20 20.43 27.84 32.55
N LEU E 21 19.76 28.68 31.76
CA LEU E 21 18.83 28.15 30.76
C LEU E 21 19.58 27.42 29.65
N THR E 22 20.73 27.95 29.23
CA THR E 22 21.56 27.24 28.27
C THR E 22 21.98 25.88 28.84
N LEU E 23 22.41 25.87 30.10
CA LEU E 23 22.83 24.63 30.74
C LEU E 23 21.68 23.63 30.79
N THR E 24 20.51 24.07 31.24
CA THR E 24 19.36 23.19 31.36
C THR E 24 18.91 22.67 30.00
N HIS E 25 18.95 23.53 28.99
CA HIS E 25 18.56 23.12 27.64
C HIS E 25 19.52 22.07 27.10
N ASN E 26 20.82 22.26 27.33
CA ASN E 26 21.79 21.27 26.90
C ASN E 26 21.57 19.94 27.62
N VAL E 27 21.39 20.00 28.94
CA VAL E 27 21.24 18.76 29.71
C VAL E 27 19.96 18.04 29.31
N ALA E 28 18.92 18.78 28.93
CA ALA E 28 17.68 18.15 28.51
C ALA E 28 17.78 17.58 27.10
N HIS E 29 18.53 18.25 26.22
CA HIS E 29 18.68 17.76 24.86
C HIS E 29 19.55 16.53 24.81
N TYR E 30 20.70 16.58 25.47
CA TYR E 30 21.63 15.47 25.43
C TYR E 30 21.20 14.35 26.37
N GLY E 31 20.53 14.70 27.48
CA GLY E 31 20.35 13.78 28.58
C GLY E 31 18.93 13.46 29.02
N TRP E 32 17.90 13.80 28.23
CA TRP E 32 16.56 13.42 28.66
C TRP E 32 16.30 11.91 28.47
N ILE E 33 16.56 11.37 27.29
CA ILE E 33 16.17 9.99 27.05
C ILE E 33 17.09 8.98 27.76
N PRO E 34 18.39 9.22 27.94
CA PRO E 34 19.14 8.29 28.82
C PRO E 34 18.62 8.29 30.24
N PHE E 35 18.13 9.42 30.73
CA PHE E 35 17.59 9.46 32.09
C PHE E 35 16.32 8.64 32.17
N VAL E 36 15.47 8.72 31.15
CA VAL E 36 14.28 7.85 31.12
C VAL E 36 14.71 6.39 31.17
N LEU E 37 15.71 6.03 30.37
CA LEU E 37 16.15 4.64 30.34
C LEU E 37 16.74 4.20 31.67
N TYR E 38 17.42 5.12 32.38
CA TYR E 38 17.96 4.76 33.68
C TYR E 38 16.85 4.55 34.70
N LEU E 39 15.82 5.39 34.69
CA LEU E 39 14.67 5.17 35.55
C LEU E 39 14.09 3.78 35.33
N GLY E 40 13.90 3.42 34.06
CA GLY E 40 13.44 2.09 33.73
C GLY E 40 14.34 1.01 34.29
N TRP E 41 15.62 1.05 33.91
CA TRP E 41 16.58 0.02 34.35
C TRP E 41 16.67 -0.07 35.86
N ALA E 42 16.36 1.01 36.58
CA ALA E 42 16.30 0.94 38.03
C ALA E 42 15.07 0.20 38.50
N HIS E 43 13.91 0.50 37.91
CA HIS E 43 12.64 -0.03 38.41
C HIS E 43 12.27 -1.38 37.80
N THR E 44 13.22 -2.10 37.20
CA THR E 44 13.01 -3.47 36.77
C THR E 44 13.57 -4.44 37.80
N SER E 45 12.97 -5.62 37.86
CA SER E 45 13.45 -6.68 38.74
C SER E 45 14.65 -7.40 38.15
N ASN E 46 14.76 -7.47 36.83
CA ASN E 46 15.83 -8.18 36.16
C ASN E 46 17.07 -7.30 35.96
N ARG E 47 16.88 -6.02 35.66
CA ARG E 47 17.97 -5.08 35.42
C ARG E 47 18.88 -5.59 34.30
N PRO E 48 18.40 -5.59 33.05
CA PRO E 48 19.20 -6.13 31.95
C PRO E 48 20.41 -5.27 31.63
N ASN E 49 21.25 -5.72 30.70
CA ASN E 49 22.43 -4.98 30.31
C ASN E 49 22.05 -3.90 29.30
N PHE E 50 23.05 -3.13 28.86
CA PHE E 50 22.81 -2.00 27.98
C PHE E 50 22.51 -2.46 26.55
N LEU E 51 23.09 -3.56 26.09
CA LEU E 51 22.80 -4.06 24.75
C LEU E 51 21.34 -4.49 24.65
N ASN E 52 20.90 -5.33 25.58
CA ASN E 52 19.52 -5.81 25.56
C ASN E 52 18.54 -4.67 25.78
N LEU E 53 18.95 -3.62 26.48
CA LEU E 53 18.06 -2.50 26.77
C LEU E 53 17.67 -1.75 25.50
N LEU E 54 18.52 -1.78 24.47
CA LEU E 54 18.25 -1.12 23.20
C LEU E 54 17.89 -2.06 22.07
N SER E 55 18.19 -3.35 22.20
CA SER E 55 17.94 -4.27 21.11
C SER E 55 16.45 -4.56 21.02
N PRO E 56 15.83 -4.47 19.84
CA PRO E 56 14.39 -4.74 19.74
C PRO E 56 14.01 -6.21 19.90
N LEU E 57 14.96 -7.12 20.02
CA LEU E 57 14.66 -8.54 19.93
C LEU E 57 14.13 -9.06 21.27
N PRO E 58 13.57 -10.28 21.28
CA PRO E 58 13.23 -10.92 22.57
C PRO E 58 14.39 -11.59 23.27
N SER E 59 15.63 -11.21 22.93
CA SER E 59 16.84 -11.93 23.37
C SER E 59 16.91 -12.14 24.87
N VAL E 60 16.19 -11.35 25.67
CA VAL E 60 16.11 -11.46 27.14
C VAL E 60 17.49 -11.61 27.82
N HIS F 49 19.51 -38.11 -42.83
CA HIS F 49 18.53 -37.71 -41.82
C HIS F 49 17.94 -38.95 -41.13
N SER F 50 18.81 -39.89 -40.81
CA SER F 50 18.47 -41.13 -40.13
C SER F 50 19.07 -41.19 -38.73
N HIS F 51 20.38 -41.03 -38.66
CA HIS F 51 21.01 -40.85 -37.36
C HIS F 51 20.70 -39.47 -36.76
N ARG F 52 19.90 -38.65 -37.43
CA ARG F 52 19.18 -37.58 -36.74
C ARG F 52 18.14 -38.17 -35.80
N GLN F 53 17.33 -39.09 -36.31
CA GLN F 53 16.43 -39.85 -35.45
C GLN F 53 17.19 -40.60 -34.37
N SER F 54 18.46 -40.93 -34.61
CA SER F 54 19.25 -41.57 -33.55
C SER F 54 19.45 -40.66 -32.34
N LEU F 55 19.66 -39.35 -32.54
CA LEU F 55 20.08 -38.49 -31.43
C LEU F 55 19.07 -38.42 -30.29
N GLU F 56 17.78 -38.59 -30.57
CA GLU F 56 16.72 -38.34 -29.60
C GLU F 56 16.79 -36.89 -29.12
N LEU F 57 16.65 -35.97 -30.07
CA LEU F 57 16.61 -34.56 -29.76
C LEU F 57 15.21 -34.16 -29.33
N VAL F 58 15.14 -33.14 -28.48
CA VAL F 58 13.88 -32.65 -27.95
C VAL F 58 13.71 -31.22 -28.42
N ASN F 59 12.48 -30.88 -28.75
CA ASN F 59 12.13 -29.54 -29.17
C ASN F 59 12.47 -28.51 -28.09
N PRO F 60 13.16 -27.40 -28.40
CA PRO F 60 13.30 -26.35 -27.40
C PRO F 60 12.10 -25.42 -27.38
N GLY F 61 11.99 -24.64 -26.31
CA GLY F 61 10.85 -23.73 -26.17
C GLY F 61 10.93 -22.58 -27.14
N THR F 62 9.82 -21.83 -27.26
CA THR F 62 9.82 -20.71 -28.18
C THR F 62 10.87 -19.69 -27.77
N VAL F 63 11.21 -18.81 -28.70
CA VAL F 63 12.14 -17.73 -28.38
C VAL F 63 11.54 -16.81 -27.34
N GLU F 64 10.22 -16.69 -27.30
CA GLU F 64 9.57 -15.91 -26.26
C GLU F 64 9.62 -16.61 -24.92
N ASN F 65 9.66 -17.94 -24.91
CA ASN F 65 9.73 -18.74 -23.69
C ASN F 65 11.17 -19.08 -23.31
N LEU F 66 12.11 -18.20 -23.66
CA LEU F 66 13.52 -18.45 -23.40
C LEU F 66 13.91 -18.11 -21.96
N ASN F 67 13.70 -16.84 -21.58
CA ASN F 67 13.86 -16.39 -20.20
C ASN F 67 12.56 -16.47 -19.42
N LYS F 68 11.68 -17.41 -19.76
CA LYS F 68 10.37 -17.50 -19.14
C LYS F 68 10.47 -17.72 -17.64
N GLU F 69 11.41 -18.56 -17.22
CA GLU F 69 11.47 -18.94 -15.81
C GLU F 69 11.95 -17.77 -14.95
N VAL F 70 12.99 -17.08 -15.39
CA VAL F 70 13.53 -15.98 -14.60
C VAL F 70 12.69 -14.73 -14.77
N SER F 71 12.48 -14.30 -16.02
CA SER F 71 11.88 -13.00 -16.26
C SER F 71 10.42 -12.94 -15.84
N ARG F 72 9.70 -14.06 -15.95
CA ARG F 72 8.26 -14.09 -15.71
C ARG F 72 7.89 -14.91 -14.48
N ASP F 73 8.27 -16.18 -14.41
CA ASP F 73 7.84 -17.00 -13.29
C ASP F 73 8.40 -16.48 -11.97
N VAL F 74 9.71 -16.27 -11.90
CA VAL F 74 10.35 -15.89 -10.65
C VAL F 74 10.17 -14.40 -10.38
N PHE F 75 10.68 -13.55 -11.25
CA PHE F 75 10.65 -12.12 -11.01
C PHE F 75 9.22 -11.59 -11.06
N LEU F 76 9.10 -10.31 -10.70
CA LEU F 76 7.82 -9.66 -10.48
C LEU F 76 7.65 -8.40 -11.31
N SER F 77 8.50 -8.18 -12.31
CA SER F 77 8.40 -6.97 -13.12
C SER F 77 7.08 -6.93 -13.88
N GLN F 78 6.65 -8.06 -14.42
CA GLN F 78 5.33 -8.14 -15.03
C GLN F 78 4.24 -8.00 -13.98
N TYR F 79 4.42 -8.67 -12.84
CA TYR F 79 3.39 -8.69 -11.80
C TYR F 79 3.28 -7.38 -11.05
N PHE F 80 4.38 -6.67 -10.87
CA PHE F 80 4.38 -5.50 -10.02
C PHE F 80 3.50 -4.39 -10.59
N PHE F 81 2.84 -3.67 -9.69
CA PHE F 81 2.02 -2.52 -10.05
C PHE F 81 2.12 -1.51 -8.91
N THR F 82 1.31 -0.46 -9.01
CA THR F 82 1.29 0.62 -8.04
C THR F 82 -0.16 1.01 -7.78
N GLY F 83 -0.41 1.48 -6.58
CA GLY F 83 -1.74 1.94 -6.22
C GLY F 83 -2.71 0.81 -6.02
N LEU F 84 -3.94 1.18 -5.73
CA LEU F 84 -4.99 0.20 -5.48
C LEU F 84 -5.49 -0.37 -6.80
N ARG F 85 -5.78 -1.67 -6.79
CA ARG F 85 -6.40 -2.23 -7.99
C ARG F 85 -7.30 -3.39 -7.56
N ALA F 86 -8.41 -3.56 -8.26
CA ALA F 86 -9.31 -4.69 -8.05
C ALA F 86 -9.63 -5.35 -9.37
N ASP F 87 -9.67 -6.68 -9.38
CA ASP F 87 -9.99 -7.47 -10.56
C ASP F 87 -11.16 -8.38 -10.25
N LEU F 88 -12.09 -8.46 -11.20
CA LEU F 88 -13.33 -9.22 -11.08
C LEU F 88 -13.48 -10.06 -12.33
N ASN F 89 -13.02 -11.30 -12.31
CA ASN F 89 -13.21 -12.19 -13.45
C ASN F 89 -14.31 -13.19 -13.13
N LYS F 90 -15.16 -13.46 -14.12
CA LYS F 90 -16.21 -14.44 -13.97
C LYS F 90 -16.19 -15.39 -15.15
N ALA F 91 -16.30 -16.68 -14.83
CA ALA F 91 -16.17 -17.76 -15.80
C ALA F 91 -17.55 -18.34 -16.08
N PHE F 92 -17.95 -18.31 -17.34
CA PHE F 92 -19.27 -18.78 -17.72
C PHE F 92 -19.28 -20.26 -18.08
N SER F 93 -18.17 -20.78 -18.60
CA SER F 93 -18.11 -22.18 -18.99
C SER F 93 -16.68 -22.66 -18.93
N MET F 94 -16.48 -23.99 -18.93
CA MET F 94 -15.12 -24.52 -18.88
C MET F 94 -14.69 -25.54 -19.92
N ASN F 95 -15.57 -26.26 -20.60
CA ASN F 95 -15.03 -27.16 -21.63
C ASN F 95 -14.41 -26.34 -22.75
N PRO F 96 -15.10 -25.43 -23.39
CA PRO F 96 -14.42 -24.33 -24.05
C PRO F 96 -14.32 -23.18 -23.06
N ALA F 97 -13.15 -22.73 -22.67
CA ALA F 97 -13.12 -21.70 -21.66
C ALA F 97 -13.66 -20.38 -22.19
N PHE F 98 -14.54 -19.76 -21.41
CA PHE F 98 -15.02 -18.42 -21.67
C PHE F 98 -15.17 -17.69 -20.35
N GLN F 99 -14.59 -16.48 -20.27
CA GLN F 99 -14.62 -15.71 -19.05
C GLN F 99 -14.46 -14.24 -19.38
N THR F 100 -15.13 -13.40 -18.58
CA THR F 100 -15.14 -11.97 -18.75
C THR F 100 -14.58 -11.31 -17.50
N SER F 101 -13.69 -10.34 -17.68
CA SER F 101 -12.95 -9.73 -16.59
C SER F 101 -13.11 -8.22 -16.58
N HIS F 102 -13.43 -7.68 -15.42
CA HIS F 102 -13.41 -6.26 -15.13
C HIS F 102 -12.16 -5.96 -14.32
N THR F 103 -11.59 -4.78 -14.53
CA THR F 103 -10.37 -4.37 -13.83
C THR F 103 -10.48 -2.90 -13.49
N PHE F 104 -10.45 -2.58 -12.21
CA PHE F 104 -10.52 -1.22 -11.71
C PHE F 104 -9.17 -0.86 -11.13
N SER F 105 -8.64 0.31 -11.47
CA SER F 105 -7.34 0.69 -10.95
C SER F 105 -7.30 2.16 -10.63
N ILE F 106 -6.43 2.52 -9.69
CA ILE F 106 -6.19 3.91 -9.37
C ILE F 106 -4.87 4.03 -8.62
N GLY F 107 -4.09 5.04 -8.99
CA GLY F 107 -2.80 5.31 -8.39
C GLY F 107 -1.61 4.92 -9.23
N SER F 108 -1.81 4.52 -10.49
CA SER F 108 -0.72 4.15 -11.38
C SER F 108 -0.94 4.78 -12.74
N GLN F 109 0.14 4.86 -13.51
CA GLN F 109 0.12 5.45 -14.85
C GLN F 109 -0.12 4.42 -15.93
N ALA F 110 0.34 3.18 -15.73
CA ALA F 110 0.19 2.14 -16.75
C ALA F 110 -1.25 1.66 -16.82
N LEU F 111 -1.83 1.33 -15.69
CA LEU F 111 -3.12 0.65 -15.68
C LEU F 111 -4.25 1.65 -15.89
N PRO F 112 -5.25 1.34 -16.72
CA PRO F 112 -6.40 2.23 -16.85
C PRO F 112 -7.40 2.07 -15.71
N LYS F 113 -8.33 3.01 -15.67
CA LYS F 113 -9.32 3.07 -14.60
C LYS F 113 -10.33 1.92 -14.65
N TYR F 114 -10.87 1.60 -15.83
CA TYR F 114 -11.77 0.47 -16.00
C TYR F 114 -11.37 -0.24 -17.28
N ALA F 115 -11.24 -1.56 -17.22
CA ALA F 115 -10.93 -2.35 -18.41
C ALA F 115 -11.75 -3.62 -18.42
N PHE F 116 -12.52 -3.83 -19.49
CA PHE F 116 -13.32 -5.02 -19.67
C PHE F 116 -12.70 -5.91 -20.75
N SER F 117 -12.28 -7.10 -20.36
CA SER F 117 -11.68 -8.06 -21.27
C SER F 117 -12.48 -9.35 -21.25
N ALA F 118 -12.57 -9.99 -22.41
CA ALA F 118 -13.31 -11.23 -22.56
C ALA F 118 -12.57 -12.15 -23.51
N LEU F 119 -12.40 -13.40 -23.11
CA LEU F 119 -11.69 -14.38 -23.92
C LEU F 119 -12.53 -15.63 -24.10
N PHE F 120 -12.30 -16.30 -25.23
CA PHE F 120 -12.87 -17.58 -25.56
C PHE F 120 -11.71 -18.47 -25.98
N ALA F 121 -11.71 -19.72 -25.53
CA ALA F 121 -10.63 -20.63 -25.89
C ALA F 121 -11.20 -22.03 -26.03
N ASN F 122 -11.36 -22.52 -27.26
CA ASN F 122 -11.83 -23.88 -27.46
C ASN F 122 -10.59 -24.77 -27.65
N ASP F 123 -10.73 -25.98 -28.19
CA ASP F 123 -9.58 -26.87 -28.26
C ASP F 123 -8.41 -26.29 -29.05
N ASN F 124 -8.65 -25.62 -30.19
CA ASN F 124 -7.52 -25.08 -30.96
C ASN F 124 -7.54 -23.58 -31.27
N LEU F 125 -8.58 -22.84 -30.90
CA LEU F 125 -8.66 -21.41 -31.20
C LEU F 125 -8.80 -20.60 -29.91
N PHE F 126 -8.01 -19.55 -29.76
CA PHE F 126 -8.08 -18.62 -28.63
C PHE F 126 -8.43 -17.25 -29.19
N ALA F 127 -9.42 -16.57 -28.61
CA ALA F 127 -9.70 -15.19 -28.98
C ALA F 127 -9.98 -14.33 -27.76
N GLN F 128 -9.21 -13.26 -27.58
CA GLN F 128 -9.41 -12.31 -26.50
C GLN F 128 -9.66 -10.94 -27.09
N GLY F 129 -10.66 -10.25 -26.58
CA GLY F 129 -10.96 -8.89 -26.97
C GLY F 129 -10.99 -8.07 -25.70
N ASN F 130 -10.42 -6.87 -25.75
CA ASN F 130 -10.29 -6.04 -24.57
C ASN F 130 -10.70 -4.61 -24.90
N ILE F 131 -11.52 -4.01 -24.05
CA ILE F 131 -11.96 -2.63 -24.18
C ILE F 131 -11.51 -1.88 -22.94
N ASP F 132 -10.99 -0.69 -23.12
CA ASP F 132 -10.42 0.09 -22.04
C ASP F 132 -11.10 1.46 -22.00
N ASN F 133 -11.10 2.13 -20.86
CA ASN F 133 -11.60 3.50 -20.88
C ASN F 133 -10.70 4.32 -21.77
N ASP F 134 -11.28 5.37 -22.36
CA ASP F 134 -10.82 6.08 -23.56
C ASP F 134 -10.78 5.14 -24.77
N LEU F 135 -11.53 4.04 -24.72
CA LEU F 135 -11.83 3.20 -25.87
C LEU F 135 -10.63 2.73 -26.67
N SER F 136 -9.61 2.24 -25.97
CA SER F 136 -8.47 1.62 -26.65
C SER F 136 -8.77 0.13 -26.70
N VAL F 137 -9.07 -0.39 -27.89
CA VAL F 137 -9.46 -1.80 -28.03
C VAL F 137 -8.27 -2.63 -28.45
N SER F 138 -7.98 -3.69 -27.70
CA SER F 138 -6.93 -4.64 -28.06
C SER F 138 -7.50 -6.03 -28.23
N GLY F 139 -7.23 -6.66 -29.36
CA GLY F 139 -7.70 -7.99 -29.62
C GLY F 139 -6.64 -8.93 -30.14
N ARG F 140 -6.51 -10.10 -29.54
CA ARG F 140 -5.58 -11.12 -30.00
C ARG F 140 -6.35 -12.38 -30.36
N LEU F 141 -5.82 -13.12 -31.32
CA LEU F 141 -6.47 -14.30 -31.87
C LEU F 141 -5.40 -15.31 -32.25
N ASN F 142 -5.35 -16.44 -31.56
CA ASN F 142 -4.51 -17.56 -31.91
C ASN F 142 -5.38 -18.63 -32.56
N TYR F 143 -4.90 -19.23 -33.63
CA TYR F 143 -5.55 -20.39 -34.24
C TYR F 143 -4.51 -21.47 -34.49
N GLY F 144 -4.73 -22.63 -33.90
CA GLY F 144 -3.84 -23.75 -34.08
C GLY F 144 -4.25 -24.66 -35.22
N TRP F 145 -3.58 -24.53 -36.36
CA TRP F 145 -3.75 -25.48 -37.44
C TRP F 145 -3.37 -26.89 -37.00
N ASP F 146 -2.50 -27.00 -36.00
CA ASP F 146 -2.07 -28.26 -35.43
C ASP F 146 -1.52 -27.95 -34.05
N LYS F 147 -1.19 -28.99 -33.30
CA LYS F 147 -0.61 -28.77 -31.97
C LYS F 147 0.71 -28.01 -32.07
N LYS F 148 1.49 -28.26 -33.13
CA LYS F 148 2.76 -27.60 -33.31
C LYS F 148 2.59 -26.21 -33.93
N ASN F 149 2.06 -26.18 -35.16
CA ASN F 149 1.90 -24.93 -35.88
C ASN F 149 0.77 -24.11 -35.31
N ILE F 150 1.01 -22.80 -35.14
CA ILE F 150 -0.04 -21.86 -34.80
C ILE F 150 0.13 -20.60 -35.62
N SER F 151 -1.00 -20.00 -35.98
CA SER F 151 -1.05 -18.73 -36.69
C SER F 151 -1.85 -17.77 -35.84
N LYS F 152 -1.26 -16.61 -35.54
CA LYS F 152 -1.89 -15.69 -34.61
C LYS F 152 -1.82 -14.25 -35.12
N VAL F 153 -2.63 -13.44 -34.46
CA VAL F 153 -2.89 -12.06 -34.82
C VAL F 153 -2.99 -11.30 -33.53
N ASN F 154 -2.48 -10.09 -33.52
CA ASN F 154 -2.67 -9.20 -32.39
C ASN F 154 -3.00 -7.86 -33.00
N LEU F 155 -4.09 -7.25 -32.59
CA LEU F 155 -4.53 -5.99 -33.17
C LEU F 155 -4.77 -5.02 -32.03
N GLN F 156 -4.12 -3.86 -32.06
CA GLN F 156 -4.33 -2.88 -31.01
C GLN F 156 -4.68 -1.52 -31.61
N ILE F 157 -5.74 -0.92 -31.10
CA ILE F 157 -6.21 0.38 -31.55
C ILE F 157 -6.16 1.34 -30.38
N SER F 158 -5.55 2.51 -30.58
CA SER F 158 -5.38 3.47 -29.48
C SER F 158 -6.21 4.76 -29.57
N ASP F 159 -7.07 4.91 -30.57
CA ASP F 159 -7.97 6.07 -30.71
C ASP F 159 -7.24 7.42 -30.59
N GLY F 160 -6.22 7.61 -31.43
CA GLY F 160 -5.42 8.82 -31.43
C GLY F 160 -3.95 8.60 -31.76
N GLN F 161 -3.54 7.34 -31.83
CA GLN F 161 -2.19 6.93 -32.18
C GLN F 161 -2.30 5.97 -33.35
N PRO F 162 -1.21 5.73 -34.09
CA PRO F 162 -1.31 4.80 -35.22
C PRO F 162 -1.61 3.39 -34.75
N THR F 163 -2.58 2.75 -35.41
CA THR F 163 -2.97 1.38 -35.11
C THR F 163 -1.80 0.47 -35.34
N MET F 164 -1.57 -0.48 -34.43
CA MET F 164 -0.49 -1.43 -34.62
C MET F 164 -1.03 -2.84 -34.49
N CYS F 165 -0.84 -3.65 -35.54
CA CYS F 165 -1.28 -5.03 -35.54
C CYS F 165 -0.14 -5.92 -36.02
N GLN F 166 0.05 -7.08 -35.41
CA GLN F 166 1.13 -7.96 -35.84
C GLN F 166 0.63 -9.35 -36.15
N LEU F 167 1.04 -9.86 -37.31
CA LEU F 167 0.72 -11.20 -37.76
C LEU F 167 1.91 -12.09 -37.45
N GLU F 168 1.70 -13.14 -36.67
CA GLU F 168 2.77 -14.06 -36.31
C GLU F 168 2.42 -15.48 -36.70
N GLN F 169 3.45 -16.23 -37.02
CA GLN F 169 3.34 -17.64 -37.40
C GLN F 169 4.44 -18.36 -36.66
N ASP F 170 4.08 -19.27 -35.77
CA ASP F 170 5.02 -19.99 -34.94
C ASP F 170 4.91 -21.47 -35.24
N TYR F 171 5.99 -22.07 -35.73
CA TYR F 171 5.99 -23.49 -36.03
C TYR F 171 7.11 -24.19 -35.28
N GLN F 172 6.76 -25.22 -34.51
CA GLN F 172 7.75 -25.93 -33.71
C GLN F 172 7.86 -27.38 -34.16
N ALA F 173 9.03 -27.78 -34.65
CA ALA F 173 9.22 -29.15 -35.11
C ALA F 173 9.75 -30.03 -33.98
N SER F 174 10.15 -31.25 -34.35
CA SER F 174 10.65 -32.23 -33.41
C SER F 174 11.90 -31.72 -32.71
N ASP F 175 12.77 -31.01 -33.44
CA ASP F 175 14.07 -30.60 -32.93
C ASP F 175 14.40 -29.15 -33.23
N PHE F 176 13.42 -28.33 -33.57
CA PHE F 176 13.68 -26.90 -33.70
C PHE F 176 12.37 -26.12 -33.62
N SER F 177 12.53 -24.81 -33.54
CA SER F 177 11.42 -23.89 -33.40
C SER F 177 11.66 -22.66 -34.26
N VAL F 178 10.61 -22.23 -34.95
CA VAL F 178 10.64 -21.09 -35.85
C VAL F 178 9.50 -20.16 -35.45
N ASN F 179 9.74 -18.86 -35.58
CA ASN F 179 8.62 -17.94 -35.65
C ASN F 179 8.93 -16.80 -36.60
N VAL F 180 7.87 -16.22 -37.15
CA VAL F 180 7.95 -15.10 -38.07
C VAL F 180 6.81 -14.17 -37.68
N LYS F 181 7.13 -13.00 -37.12
CA LYS F 181 6.14 -12.01 -36.75
C LYS F 181 6.40 -10.71 -37.47
N THR F 182 5.36 -10.19 -38.11
CA THR F 182 5.43 -9.00 -38.94
C THR F 182 4.50 -7.96 -38.34
N LEU F 183 5.05 -6.80 -38.00
CA LEU F 183 4.32 -5.70 -37.39
C LEU F 183 4.12 -4.60 -38.42
N ASN F 184 2.86 -4.23 -38.61
CA ASN F 184 2.45 -3.20 -39.57
C ASN F 184 3.07 -3.39 -40.96
N PRO F 185 2.76 -4.49 -41.62
CA PRO F 185 3.24 -4.66 -43.00
C PRO F 185 2.54 -3.73 -43.96
N SER F 186 3.27 -3.32 -44.98
CA SER F 186 2.73 -2.51 -46.06
C SER F 186 3.74 -2.49 -47.19
N PHE F 187 3.24 -2.38 -48.41
CA PHE F 187 4.05 -2.37 -49.61
C PHE F 187 3.99 -0.99 -50.24
N SER F 188 5.17 -0.42 -50.52
CA SER F 188 5.24 0.83 -51.23
C SER F 188 4.79 0.65 -52.67
N GLU F 189 4.74 1.75 -53.41
CA GLU F 189 4.30 1.69 -54.81
C GLU F 189 5.25 0.86 -55.67
N LYS F 190 6.53 0.80 -55.27
CA LYS F 190 7.52 0.05 -56.04
C LYS F 190 7.47 -1.45 -55.76
N GLY F 191 6.68 -1.90 -54.80
CA GLY F 191 6.64 -3.30 -54.41
C GLY F 191 7.60 -3.66 -53.30
N GLU F 192 8.14 -2.68 -52.58
CA GLU F 192 9.11 -2.91 -51.52
C GLU F 192 8.42 -2.97 -50.16
N PHE F 193 8.96 -3.80 -49.28
CA PHE F 193 8.38 -3.99 -47.96
C PHE F 193 8.50 -2.73 -47.13
N THR F 194 7.53 -2.54 -46.24
CA THR F 194 7.52 -1.38 -45.33
C THR F 194 6.83 -1.81 -44.05
N GLY F 195 7.62 -1.97 -42.99
CA GLY F 195 7.12 -2.45 -41.72
C GLY F 195 8.26 -3.02 -40.90
N VAL F 196 7.92 -3.90 -39.97
CA VAL F 196 8.91 -4.61 -39.17
C VAL F 196 8.69 -6.10 -39.37
N ALA F 197 9.77 -6.86 -39.46
CA ALA F 197 9.71 -8.31 -39.60
C ALA F 197 10.76 -8.94 -38.72
N VAL F 198 10.34 -9.92 -37.92
CA VAL F 198 11.21 -10.59 -36.96
C VAL F 198 11.08 -12.08 -37.22
N ALA F 199 12.18 -12.69 -37.69
CA ALA F 199 12.23 -14.12 -37.97
C ALA F 199 13.27 -14.75 -37.06
N SER F 200 12.85 -15.73 -36.26
CA SER F 200 13.73 -16.36 -35.30
C SER F 200 13.68 -17.87 -35.43
N PHE F 201 14.81 -18.48 -35.08
CA PHE F 201 15.09 -19.90 -35.25
C PHE F 201 15.84 -20.38 -34.01
N LEU F 202 15.58 -21.62 -33.62
CA LEU F 202 16.21 -22.18 -32.43
C LEU F 202 16.32 -23.69 -32.60
N GLN F 203 17.52 -24.22 -32.41
CA GLN F 203 17.88 -25.60 -32.71
C GLN F 203 18.62 -26.20 -31.53
N SER F 204 18.31 -27.45 -31.23
CA SER F 204 18.98 -28.20 -30.17
C SER F 204 20.15 -28.97 -30.76
N VAL F 205 21.37 -28.48 -30.52
CA VAL F 205 22.56 -29.19 -30.96
C VAL F 205 22.76 -30.46 -30.15
N THR F 206 22.26 -30.48 -28.92
CA THR F 206 22.33 -31.63 -28.03
C THR F 206 21.16 -31.50 -27.06
N PRO F 207 20.70 -32.60 -26.44
CA PRO F 207 19.42 -32.55 -25.72
C PRO F 207 19.36 -31.52 -24.59
N GLN F 208 20.48 -30.92 -24.20
CA GLN F 208 20.51 -29.85 -23.22
C GLN F 208 20.61 -28.46 -23.83
N LEU F 209 21.44 -28.28 -24.85
CA LEU F 209 21.63 -26.96 -25.44
C LEU F 209 20.52 -26.61 -26.42
N ALA F 210 20.44 -25.32 -26.71
CA ALA F 210 19.58 -24.80 -27.75
C ALA F 210 20.20 -23.48 -28.21
N LEU F 211 20.80 -23.49 -29.39
CA LEU F 211 21.39 -22.32 -30.00
C LEU F 211 20.47 -21.77 -31.08
N GLY F 212 20.44 -20.47 -31.22
CA GLY F 212 19.57 -19.90 -32.23
C GLY F 212 19.83 -18.44 -32.46
N LEU F 213 18.95 -17.82 -33.23
CA LEU F 213 19.07 -16.41 -33.56
C LEU F 213 17.71 -15.83 -33.88
N GLU F 214 17.65 -14.50 -33.89
CA GLU F 214 16.50 -13.76 -34.37
C GLU F 214 16.98 -12.57 -35.17
N THR F 215 16.40 -12.41 -36.35
CA THR F 215 16.75 -11.36 -37.30
C THR F 215 15.57 -10.39 -37.40
N LEU F 216 15.84 -9.12 -37.14
CA LEU F 216 14.86 -8.05 -37.23
C LEU F 216 15.22 -7.15 -38.40
N TYR F 217 14.30 -6.99 -39.34
CA TYR F 217 14.44 -6.05 -40.45
C TYR F 217 13.30 -5.06 -40.39
N SER F 218 13.65 -3.77 -40.31
CA SER F 218 12.67 -2.70 -40.14
C SER F 218 12.89 -1.63 -41.19
N ARG F 219 11.85 -1.30 -41.93
CA ARG F 219 11.86 -0.24 -42.92
C ARG F 219 10.64 0.65 -42.67
N THR F 220 10.88 1.89 -42.27
CA THR F 220 9.78 2.74 -41.81
C THR F 220 8.96 3.27 -42.98
N ASP F 221 9.61 3.96 -43.92
CA ASP F 221 8.92 4.77 -44.92
C ASP F 221 9.22 4.37 -46.36
N GLY F 222 10.48 4.00 -46.65
CA GLY F 222 10.93 3.75 -48.00
C GLY F 222 11.92 4.78 -48.52
N SER F 223 11.88 5.99 -47.98
CA SER F 223 12.88 7.00 -48.34
C SER F 223 14.27 6.57 -47.90
N ALA F 224 14.39 6.12 -46.65
CA ALA F 224 15.63 5.55 -46.13
C ALA F 224 15.55 4.03 -46.20
N PRO F 225 16.52 3.31 -46.76
CA PRO F 225 16.45 1.85 -46.72
C PRO F 225 16.49 1.33 -45.29
N GLY F 226 15.65 0.33 -45.04
CA GLY F 226 15.52 -0.18 -43.69
C GLY F 226 16.76 -0.88 -43.20
N ASP F 227 16.85 -1.00 -41.88
CA ASP F 227 18.01 -1.54 -41.20
C ASP F 227 17.72 -2.95 -40.67
N ALA F 228 18.79 -3.72 -40.53
CA ALA F 228 18.72 -5.10 -40.08
C ALA F 228 19.58 -5.27 -38.84
N GLY F 229 19.02 -5.96 -37.84
CA GLY F 229 19.71 -6.26 -36.61
C GLY F 229 19.56 -7.73 -36.25
N VAL F 230 20.69 -8.40 -36.02
CA VAL F 230 20.73 -9.82 -35.72
C VAL F 230 21.04 -9.99 -34.25
N SER F 231 20.43 -11.00 -33.64
CA SER F 231 20.65 -11.33 -32.25
C SER F 231 20.82 -12.83 -32.12
N TYR F 232 21.71 -13.24 -31.22
CA TYR F 232 22.03 -14.63 -31.00
C TYR F 232 21.50 -15.08 -29.65
N LEU F 233 21.27 -16.39 -29.52
CA LEU F 233 20.48 -16.95 -28.44
C LEU F 233 21.07 -18.27 -28.01
N THR F 234 21.07 -18.51 -26.70
CA THR F 234 21.63 -19.73 -26.12
C THR F 234 20.79 -20.11 -24.92
N ARG F 235 20.46 -21.39 -24.81
CA ARG F 235 19.83 -21.96 -23.64
C ARG F 235 20.52 -23.27 -23.31
N TYR F 236 20.65 -23.55 -22.01
CA TYR F 236 21.20 -24.82 -21.55
C TYR F 236 20.38 -25.29 -20.36
N VAL F 237 19.71 -26.42 -20.54
CA VAL F 237 18.90 -27.04 -19.50
C VAL F 237 19.71 -28.17 -18.89
N SER F 238 19.64 -28.29 -17.57
CA SER F 238 20.43 -29.30 -16.88
C SER F 238 19.94 -30.70 -17.25
N LYS F 239 20.70 -31.69 -16.80
CA LYS F 239 20.33 -33.08 -17.06
C LYS F 239 19.07 -33.47 -16.31
N LYS F 240 18.98 -33.08 -15.04
CA LYS F 240 17.83 -33.39 -14.20
C LYS F 240 16.81 -32.25 -14.15
N GLN F 241 16.88 -31.31 -15.09
CA GLN F 241 15.99 -30.15 -15.15
C GLN F 241 16.08 -29.28 -13.90
N ASP F 242 17.16 -29.39 -13.14
CA ASP F 242 17.30 -28.61 -11.91
C ASP F 242 17.46 -27.14 -12.23
N TRP F 243 18.46 -26.80 -13.05
CA TRP F 243 18.82 -25.42 -13.33
C TRP F 243 18.89 -25.19 -14.83
N ILE F 244 18.69 -23.93 -15.20
CA ILE F 244 18.67 -23.50 -16.59
C ILE F 244 19.53 -22.25 -16.71
N PHE F 245 20.24 -22.14 -17.84
CA PHE F 245 20.98 -20.94 -18.21
C PHE F 245 20.44 -20.44 -19.54
N SER F 246 20.46 -19.12 -19.71
CA SER F 246 19.84 -18.48 -20.86
C SER F 246 20.53 -17.16 -21.16
N GLY F 247 21.17 -17.08 -22.32
CA GLY F 247 21.93 -15.91 -22.70
C GLY F 247 21.63 -15.43 -24.10
N GLN F 248 21.35 -14.13 -24.25
CA GLN F 248 21.02 -13.54 -25.53
C GLN F 248 21.83 -12.26 -25.73
N LEU F 249 22.59 -12.22 -26.82
CA LEU F 249 23.38 -11.07 -27.22
C LEU F 249 22.59 -10.34 -28.31
N GLN F 250 21.89 -9.28 -27.92
CA GLN F 250 20.96 -8.63 -28.83
C GLN F 250 21.72 -7.90 -29.94
N ALA F 251 20.94 -7.30 -30.86
CA ALA F 251 21.49 -6.59 -32.00
C ALA F 251 21.95 -5.19 -31.65
N ASN F 252 21.44 -4.61 -30.57
CA ASN F 252 21.80 -3.27 -30.12
C ASN F 252 23.09 -3.26 -29.29
N GLY F 253 23.90 -4.31 -29.36
CA GLY F 253 25.04 -4.47 -28.48
C GLY F 253 24.71 -5.00 -27.10
N ALA F 254 23.43 -5.06 -26.75
CA ALA F 254 23.03 -5.45 -25.40
C ALA F 254 23.25 -6.95 -25.17
N LEU F 255 23.39 -7.29 -23.91
CA LEU F 255 23.56 -8.67 -23.45
C LEU F 255 22.62 -8.90 -22.27
N ILE F 256 21.92 -10.03 -22.30
CA ILE F 256 21.04 -10.43 -21.20
C ILE F 256 21.38 -11.88 -20.88
N ALA F 257 21.91 -12.12 -19.69
CA ALA F 257 22.25 -13.47 -19.23
C ALA F 257 21.52 -13.76 -17.93
N SER F 258 20.90 -14.93 -17.86
CA SER F 258 20.04 -15.29 -16.73
C SER F 258 20.24 -16.75 -16.37
N LEU F 259 20.01 -17.04 -15.09
CA LEU F 259 20.07 -18.38 -14.54
C LEU F 259 18.85 -18.60 -13.67
N TRP F 260 18.32 -19.82 -13.72
CA TRP F 260 17.20 -20.28 -12.92
C TRP F 260 17.62 -21.56 -12.22
N ARG F 261 17.15 -21.74 -10.99
CA ARG F 261 17.47 -22.92 -10.20
C ARG F 261 16.26 -23.29 -9.37
N LYS F 262 15.99 -24.60 -9.28
CA LYS F 262 14.90 -25.13 -8.48
C LYS F 262 15.48 -25.82 -7.27
N VAL F 263 15.37 -25.19 -6.11
CA VAL F 263 15.91 -25.75 -4.89
C VAL F 263 15.02 -26.89 -4.39
N ALA F 264 13.71 -26.71 -4.47
CA ALA F 264 12.76 -27.74 -4.12
C ALA F 264 11.46 -27.48 -4.87
N GLN F 265 10.46 -28.30 -4.60
CA GLN F 265 9.22 -28.23 -5.36
C GLN F 265 8.46 -26.93 -5.10
N ASN F 266 8.59 -26.36 -3.90
CA ASN F 266 7.86 -25.18 -3.51
C ASN F 266 8.67 -23.89 -3.64
N VAL F 267 9.92 -23.97 -4.08
CA VAL F 267 10.84 -22.84 -4.01
C VAL F 267 11.68 -22.80 -5.28
N GLU F 268 12.03 -21.59 -5.70
CA GLU F 268 12.78 -21.36 -6.92
C GLU F 268 13.60 -20.10 -6.73
N ALA F 269 14.67 -20.00 -7.52
CA ALA F 269 15.56 -18.85 -7.47
C ALA F 269 16.03 -18.51 -8.87
N GLY F 270 16.44 -17.26 -9.04
CA GLY F 270 16.93 -16.85 -10.33
C GLY F 270 17.61 -15.51 -10.34
N ILE F 271 18.66 -15.40 -11.14
CA ILE F 271 19.41 -14.16 -11.31
C ILE F 271 19.41 -13.78 -12.78
N GLU F 272 19.44 -12.47 -13.03
CA GLU F 272 19.44 -11.92 -14.37
C GLU F 272 20.38 -10.74 -14.40
N THR F 273 20.99 -10.53 -15.57
CA THR F 273 21.99 -9.49 -15.77
C THR F 273 21.77 -8.90 -17.15
N THR F 274 21.35 -7.65 -17.20
CA THR F 274 21.15 -6.91 -18.43
C THR F 274 22.21 -5.84 -18.56
N LEU F 275 22.67 -5.59 -19.79
CA LEU F 275 23.50 -4.42 -20.03
C LEU F 275 23.40 -4.04 -21.49
N GLN F 276 23.60 -2.75 -21.76
CA GLN F 276 23.52 -2.20 -23.11
C GLN F 276 24.86 -1.62 -23.53
N PRO F 295 31.89 5.02 -25.06
CA PRO F 295 30.47 4.70 -25.24
C PRO F 295 29.67 4.77 -23.94
N THR F 296 28.36 4.60 -24.05
CA THR F 296 27.43 4.74 -22.93
C THR F 296 26.87 3.35 -22.59
N VAL F 297 27.53 2.68 -21.66
CA VAL F 297 27.11 1.36 -21.18
C VAL F 297 26.44 1.55 -19.82
N GLU F 298 25.43 0.71 -19.58
CA GLU F 298 24.78 0.67 -18.28
C GLU F 298 24.03 -0.64 -18.18
N GLY F 299 24.13 -1.28 -17.02
CA GLY F 299 23.53 -2.59 -16.81
C GLY F 299 23.03 -2.76 -15.41
N SER F 300 21.99 -3.57 -15.29
CA SER F 300 21.35 -3.87 -14.01
C SER F 300 21.34 -5.37 -13.78
N THR F 301 21.66 -5.76 -12.55
CA THR F 301 21.62 -7.14 -12.09
C THR F 301 20.52 -7.28 -11.06
N THR F 302 19.77 -8.38 -11.14
CA THR F 302 18.66 -8.65 -10.24
C THR F 302 18.70 -10.10 -9.82
N ILE F 303 18.65 -10.34 -8.51
CA ILE F 303 18.56 -11.69 -7.96
C ILE F 303 17.25 -11.79 -7.20
N GLY F 304 16.53 -12.89 -7.40
CA GLY F 304 15.21 -13.03 -6.84
C GLY F 304 14.89 -14.47 -6.53
N ALA F 305 13.82 -14.63 -5.77
CA ALA F 305 13.36 -15.94 -5.33
C ALA F 305 11.84 -15.96 -5.29
N LYS F 306 11.29 -17.13 -5.57
CA LYS F 306 9.86 -17.39 -5.52
C LYS F 306 9.63 -18.56 -4.59
N TYR F 307 8.83 -18.33 -3.56
CA TYR F 307 8.45 -19.37 -2.61
C TYR F 307 6.93 -19.51 -2.71
N GLU F 308 6.48 -20.55 -3.38
CA GLU F 308 5.07 -20.78 -3.62
C GLU F 308 4.56 -21.86 -2.69
N TYR F 309 3.38 -21.63 -2.14
CA TYR F 309 2.68 -22.58 -1.28
C TYR F 309 1.24 -22.66 -1.76
N ARG F 310 0.45 -23.49 -1.09
CA ARG F 310 -0.93 -23.70 -1.54
C ARG F 310 -1.80 -22.51 -1.23
N GLN F 311 -1.57 -21.87 -0.08
CA GLN F 311 -2.34 -20.68 0.27
C GLN F 311 -1.81 -19.42 -0.40
N SER F 312 -0.53 -19.38 -0.75
CA SER F 312 0.11 -18.13 -1.11
C SER F 312 1.26 -18.34 -2.07
N VAL F 313 1.71 -17.23 -2.65
CA VAL F 313 2.85 -17.18 -3.54
C VAL F 313 3.66 -15.93 -3.16
N TYR F 314 4.91 -16.13 -2.75
CA TYR F 314 5.79 -15.04 -2.35
C TYR F 314 6.88 -14.87 -3.39
N ARG F 315 7.25 -13.61 -3.65
CA ARG F 315 8.33 -13.30 -4.58
C ARG F 315 9.13 -12.13 -4.06
N GLY F 316 10.44 -12.32 -3.96
CA GLY F 316 11.33 -11.28 -3.47
C GLY F 316 12.42 -11.03 -4.50
N THR F 317 12.90 -9.79 -4.53
CA THR F 317 13.83 -9.37 -5.56
C THR F 317 14.73 -8.27 -5.03
N LEU F 318 16.00 -8.35 -5.43
CA LEU F 318 17.07 -7.51 -4.96
C LEU F 318 17.87 -7.06 -6.17
N ASP F 319 17.92 -5.76 -6.41
CA ASP F 319 18.43 -5.17 -7.64
C ASP F 319 19.75 -4.47 -7.39
N SER F 320 20.54 -4.35 -8.45
CA SER F 320 21.81 -3.63 -8.39
C SER F 320 21.63 -2.12 -8.38
N ASN F 321 20.47 -1.63 -8.79
CA ASN F 321 20.14 -0.21 -8.71
C ASN F 321 19.77 0.23 -7.30
N GLY F 322 19.91 -0.64 -6.30
CA GLY F 322 19.67 -0.28 -4.92
C GLY F 322 18.24 -0.40 -4.46
N LYS F 323 17.38 -1.05 -5.23
CA LYS F 323 15.97 -1.18 -4.90
C LYS F 323 15.62 -2.62 -4.62
N VAL F 324 14.76 -2.82 -3.63
CA VAL F 324 14.26 -4.14 -3.25
C VAL F 324 12.77 -4.16 -3.55
N ALA F 325 12.24 -5.36 -3.77
CA ALA F 325 10.86 -5.50 -4.21
C ALA F 325 10.29 -6.81 -3.69
N CYS F 326 8.98 -6.78 -3.48
CA CYS F 326 8.23 -7.87 -2.90
C CYS F 326 6.86 -7.93 -3.54
N PHE F 327 6.36 -9.16 -3.75
CA PHE F 327 5.03 -9.41 -4.28
C PHE F 327 4.49 -10.66 -3.61
N LEU F 328 3.39 -10.51 -2.87
CA LEU F 328 2.72 -11.61 -2.21
C LEU F 328 1.30 -11.72 -2.75
N GLU F 329 0.94 -12.90 -3.22
CA GLU F 329 -0.41 -13.21 -3.66
C GLU F 329 -0.96 -14.25 -2.70
N ARG F 330 -1.89 -13.82 -1.85
CA ARG F 330 -2.41 -14.62 -0.76
C ARG F 330 -3.86 -15.00 -1.06
N LYS F 331 -4.08 -16.28 -1.36
CA LYS F 331 -5.43 -16.80 -1.51
C LYS F 331 -6.03 -16.97 -0.13
N VAL F 332 -7.18 -16.32 0.11
CA VAL F 332 -7.80 -16.25 1.42
C VAL F 332 -9.12 -16.99 1.45
N LEU F 333 -9.88 -16.90 0.37
CA LEU F 333 -11.11 -17.60 0.13
C LEU F 333 -10.89 -18.55 -1.02
N PRO F 334 -11.85 -19.43 -1.32
CA PRO F 334 -11.78 -20.13 -2.60
C PRO F 334 -11.97 -19.17 -3.78
N THR F 335 -12.67 -18.06 -3.56
CA THR F 335 -12.88 -17.05 -4.59
C THR F 335 -11.87 -15.91 -4.49
N LEU F 336 -11.88 -15.19 -3.37
CA LEU F 336 -11.07 -13.99 -3.23
C LEU F 336 -9.60 -14.35 -3.06
N SER F 337 -8.73 -13.52 -3.61
CA SER F 337 -7.32 -13.58 -3.33
C SER F 337 -6.78 -12.17 -3.21
N VAL F 338 -6.24 -11.85 -2.05
CA VAL F 338 -5.64 -10.56 -1.81
C VAL F 338 -4.22 -10.58 -2.35
N LEU F 339 -3.65 -9.40 -2.59
CA LEU F 339 -2.25 -9.37 -2.96
C LEU F 339 -1.65 -8.01 -2.64
N PHE F 340 -0.36 -8.05 -2.34
CA PHE F 340 0.41 -6.90 -1.89
C PHE F 340 1.68 -6.84 -2.71
N CYS F 341 2.16 -5.62 -2.95
CA CYS F 341 3.44 -5.44 -3.62
C CYS F 341 4.09 -4.18 -3.07
N GLY F 342 5.37 -4.31 -2.73
CA GLY F 342 6.11 -3.23 -2.11
C GLY F 342 7.51 -3.11 -2.65
N GLU F 343 7.91 -1.90 -3.00
CA GLU F 343 9.20 -1.63 -3.62
C GLU F 343 9.83 -0.45 -2.91
N ILE F 344 11.02 -0.68 -2.36
CA ILE F 344 11.82 0.37 -1.75
C ILE F 344 12.96 0.70 -2.71
N ASP F 345 13.29 1.99 -2.81
CA ASP F 345 14.48 2.45 -3.50
C ASP F 345 15.30 3.23 -2.50
N HIS F 346 16.51 2.76 -2.22
CA HIS F 346 17.36 3.31 -1.19
C HIS F 346 18.18 4.51 -1.67
N PHE F 347 18.65 4.45 -2.91
CA PHE F 347 19.53 5.51 -3.41
C PHE F 347 18.84 6.86 -3.44
N LYS F 348 17.51 6.89 -3.65
CA LYS F 348 16.73 8.11 -3.54
C LYS F 348 15.63 8.01 -2.49
N ASN F 349 15.62 6.93 -1.69
CA ASN F 349 14.89 6.86 -0.42
C ASN F 349 13.40 7.15 -0.61
N ASP F 350 12.73 6.25 -1.33
CA ASP F 350 11.29 6.36 -1.44
C ASP F 350 10.72 4.99 -1.76
N THR F 351 9.42 4.95 -2.03
CA THR F 351 8.66 3.71 -1.99
C THR F 351 7.53 3.75 -3.00
N LYS F 352 7.22 2.56 -3.52
CA LYS F 352 5.99 2.31 -4.25
C LYS F 352 5.26 1.16 -3.57
N ILE F 353 4.00 1.40 -3.20
CA ILE F 353 3.13 0.38 -2.65
C ILE F 353 1.99 0.21 -3.62
N GLY F 354 1.70 -1.04 -3.95
CA GLY F 354 0.46 -1.38 -4.63
C GLY F 354 -0.22 -2.48 -3.85
N CYS F 355 -1.54 -2.39 -3.76
CA CYS F 355 -2.34 -3.37 -3.09
C CYS F 355 -3.54 -3.68 -3.96
N GLY F 356 -4.03 -4.91 -3.89
CA GLY F 356 -5.16 -5.21 -4.74
C GLY F 356 -5.76 -6.54 -4.44
N LEU F 357 -6.75 -6.88 -5.26
CA LEU F 357 -7.50 -8.11 -5.04
C LEU F 357 -7.99 -8.70 -6.35
N GLN F 358 -8.32 -10.00 -6.28
CA GLN F 358 -8.94 -10.73 -7.38
C GLN F 358 -10.11 -11.53 -6.85
N PHE F 359 -11.31 -11.21 -7.33
CA PHE F 359 -12.46 -12.10 -7.22
C PHE F 359 -12.54 -12.96 -8.47
N GLU F 360 -12.74 -14.26 -8.30
CA GLU F 360 -13.22 -15.11 -9.38
C GLU F 360 -14.57 -15.68 -9.02
N THR F 361 -15.53 -15.57 -9.94
CA THR F 361 -16.90 -16.00 -9.71
C THR F 361 -17.36 -16.92 -10.84
N ALA F 362 -18.04 -17.99 -10.49
CA ALA F 362 -18.63 -18.84 -11.51
C ALA F 362 -19.84 -18.15 -12.12
N GLY F 363 -20.06 -18.39 -13.41
CA GLY F 363 -21.18 -17.81 -14.10
C GLY F 363 -22.45 -18.64 -13.99
N ASN F 364 -22.32 -19.94 -14.23
CA ASN F 364 -23.43 -20.87 -14.15
C ASN F 364 -23.39 -21.64 -12.83
N GLN F 365 -24.51 -22.31 -12.53
CA GLN F 365 -24.66 -22.96 -11.23
C GLN F 365 -23.65 -24.09 -11.05
N GLU F 366 -23.37 -24.84 -12.11
CA GLU F 366 -22.50 -26.02 -11.98
C GLU F 366 -21.08 -25.60 -11.61
N LEU F 367 -20.53 -24.61 -12.29
CA LEU F 367 -19.20 -24.13 -11.95
C LEU F 367 -19.19 -23.50 -10.57
N LEU F 368 -20.31 -22.94 -10.13
CA LEU F 368 -20.39 -22.34 -8.80
C LEU F 368 -20.28 -23.39 -7.70
N MET F 369 -20.81 -24.58 -7.97
CA MET F 369 -20.66 -25.68 -7.02
C MET F 369 -19.31 -26.37 -7.14
N LEU F 370 -18.76 -26.41 -8.36
CA LEU F 370 -17.40 -26.93 -8.53
C LEU F 370 -16.38 -26.05 -7.81
N GLN F 371 -16.63 -24.74 -7.79
CA GLN F 371 -15.64 -23.79 -7.33
C GLN F 371 -15.38 -23.95 -5.83
N GLN F 372 -16.44 -24.00 -5.03
CA GLN F 372 -16.29 -24.18 -3.59
C GLN F 372 -15.94 -25.62 -3.24
N GLY F 373 -16.68 -26.57 -3.81
CA GLY F 373 -16.41 -27.98 -3.58
C GLY F 373 -17.38 -28.88 -4.31
N SER G 86 35.04 14.11 14.13
CA SER G 86 36.19 13.24 13.91
C SER G 86 35.80 12.03 13.07
N PHE G 87 36.76 11.13 12.85
CA PHE G 87 36.48 9.94 12.05
C PHE G 87 35.47 9.02 12.73
N VAL G 88 35.48 8.98 14.07
CA VAL G 88 34.56 8.12 14.79
C VAL G 88 33.12 8.56 14.56
N ARG G 89 32.90 9.87 14.45
CA ARG G 89 31.55 10.37 14.23
C ARG G 89 31.04 9.99 12.85
N ASN G 90 31.93 9.90 11.86
CA ASN G 90 31.53 9.45 10.53
C ASN G 90 31.18 7.97 10.54
N ALA G 91 31.92 7.17 11.31
CA ALA G 91 31.70 5.73 11.36
C ALA G 91 30.33 5.41 11.91
N PHE G 92 29.90 6.12 12.96
CA PHE G 92 28.58 5.90 13.52
C PHE G 92 27.50 6.18 12.48
N THR G 93 27.61 7.30 11.77
CA THR G 93 26.63 7.64 10.74
C THR G 93 26.57 6.56 9.67
N LYS G 94 27.72 6.17 9.14
CA LYS G 94 27.78 5.17 8.08
C LYS G 94 27.16 3.85 8.54
N SER G 95 27.62 3.34 9.68
CA SER G 95 27.14 2.04 10.16
C SER G 95 25.66 2.08 10.50
N GLY G 96 25.19 3.20 11.05
CA GLY G 96 23.79 3.30 11.40
C GLY G 96 22.90 3.34 10.17
N ASN G 97 23.30 4.10 9.16
CA ASN G 97 22.53 4.13 7.91
C ASN G 97 22.51 2.75 7.26
N LEU G 98 23.64 2.05 7.28
CA LEU G 98 23.69 0.71 6.70
C LEU G 98 22.78 -0.25 7.47
N ALA G 99 22.81 -0.17 8.80
CA ALA G 99 21.95 -1.02 9.61
C ALA G 99 20.48 -0.72 9.33
N TRP G 100 20.15 0.56 9.13
CA TRP G 100 18.78 0.93 8.79
C TRP G 100 18.36 0.28 7.49
N THR G 101 19.19 0.38 6.46
CA THR G 101 18.84 -0.18 5.16
C THR G 101 18.67 -1.70 5.25
N LEU G 102 19.63 -2.37 5.89
CA LEU G 102 19.55 -3.82 6.03
C LEU G 102 18.31 -4.22 6.81
N THR G 103 17.97 -3.47 7.86
CA THR G 103 16.83 -3.83 8.69
C THR G 103 15.53 -3.68 7.93
N THR G 104 15.31 -2.52 7.30
CA THR G 104 14.05 -2.32 6.58
C THR G 104 13.93 -3.29 5.40
N THR G 105 15.06 -3.58 4.73
CA THR G 105 15.06 -4.58 3.67
C THR G 105 14.65 -5.95 4.20
N ALA G 106 15.25 -6.37 5.31
CA ALA G 106 14.93 -7.67 5.89
C ALA G 106 13.47 -7.73 6.29
N LEU G 107 12.94 -6.66 6.87
CA LEU G 107 11.54 -6.65 7.26
C LEU G 107 10.64 -6.83 6.04
N LEU G 108 10.83 -6.00 5.02
CA LEU G 108 9.97 -6.07 3.84
C LEU G 108 10.06 -7.42 3.16
N LEU G 109 11.26 -8.00 3.12
CA LEU G 109 11.44 -9.26 2.38
C LEU G 109 11.05 -10.48 3.19
N GLY G 110 11.06 -10.39 4.52
CA GLY G 110 10.89 -11.57 5.36
C GLY G 110 9.57 -11.66 6.07
N VAL G 111 8.97 -10.54 6.46
CA VAL G 111 7.78 -10.61 7.29
C VAL G 111 6.59 -11.13 6.47
N PRO G 112 6.34 -10.63 5.25
CA PRO G 112 5.28 -11.26 4.45
C PRO G 112 5.55 -12.72 4.16
N LEU G 113 6.80 -13.07 3.89
CA LEU G 113 7.14 -14.47 3.71
C LEU G 113 6.98 -15.26 4.99
N SER G 114 7.37 -14.68 6.12
CA SER G 114 7.22 -15.39 7.38
C SER G 114 5.76 -15.68 7.65
N LEU G 115 4.88 -14.73 7.34
CA LEU G 115 3.46 -14.94 7.56
C LEU G 115 2.89 -15.94 6.56
N SER G 116 3.38 -15.93 5.33
CA SER G 116 2.99 -16.95 4.36
C SER G 116 3.36 -18.34 4.84
N ILE G 117 4.62 -18.52 5.24
CA ILE G 117 5.09 -19.81 5.74
C ILE G 117 4.31 -20.21 6.98
N LEU G 118 3.99 -19.25 7.84
CA LEU G 118 3.28 -19.57 9.07
C LEU G 118 1.86 -20.02 8.79
N ALA G 119 1.17 -19.31 7.90
CA ALA G 119 -0.17 -19.73 7.49
C ALA G 119 -0.14 -21.13 6.91
N GLU G 120 0.90 -21.43 6.12
CA GLU G 120 1.00 -22.76 5.55
C GLU G 120 1.29 -23.81 6.62
N GLN G 121 2.12 -23.47 7.61
CA GLN G 121 2.33 -24.38 8.74
C GLN G 121 1.03 -24.66 9.47
N GLN G 122 0.26 -23.61 9.74
CA GLN G 122 -1.02 -23.79 10.41
C GLN G 122 -1.95 -24.67 9.60
N LEU G 123 -1.93 -24.51 8.27
CA LEU G 123 -2.79 -25.31 7.42
C LEU G 123 -2.37 -26.78 7.43
N ILE G 124 -1.06 -27.04 7.38
CA ILE G 124 -0.55 -28.40 7.51
C ILE G 124 -0.96 -28.98 8.86
N GLU G 125 -0.91 -28.17 9.91
CA GLU G 125 -1.26 -28.66 11.25
C GLU G 125 -2.74 -29.02 11.30
N MET G 126 -3.59 -28.17 10.73
CA MET G 126 -5.01 -28.46 10.68
C MET G 126 -5.29 -29.75 9.91
N GLU G 127 -4.60 -29.94 8.79
CA GLU G 127 -4.79 -31.17 8.02
C GLU G 127 -4.34 -32.38 8.81
N LYS G 128 -3.22 -32.28 9.53
CA LYS G 128 -2.76 -33.39 10.35
C LYS G 128 -3.77 -33.72 11.44
N THR G 129 -4.33 -32.70 12.10
CA THR G 129 -5.32 -32.93 13.14
C THR G 129 -6.57 -33.61 12.57
N PHE G 130 -7.08 -33.11 11.45
CA PHE G 130 -8.24 -33.74 10.83
C PHE G 130 -7.93 -35.15 10.35
N ASP G 131 -6.66 -35.43 10.01
CA ASP G 131 -6.29 -36.77 9.59
C ASP G 131 -6.26 -37.74 10.77
N LEU G 132 -5.68 -37.31 11.89
CA LEU G 132 -5.61 -38.19 13.05
C LEU G 132 -6.98 -38.43 13.66
N GLN G 133 -7.85 -37.42 13.63
CA GLN G 133 -9.20 -37.61 14.15
C GLN G 133 -10.02 -38.55 13.27
N SER G 134 -9.81 -38.48 11.96
CA SER G 134 -10.53 -39.37 11.05
C SER G 134 -10.10 -40.82 11.25
N ASP G 135 -8.81 -41.07 11.38
CA ASP G 135 -8.29 -42.41 11.59
C ASP G 135 -8.36 -42.79 13.07
N GLU H 13 24.61 6.42 -52.57
CA GLU H 13 25.15 6.07 -51.26
C GLU H 13 24.23 5.08 -50.55
N LYS H 14 22.91 5.26 -50.74
CA LYS H 14 21.95 4.36 -50.11
C LYS H 14 22.07 2.95 -50.63
N ARG H 15 22.55 2.79 -51.87
CA ARG H 15 22.74 1.44 -52.43
C ARG H 15 23.74 0.66 -51.61
N ALA H 16 24.78 1.31 -51.10
CA ALA H 16 25.76 0.63 -50.26
C ALA H 16 25.13 0.12 -48.97
N HIS H 17 24.26 0.94 -48.36
CA HIS H 17 23.60 0.52 -47.13
C HIS H 17 22.64 -0.62 -47.40
N GLN H 18 21.90 -0.56 -48.51
CA GLN H 18 21.04 -1.68 -48.90
C GLN H 18 21.86 -2.96 -49.08
N GLU H 19 23.01 -2.85 -49.74
CA GLU H 19 23.88 -4.00 -49.94
C GLU H 19 24.36 -4.55 -48.61
N GLN H 20 24.71 -3.66 -47.68
CA GLN H 20 25.23 -4.10 -46.39
C GLN H 20 24.17 -4.85 -45.59
N THR H 21 22.96 -4.30 -45.54
CA THR H 21 21.90 -4.97 -44.79
C THR H 21 21.51 -6.28 -45.46
N GLU H 22 21.50 -6.31 -46.79
CA GLU H 22 21.25 -7.55 -47.51
C GLU H 22 22.31 -8.60 -47.17
N LYS H 23 23.57 -8.18 -47.08
CA LYS H 23 24.65 -9.09 -46.71
C LYS H 23 24.44 -9.61 -45.31
N THR H 24 24.01 -8.74 -44.39
CA THR H 24 23.73 -9.17 -43.01
C THR H 24 22.65 -10.24 -42.99
N LEU H 25 21.58 -10.06 -43.77
CA LEU H 25 20.49 -11.02 -43.74
C LEU H 25 20.92 -12.35 -44.37
N LYS H 26 21.66 -12.30 -45.47
CA LYS H 26 22.19 -13.53 -46.06
C LYS H 26 23.09 -14.26 -45.08
N GLN H 27 23.92 -13.51 -44.35
CA GLN H 27 24.77 -14.12 -43.34
C GLN H 27 23.96 -14.81 -42.25
N ALA H 28 22.90 -14.16 -41.79
CA ALA H 28 22.05 -14.78 -40.77
C ALA H 28 21.44 -16.08 -41.28
N ALA H 29 20.97 -16.08 -42.53
CA ALA H 29 20.42 -17.31 -43.10
C ALA H 29 21.47 -18.41 -43.14
N TYR H 30 22.71 -18.07 -43.53
CA TYR H 30 23.77 -19.07 -43.55
C TYR H 30 24.04 -19.61 -42.16
N VAL H 31 24.01 -18.75 -41.14
CA VAL H 31 24.23 -19.20 -39.78
C VAL H 31 23.12 -20.17 -39.35
N ALA H 32 21.88 -19.86 -39.72
CA ALA H 32 20.78 -20.75 -39.37
C ALA H 32 20.94 -22.12 -40.02
N ALA H 33 21.37 -22.15 -41.29
CA ALA H 33 21.63 -23.42 -41.95
C ALA H 33 22.74 -24.18 -41.23
N PHE H 34 23.80 -23.48 -40.83
CA PHE H 34 24.88 -24.11 -40.09
C PHE H 34 24.38 -24.71 -38.79
N LEU H 35 23.50 -23.99 -38.09
CA LEU H 35 22.94 -24.52 -36.85
C LEU H 35 22.11 -25.76 -37.10
N TRP H 36 21.36 -25.79 -38.20
CA TRP H 36 20.58 -26.99 -38.51
C TRP H 36 21.51 -28.16 -38.79
N VAL H 37 22.63 -27.90 -39.46
CA VAL H 37 23.63 -28.95 -39.71
C VAL H 37 24.31 -29.36 -38.41
N SER H 38 24.33 -28.48 -37.42
CA SER H 38 25.25 -28.62 -36.30
C SER H 38 25.08 -29.87 -35.43
N PRO H 39 23.88 -30.38 -35.16
CA PRO H 39 23.80 -31.58 -34.30
C PRO H 39 24.54 -32.78 -34.88
N MET H 40 24.38 -33.02 -36.18
CA MET H 40 25.09 -34.12 -36.83
C MET H 40 26.59 -33.96 -36.72
N ILE H 41 27.08 -32.74 -36.99
CA ILE H 41 28.52 -32.49 -36.93
C ILE H 41 29.01 -32.66 -35.51
N TRP H 42 28.23 -32.19 -34.53
CA TRP H 42 28.64 -32.34 -33.14
C TRP H 42 28.75 -33.80 -32.76
N HIS H 43 27.76 -34.61 -33.17
CA HIS H 43 27.77 -36.02 -32.83
C HIS H 43 28.89 -36.77 -33.54
N LEU H 44 29.16 -36.40 -34.79
CA LEU H 44 30.28 -37.00 -35.51
C LEU H 44 31.60 -36.65 -34.84
N VAL H 45 31.71 -35.43 -34.31
CA VAL H 45 32.90 -35.07 -33.54
C VAL H 45 33.00 -35.92 -32.29
N LYS H 46 31.89 -36.06 -31.57
CA LYS H 46 31.86 -36.95 -30.40
C LYS H 46 32.13 -38.40 -30.81
N LYS H 47 31.65 -38.80 -31.98
CA LYS H 47 31.91 -40.16 -32.45
C LYS H 47 33.39 -40.39 -32.71
N GLN H 48 34.11 -39.35 -33.12
CA GLN H 48 35.52 -39.50 -33.44
C GLN H 48 36.34 -39.85 -32.20
N TRP H 49 35.99 -39.27 -31.06
CA TRP H 49 36.69 -39.58 -29.81
C TRP H 49 35.96 -40.69 -29.06
N PHE I 27 41.50 4.20 -10.44
CA PHE I 27 40.40 5.07 -10.82
C PHE I 27 40.12 5.00 -12.32
N LYS I 28 39.04 4.32 -12.69
CA LYS I 28 38.60 4.21 -14.08
C LYS I 28 37.32 4.99 -14.34
N GLU I 29 36.25 4.70 -13.60
CA GLU I 29 34.90 5.25 -13.81
C GLU I 29 34.55 5.33 -15.30
N SER I 30 34.71 4.19 -15.97
CA SER I 30 34.50 4.06 -17.41
C SER I 30 33.43 3.00 -17.66
N PRO I 31 32.96 2.81 -18.91
CA PRO I 31 31.91 1.80 -19.15
C PRO I 31 32.29 0.38 -18.73
N LEU I 32 33.56 0.01 -18.89
CA LEU I 32 34.01 -1.27 -18.41
C LEU I 32 33.85 -1.41 -16.90
N TYR I 33 33.72 -0.30 -16.17
CA TYR I 33 33.42 -0.38 -14.74
C TYR I 33 32.09 -1.06 -14.49
N THR I 34 31.01 -0.53 -15.09
CA THR I 34 29.71 -1.14 -14.86
C THR I 34 29.65 -2.54 -15.47
N ILE I 35 30.36 -2.76 -16.58
CA ILE I 35 30.43 -4.12 -17.13
C ILE I 35 31.01 -5.07 -16.09
N ALA I 36 32.15 -4.71 -15.50
CA ALA I 36 32.81 -5.58 -14.54
C ALA I 36 31.99 -5.73 -13.27
N LEU I 37 31.32 -4.66 -12.85
CA LEU I 37 30.54 -4.72 -11.62
C LEU I 37 29.34 -5.64 -11.78
N ASN I 38 28.62 -5.52 -12.90
CA ASN I 38 27.49 -6.41 -13.11
C ASN I 38 27.94 -7.84 -13.34
N GLY I 39 29.09 -8.04 -13.99
CA GLY I 39 29.63 -9.39 -14.09
C GLY I 39 29.99 -9.98 -12.74
N ALA I 40 30.54 -9.15 -11.85
CA ALA I 40 30.90 -9.62 -10.52
C ALA I 40 29.66 -9.98 -9.72
N PHE I 41 28.64 -9.12 -9.75
CA PHE I 41 27.37 -9.45 -9.11
C PHE I 41 26.79 -10.73 -9.70
N PHE I 42 26.94 -10.94 -11.00
CA PHE I 42 26.43 -12.16 -11.62
C PHE I 42 27.14 -13.39 -11.06
N VAL I 43 28.47 -13.38 -11.07
CA VAL I 43 29.22 -14.54 -10.62
C VAL I 43 28.93 -14.80 -9.14
N ALA I 44 28.84 -13.74 -8.35
CA ALA I 44 28.53 -13.90 -6.93
C ALA I 44 27.14 -14.49 -6.74
N GLY I 45 26.15 -14.02 -7.49
CA GLY I 45 24.81 -14.55 -7.36
C GLY I 45 24.71 -15.99 -7.83
N VAL I 46 25.42 -16.35 -8.89
CA VAL I 46 25.41 -17.73 -9.35
C VAL I 46 26.04 -18.64 -8.31
N ALA I 47 27.15 -18.22 -7.72
CA ALA I 47 27.74 -19.03 -6.67
C ALA I 47 26.87 -19.04 -5.44
N PHE I 48 26.17 -17.96 -5.13
CA PHE I 48 25.25 -18.00 -4.01
C PHE I 48 24.12 -18.98 -4.28
N ILE I 49 23.55 -18.89 -5.48
CA ILE I 49 22.45 -19.74 -5.87
C ILE I 49 22.89 -21.19 -5.95
N GLN I 50 23.97 -21.44 -6.67
CA GLN I 50 24.42 -22.81 -6.90
C GLN I 50 24.94 -23.45 -5.62
N SER I 51 25.42 -22.64 -4.68
CA SER I 51 26.03 -23.16 -3.47
C SER I 51 25.00 -23.71 -2.47
N PRO I 52 25.46 -24.45 -1.46
CA PRO I 52 24.58 -24.92 -0.38
C PRO I 52 23.82 -23.85 0.39
N LEU I 53 24.36 -22.63 0.44
CA LEU I 53 23.73 -21.57 1.20
C LEU I 53 22.30 -21.30 0.72
N MET I 54 22.09 -21.37 -0.59
CA MET I 54 20.74 -21.16 -1.10
C MET I 54 19.80 -22.25 -0.61
N ASP I 55 20.29 -23.48 -0.49
CA ASP I 55 19.44 -24.56 0.00
C ASP I 55 18.97 -24.28 1.40
N MET I 56 19.87 -23.76 2.24
CA MET I 56 19.49 -23.44 3.62
C MET I 56 18.34 -22.46 3.66
N LEU I 57 18.31 -21.54 2.69
CA LEU I 57 17.19 -20.60 2.62
C LEU I 57 15.86 -21.25 2.26
N ALA I 58 15.83 -22.55 1.93
CA ALA I 58 14.59 -23.25 1.63
C ALA I 58 14.04 -23.89 2.90
N PRO I 59 12.85 -23.54 3.36
CA PRO I 59 12.26 -24.29 4.47
C PRO I 59 12.03 -25.74 4.10
N GLN I 60 12.21 -26.62 5.08
CA GLN I 60 12.15 -28.06 4.84
C GLN I 60 10.75 -28.47 4.41
N LEU I 61 9.73 -28.03 5.14
CA LEU I 61 8.34 -28.24 4.78
C LEU I 61 8.03 -27.73 3.37
N ASP J 11 -4.02 5.03 -57.23
CA ASP J 11 -4.82 4.42 -58.28
C ASP J 11 -6.16 3.95 -57.75
N GLU J 12 -7.01 3.43 -58.64
CA GLU J 12 -8.32 2.93 -58.23
C GLU J 12 -8.17 1.74 -57.29
N SER J 13 -7.18 0.88 -57.54
CA SER J 13 -6.92 -0.23 -56.64
C SER J 13 -6.43 0.25 -55.28
N LYS J 14 -5.62 1.32 -55.27
CA LYS J 14 -5.19 1.92 -54.01
C LYS J 14 -6.39 2.45 -53.23
N GLU J 15 -7.30 3.14 -53.92
CA GLU J 15 -8.50 3.64 -53.25
C GLU J 15 -9.34 2.49 -52.72
N ARG J 16 -9.46 1.41 -53.49
CA ARG J 16 -10.27 0.27 -53.05
C ARG J 16 -9.68 -0.40 -51.81
N ILE J 17 -8.37 -0.66 -51.82
CA ILE J 17 -7.75 -1.31 -50.67
C ILE J 17 -7.84 -0.39 -49.46
N SER J 18 -7.63 0.92 -49.65
CA SER J 18 -7.77 1.85 -48.52
C SER J 18 -9.20 1.85 -47.97
N LYS J 19 -10.19 1.76 -48.86
CA LYS J 19 -11.58 1.77 -48.41
C LYS J 19 -11.90 0.52 -47.60
N ILE J 20 -11.52 -0.65 -48.10
CA ILE J 20 -11.87 -1.86 -47.37
C ILE J 20 -11.03 -2.00 -46.12
N LEU J 21 -9.84 -1.40 -46.07
CA LEU J 21 -9.08 -1.36 -44.82
C LEU J 21 -9.77 -0.45 -43.81
N THR J 22 -10.31 0.68 -44.26
CA THR J 22 -11.10 1.53 -43.37
C THR J 22 -12.30 0.75 -42.82
N LEU J 23 -12.99 0.03 -43.69
CA LEU J 23 -14.14 -0.76 -43.27
C LEU J 23 -13.75 -1.81 -42.24
N THR J 24 -12.69 -2.56 -42.53
CA THR J 24 -12.24 -3.62 -41.63
C THR J 24 -11.78 -3.05 -40.30
N HIS J 25 -11.09 -1.92 -40.33
CA HIS J 25 -10.62 -1.29 -39.10
C HIS J 25 -11.80 -0.83 -38.25
N ASN J 26 -12.81 -0.24 -38.88
CA ASN J 26 -14.00 0.16 -38.14
C ASN J 26 -14.70 -1.06 -37.53
N VAL J 27 -14.89 -2.11 -38.33
CA VAL J 27 -15.61 -3.28 -37.84
C VAL J 27 -14.84 -3.94 -36.70
N ALA J 28 -13.51 -3.89 -36.74
CA ALA J 28 -12.71 -4.49 -35.68
C ALA J 28 -12.70 -3.62 -34.43
N HIS J 29 -12.73 -2.29 -34.59
CA HIS J 29 -12.73 -1.40 -33.44
C HIS J 29 -14.07 -1.44 -32.73
N TYR J 30 -15.15 -1.31 -33.48
CA TYR J 30 -16.47 -1.27 -32.89
C TYR J 30 -16.96 -2.66 -32.51
N GLY J 31 -16.52 -3.69 -33.25
CA GLY J 31 -17.16 -4.99 -33.20
C GLY J 31 -16.29 -6.19 -32.83
N TRP J 32 -15.07 -5.99 -32.34
CA TRP J 32 -14.29 -7.16 -31.94
C TRP J 32 -14.81 -7.79 -30.63
N ILE J 33 -14.98 -7.00 -29.59
CA ILE J 33 -15.31 -7.60 -28.30
C ILE J 33 -16.77 -8.08 -28.23
N PRO J 34 -17.76 -7.44 -28.87
CA PRO J 34 -19.07 -8.10 -28.92
C PRO J 34 -19.05 -9.43 -29.64
N PHE J 35 -18.19 -9.57 -30.65
CA PHE J 35 -18.10 -10.85 -31.35
C PHE J 35 -17.52 -11.92 -30.45
N VAL J 36 -16.51 -11.56 -29.66
CA VAL J 36 -15.99 -12.51 -28.68
C VAL J 36 -17.10 -12.94 -27.72
N LEU J 37 -17.88 -11.98 -27.24
CA LEU J 37 -18.95 -12.32 -26.31
C LEU J 37 -20.02 -13.18 -26.95
N TYR J 38 -20.29 -12.98 -28.25
CA TYR J 38 -21.27 -13.82 -28.92
C TYR J 38 -20.75 -15.24 -29.08
N LEU J 39 -19.47 -15.41 -29.42
CA LEU J 39 -18.89 -16.74 -29.48
C LEU J 39 -19.08 -17.46 -28.15
N GLY J 40 -18.77 -16.76 -27.05
CA GLY J 40 -18.99 -17.32 -25.74
C GLY J 40 -20.43 -17.73 -25.52
N TRP J 41 -21.35 -16.76 -25.66
CA TRP J 41 -22.78 -17.02 -25.42
C TRP J 41 -23.31 -18.14 -26.30
N ALA J 42 -22.69 -18.38 -27.46
CA ALA J 42 -23.08 -19.52 -28.28
C ALA J 42 -22.58 -20.83 -27.67
N HIS J 43 -21.33 -20.86 -27.23
CA HIS J 43 -20.71 -22.11 -26.79
C HIS J 43 -20.94 -22.41 -25.31
N THR J 44 -21.92 -21.78 -24.67
CA THR J 44 -22.34 -22.14 -23.33
C THR J 44 -23.58 -23.03 -23.39
N SER J 45 -23.71 -23.88 -22.37
CA SER J 45 -24.89 -24.73 -22.25
C SER J 45 -26.08 -23.98 -21.68
N ASN J 46 -25.84 -22.97 -20.86
CA ASN J 46 -26.90 -22.21 -20.21
C ASN J 46 -27.40 -21.06 -21.08
N ARG J 47 -26.50 -20.39 -21.80
CA ARG J 47 -26.84 -19.25 -22.65
C ARG J 47 -27.53 -18.16 -21.83
N PRO J 48 -26.80 -17.48 -20.94
CA PRO J 48 -27.43 -16.47 -20.09
C PRO J 48 -27.88 -15.24 -20.87
N ASN J 49 -28.55 -14.31 -20.18
CA ASN J 49 -29.02 -13.09 -20.83
C ASN J 49 -27.88 -12.07 -20.91
N PHE J 50 -28.18 -10.92 -21.50
CA PHE J 50 -27.15 -9.90 -21.73
C PHE J 50 -26.76 -9.18 -20.44
N LEU J 51 -27.68 -9.01 -19.50
CA LEU J 51 -27.33 -8.37 -18.23
C LEU J 51 -26.35 -9.23 -17.45
N ASN J 52 -26.66 -10.51 -17.27
CA ASN J 52 -25.79 -11.41 -16.52
C ASN J 52 -24.47 -11.60 -17.24
N LEU J 53 -24.44 -11.46 -18.56
CA LEU J 53 -23.22 -11.67 -19.33
C LEU J 53 -22.18 -10.61 -19.01
N LEU J 54 -22.60 -9.42 -18.59
CA LEU J 54 -21.70 -8.33 -18.24
C LEU J 54 -21.58 -8.08 -16.75
N SER J 55 -22.53 -8.56 -15.95
CA SER J 55 -22.52 -8.26 -14.53
C SER J 55 -21.42 -9.08 -13.86
N PRO J 56 -20.55 -8.48 -13.04
CA PRO J 56 -19.50 -9.27 -12.39
C PRO J 56 -19.99 -10.20 -11.28
N LEU J 57 -21.27 -10.18 -10.93
CA LEU J 57 -21.74 -10.87 -9.74
C LEU J 57 -21.93 -12.36 -10.03
N PRO J 58 -22.11 -13.17 -8.97
CA PRO J 58 -22.51 -14.58 -9.19
C PRO J 58 -24.00 -14.78 -9.43
N SER J 59 -24.72 -13.73 -9.84
CA SER J 59 -26.18 -13.73 -9.89
C SER J 59 -26.77 -14.90 -10.68
N VAL J 60 -25.98 -15.54 -11.55
CA VAL J 60 -26.37 -16.72 -12.35
C VAL J 60 -27.75 -16.58 -13.02
C1 LMT K . -23.55 -5.54 6.21
C2 LMT K . -22.59 -4.61 6.87
C3 LMT K . -21.68 -3.82 5.98
C4 LMT K . -21.61 -2.42 6.52
C5 LMT K . -20.61 -1.60 5.78
C6 LMT K . -20.67 -0.17 6.17
C7 LMT K . -19.35 0.51 6.00
C8 LMT K . -19.45 1.88 6.58
C9 LMT K . -18.42 2.84 6.10
C10 LMT K . -18.67 4.17 6.75
C11 LMT K . -19.81 4.92 6.15
C12 LMT K . -20.94 5.08 7.12
H22 LMT K . -22.03 -5.13 7.47
H21 LMT K . -23.09 -4.01 7.43
H32 LMT K . -22.00 -3.81 5.06
H31 LMT K . -20.79 -4.20 5.94
H42 LMT K . -21.39 -2.45 7.46
H41 LMT K . -22.48 -1.99 6.47
H52 LMT K . -20.75 -1.70 4.84
H51 LMT K . -19.72 -1.96 5.94
H62 LMT K . -20.96 -0.09 7.09
H61 LMT K . -21.35 0.28 5.66
H72 LMT K . -19.12 0.56 5.07
H71 LMT K . -18.65 0.01 6.41
H82 LMT K . -19.38 1.80 7.55
H81 LMT K . -20.33 2.23 6.43
H92 LMT K . -18.43 2.91 5.14
H91 LMT K . -17.54 2.51 6.32
H102 LMT K . -17.87 4.71 6.70
H101 LMT K . -18.82 4.05 7.70
H112 LMT K . -20.11 4.47 5.36
H111 LMT K . -19.50 5.79 5.86
H123 LMT K . -21.72 5.48 6.69
H122 LMT K . -20.70 5.65 7.86
H121 LMT K . -21.20 4.23 7.47
C1 LMT L . -19.37 20.03 -3.36
C2 LMT L . -20.17 18.77 -3.16
C3 LMT L . -19.38 17.54 -2.86
C4 LMT L . -20.35 16.40 -2.72
C5 LMT L . -19.65 15.16 -2.29
C6 LMT L . -20.58 14.01 -2.14
C7 LMT L . -20.08 13.04 -1.10
C8 LMT L . -20.32 13.56 0.28
C9 LMT L . -20.69 12.52 1.28
C10 LMT L . -20.55 13.17 2.63
C11 LMT L . -21.20 12.38 3.72
C12 LMT L . -21.43 13.20 4.92
H22 LMT L . -20.69 18.61 -3.96
H21 LMT L . -20.81 18.93 -2.45
H32 LMT L . -18.85 17.63 -2.05
H31 LMT L . -18.75 17.35 -3.55
H42 LMT L . -20.82 16.26 -3.56
H41 LMT L . -21.04 16.62 -2.09
H52 LMT L . -19.17 15.33 -1.48
H51 LMT L . -18.96 14.95 -2.93
H62 LMT L . -20.68 13.56 -2.98
H61 LMT L . -21.47 14.32 -1.93
H72 LMT L . -19.14 12.86 -1.24
H71 LMT L . -20.51 12.17 -1.22
H82 LMT L . -21.00 14.24 0.26
H81 LMT L . -19.53 14.01 0.58
H92 LMT L . -20.12 11.74 1.21
H91 LMT L . -21.58 12.20 1.13
H102 LMT L . -20.92 14.06 2.62
H101 LMT L . -19.61 13.30 2.83
H112 LMT L . -20.63 11.63 3.93
H111 LMT L . -22.04 12.01 3.39
H123 LMT L . -21.84 12.68 5.62
H122 LMT L . -22.01 13.94 4.74
H121 LMT L . -20.59 13.55 5.26
C1 LMT M . -15.27 12.53 -10.86
C2 LMT M . -15.73 13.06 -9.54
C3 LMT M . -16.80 12.28 -8.85
C4 LMT M . -17.06 12.93 -7.50
C5 LMT M . -18.10 12.19 -6.74
C6 LMT M . -17.60 11.67 -5.44
C7 LMT M . -18.72 11.04 -4.67
C8 LMT M . -18.15 10.18 -3.58
C9 LMT M . -19.15 9.75 -2.55
C10 LMT M . -19.42 8.28 -2.72
C11 LMT M . -20.56 7.84 -1.86
C12 LMT M . -20.51 6.38 -1.55
H22 LMT M . -16.04 13.97 -9.66
H21 LMT M . -14.96 13.12 -8.96
H32 LMT M . -16.56 11.36 -8.73
H31 LMT M . -17.61 12.28 -9.36
H42 LMT M . -17.31 13.85 -7.62
H41 LMT M . -16.24 12.97 -6.99
H52 LMT M . -18.43 11.45 -7.28
H51 LMT M . -18.86 12.77 -6.60
H62 LMT M . -17.20 12.39 -4.92
H61 LMT M . -16.89 11.04 -5.56
H72 LMT M . -19.29 10.53 -5.26
H71 LMT M . -19.30 11.72 -4.31
H82 LMT M . -17.43 10.65 -3.16
H81 LMT M . -17.75 9.40 -3.98
H92 LMT M . -19.96 10.26 -2.60
H91 LMT M . -18.80 9.94 -1.66
H102 LMT M . -18.63 7.77 -2.51
H101 LMT M . -19.61 8.09 -3.64
H112 LMT M . -21.40 8.05 -2.30
H111 LMT M . -20.56 8.34 -1.04
H123 LMT M . -21.23 6.12 -0.97
H122 LMT M . -19.67 6.13 -1.13
H121 LMT M . -20.59 5.86 -2.38
C1 LMT N . -21.77 34.34 21.16
C2 LMT N . -21.69 32.86 20.93
C3 LMT N . -22.42 32.00 21.90
C4 LMT N . -22.35 30.58 21.41
C5 LMT N . -22.44 29.64 22.57
C6 LMT N . -22.86 28.27 22.19
C7 LMT N . -21.90 27.66 21.21
C8 LMT N . -21.95 26.18 21.33
C9 LMT N . -21.58 25.44 20.08
C10 LMT N . -22.87 25.06 19.38
C11 LMT N . -22.63 24.55 18.00
C12 LMT N . -23.89 24.51 17.21
H22 LMT N . -20.75 32.61 20.94
H21 LMT N . -22.00 32.67 20.04
H32 LMT N . -23.34 32.28 21.99
H31 LMT N . -22.05 32.07 22.78
H42 LMT N . -21.53 30.43 20.91
H41 LMT N . -23.07 30.39 20.79
H52 LMT N . -23.05 30.01 23.22
H51 LMT N . -21.58 29.61 23.01
H62 LMT N . -23.76 28.27 21.83
H61 LMT N . -22.93 27.71 22.98
H72 LMT N . -21.01 27.98 21.37
H71 LMT N . -22.11 27.96 20.31
H82 LMT N . -22.83 25.90 21.61
H81 LMT N . -21.37 25.89 22.05
H92 LMT N . -21.06 24.64 20.27
H91 LMT N . -21.03 25.98 19.51
H102 LMT N . -23.46 25.82 19.35
H101 LMT N . -23.34 24.39 19.91
H112 LMT N . -22.25 23.66 18.06
H111 LMT N . -21.98 25.10 17.55
H123 LMT N . -23.78 24.01 16.40
H122 LMT N . -24.19 25.41 16.97
H121 LMT N . -24.60 24.09 17.74
C1 LMT O . 0.01 43.72 32.72
C2 LMT O . 0.05 42.30 32.26
C3 LMT O . -1.26 41.69 31.83
C4 LMT O . -0.99 40.28 31.41
C5 LMT O . -2.26 39.61 31.01
C6 LMT O . -2.06 38.16 30.74
C7 LMT O . -2.28 37.38 31.99
C8 LMT O . -1.82 35.98 31.80
C9 LMT O . -0.71 35.56 32.71
C10 LMT O . -0.21 34.23 32.24
C11 LMT O . 0.40 33.44 33.36
C12 LMT O . 1.50 34.20 34.02
H22 LMT O . 0.41 41.75 32.98
H21 LMT O . 0.68 42.22 31.53
H32 LMT O . -1.66 42.20 31.11
H31 LMT O . -1.90 41.71 32.56
H42 LMT O . -0.56 39.79 32.11
H41 LMT O . -0.37 40.26 30.67
H52 LMT O . -2.63 40.04 30.22
H51 LMT O . -2.92 39.73 31.70
H62 LMT O . -1.17 38.01 30.39
H61 LMT O . -2.65 37.85 30.04
H72 LMT O . -3.21 37.41 32.24
H71 LMT O . -1.81 37.80 32.73
H82 LMT O . -1.57 35.83 30.89
H81 LMT O . -2.58 35.38 31.93
H92 LMT O . -1.00 35.51 33.63
H91 LMT O . 0.00 36.22 32.71
H102 LMT O . 0.44 34.35 31.54
H101 LMT O . -0.92 33.73 31.83
H112 LMT O . 0.74 32.60 33.01
H111 LMT O . -0.28 33.21 34.01
H123 LMT O . 2.10 33.60 34.50
H122 LMT O . 1.16 34.83 34.67
H121 LMT O . 2.02 34.69 33.37
C1 LMT P . -10.52 23.78 45.61
C2 LMT P . -10.66 24.92 44.65
C3 LMT P . -9.77 24.91 43.46
C4 LMT P . -10.08 26.12 42.63
C5 LMT P . -9.18 26.19 41.45
C6 LMT P . -9.42 27.43 40.65
C7 LMT P . -8.12 28.06 40.22
C8 LMT P . -8.40 29.35 39.55
C9 LMT P . -7.18 30.11 39.13
C10 LMT P . -6.80 29.66 37.75
C11 LMT P . -7.42 30.52 36.70
C12 LMT P . -7.55 29.82 35.40
H22 LMT P . -10.51 25.75 45.13
H21 LMT P . -11.58 24.95 44.35
H32 LMT P . -9.87 24.11 42.93
H31 LMT P . -8.83 24.93 43.71
H42 LMT P . -10.02 26.91 43.17
H41 LMT P . -11.01 26.09 42.34
H52 LMT P . -9.31 25.42 40.90
H51 LMT P . -8.26 26.15 41.76
H62 LMT P . -9.94 28.07 41.14
H61 LMT P . -9.96 27.23 39.88
H72 LMT P . -7.64 27.45 39.63
H71 LMT P . -7.54 28.17 40.98
H82 LMT P . -8.92 29.91 40.15
H81 LMT P . -8.97 29.21 38.79
H92 LMT P . -6.44 29.96 39.75
H91 LMT P . -7.33 31.06 39.16
H102 LMT P . -7.05 28.74 37.61
H101 LMT P . -5.84 29.67 37.65
H112 LMT P . -6.89 31.33 36.59
H111 LMT P . -8.29 30.82 37.00
H123 LMT P . -7.91 30.38 34.71
H122 LMT P . -8.12 29.04 35.47
H121 LMT P . -6.68 29.51 35.11
C1 LMT Q . -8.88 19.15 47.93
C2 LMT Q . -8.69 20.33 47.03
C3 LMT Q . -7.32 20.52 46.47
C4 LMT Q . -7.31 21.83 45.72
C5 LMT Q . -6.00 22.01 45.03
C6 LMT Q . -5.95 23.29 44.27
C7 LMT Q . -5.15 23.10 43.02
C8 LMT Q . -4.87 24.43 42.40
C9 LMT Q . -3.95 24.36 41.23
C10 LMT Q . -4.76 24.18 39.98
C11 LMT Q . -5.14 25.47 39.34
C12 LMT Q . -5.57 25.28 37.93
H22 LMT Q . -8.93 21.13 47.52
H21 LMT Q . -9.32 20.27 46.30
H32 LMT Q . -7.08 19.80 45.87
H31 LMT Q . -6.64 20.53 47.16
H42 LMT Q . -7.47 22.56 46.34
H41 LMT Q . -8.04 21.86 45.09
H52 LMT Q . -5.85 21.28 44.43
H51 LMT Q . -5.29 21.99 45.68
H62 LMT Q . -5.58 24.00 44.81
H61 LMT Q . -6.84 23.61 44.05
H72 LMT Q . -5.61 22.52 42.41
H71 LMT Q . -4.33 22.64 43.23
H82 LMT Q . -4.49 25.02 43.06
H81 LMT Q . -5.70 24.84 42.13
H92 LMT Q . -3.32 23.63 41.32
H91 LMT Q . -3.39 25.15 41.18
H102 LMT Q . -5.55 23.67 40.17
H101 LMT Q . -4.27 23.63 39.35
H112 LMT Q . -4.39 26.08 39.36
H111 LMT Q . -5.85 25.90 39.83
H123 LMT Q . -5.74 26.12 37.49
H122 LMT Q . -6.37 24.75 37.87
H121 LMT Q . -4.87 24.83 37.42
C1 LMT R . -1.54 19.59 46.56
C2 LMT R . -1.50 20.14 45.17
C3 LMT R . -0.46 21.17 44.89
C4 LMT R . -0.65 21.63 43.46
C5 LMT R . 0.46 22.53 43.06
C6 LMT R . 0.28 23.09 41.69
C7 LMT R . 1.06 24.35 41.52
C8 LMT R . 1.45 24.51 40.10
C9 LMT R . 2.75 23.86 39.74
C10 LMT R . 2.90 23.91 38.25
C11 LMT R . 4.18 23.29 37.80
C12 LMT R . 4.15 23.01 36.33
H22 LMT R . -2.37 20.53 44.97
H21 LMT R . -1.39 19.41 44.55
H32 LMT R . 0.43 20.83 45.01
H31 LMT R . -0.53 21.92 45.48
H42 LMT R . -1.51 22.06 43.37
H41 LMT R . -0.68 20.87 42.87
H52 LMT R . 1.31 22.06 43.11
H51 LMT R . 0.53 23.25 43.71
H62 LMT R . -0.67 23.26 41.52
H61 LMT R . 0.52 22.44 41.03
H72 LMT R . 1.84 24.34 42.10
H71 LMT R . 0.54 25.11 41.83
H82 LMT R . 1.51 25.45 39.89
H81 LMT R . 0.75 24.17 39.53
H92 LMT R . 2.79 22.95 40.06
H91 LMT R . 3.49 24.31 40.18
H102 LMT R . 2.86 24.83 37.94
H101 LMT R . 2.16 23.48 37.83
H112 LMT R . 4.33 22.47 38.28
H111 LMT R . 4.92 23.87 38.00
H123 LMT R . 4.99 22.64 36.03
H122 LMT R . 3.98 23.80 35.82
H121 LMT R . 3.46 22.36 36.13
C1 LMT S . 7.62 9.84 44.76
C2 LMT S . 8.48 10.45 43.70
C3 LMT S . 8.44 11.95 43.60
C4 LMT S . 9.12 12.34 42.31
C5 LMT S . 9.17 13.83 42.20
C6 LMT S . 9.56 14.26 40.83
C7 LMT S . 9.64 15.76 40.75
C8 LMT S . 8.27 16.36 40.56
C9 LMT S . 8.29 17.58 39.68
C10 LMT S . 6.88 18.09 39.57
C11 LMT S . 6.80 19.16 38.53
C12 LMT S . 6.67 18.61 37.17
H22 LMT S . 8.22 10.09 42.84
H21 LMT S . 9.40 10.18 43.84
H32 LMT S . 8.88 12.37 44.35
H31 LMT S . 7.53 12.28 43.61
H42 LMT S . 8.66 11.96 41.56
H41 LMT S . 10.02 11.98 42.29
H52 LMT S . 9.78 14.19 42.85
H51 LMT S . 8.31 14.20 42.42
H62 LMT S . 8.98 13.90 40.16
H61 LMT S . 10.43 13.89 40.60
H72 LMT S . 10.22 16.03 40.02
H71 LMT S . 10.05 16.12 41.54
H82 LMT S . 7.90 16.59 41.41
H81 LMT S . 7.66 15.71 40.19
H92 LMT S . 8.65 17.38 38.80
H91 LMT S . 8.88 18.25 40.04
H102 LMT S . 6.59 18.43 40.42
H101 LMT S . 6.28 17.37 39.36
H112 LMT S . 7.59 19.72 38.60
H111 LMT S . 6.05 19.74 38.73
H123 LMT S . 6.50 19.30 36.51
H122 LMT S . 5.93 17.98 37.11
H121 LMT S . 7.47 18.15 36.91
C1 LMT T . -33.80 14.61 24.04
C2 LMT T . -33.03 15.51 23.11
C3 LMT T . -32.35 16.67 23.72
C4 LMT T . -31.44 17.27 22.69
C5 LMT T . -30.75 18.47 23.25
C6 LMT T . -29.90 19.16 22.23
C7 LMT T . -28.64 19.71 22.83
C8 LMT T . -28.93 20.96 23.58
C9 LMT T . -28.63 22.23 22.83
C10 LMT T . -27.14 22.43 22.78
C11 LMT T . -26.81 23.84 22.41
C12 LMT T . -26.78 24.74 23.61
H22 LMT T . -33.64 15.83 22.42
H21 LMT T . -32.37 14.97 22.64
H32 LMT T . -31.85 16.43 24.52
H31 LMT T . -33.00 17.34 24.02
H42 LMT T . -31.94 17.50 21.89
H41 LMT T . -30.79 16.62 22.41
H52 LMT T . -30.23 18.22 24.01
H51 LMT T . -31.41 19.09 23.60
H62 LMT T . -30.40 19.88 21.80
H61 LMT T . -29.69 18.56 21.51
H72 LMT T . -28.00 19.87 22.14
H71 LMT T . -28.22 19.04 23.40
H82 LMT T . -28.45 20.96 24.42
H81 LMT T . -29.86 20.98 23.84
H92 LMT T . -29.06 22.99 23.24
H91 LMT T . -29.00 22.18 21.94
H102 LMT T . -26.74 21.83 22.15
H101 LMT T . -26.75 22.21 23.63
H112 LMT T . -27.46 24.15 21.77
H111 LMT T . -25.95 23.86 21.96
H123 LMT T . -26.62 25.66 23.35
H122 LMT T . -26.09 24.48 24.23
H121 LMT T . -27.63 24.71 24.06
C1 LMT U . -33.37 8.08 23.09
C2 LMT U . -32.92 8.72 21.80
C3 LMT U . -33.21 10.17 21.64
C4 LMT U . -32.90 10.55 20.22
C5 LMT U . -32.95 12.02 20.06
C6 LMT U . -32.76 12.45 18.64
C7 LMT U . -31.29 12.56 18.29
C8 LMT U . -30.70 13.82 18.83
C9 LMT U . -29.78 14.50 17.89
C10 LMT U . -28.90 15.40 18.70
C11 LMT U . -28.08 16.32 17.85
C12 LMT U . -28.36 17.74 18.15
H22 LMT U . -33.33 8.24 21.07
H21 LMT U . -31.97 8.58 21.70
H32 LMT U . -32.69 10.71 22.26
H31 LMT U . -34.14 10.37 21.84
H42 LMT U . -33.52 10.12 19.62
H41 LMT U . -32.03 10.20 19.96
H52 LMT U . -32.28 12.42 20.63
H51 LMT U . -33.79 12.35 20.40
H62 LMT U . -33.22 13.27 18.47
H61 LMT U . -33.19 11.81 18.05
H72 LMT U . -31.18 12.51 17.33
H71 LMT U . -30.81 11.79 18.63
H82 LMT U . -30.24 13.63 19.65
H81 LMT U . -31.40 14.44 19.07
H92 LMT U . -30.26 15.00 17.22
H91 LMT U . -29.25 13.86 17.40
H102 LMT U . -28.31 14.88 19.25
H101 LMT U . -29.43 15.91 19.32
H112 LMT U . -28.28 16.14 16.92
H111 LMT U . -27.15 16.13 17.98
H123 LMT U . -27.84 18.34 17.60
H122 LMT U . -28.17 17.96 19.07
H121 LMT U . -29.30 17.95 17.99
C1 LMT V . -17.79 17.69 -8.82
C2 LMT V . -19.10 17.66 -8.09
C3 LMT V . -19.92 16.42 -8.24
C4 LMT V . -21.24 16.66 -7.55
C5 LMT V . -22.08 15.41 -7.56
C6 LMT V . -21.69 14.45 -6.50
C7 LMT V . -22.73 13.36 -6.41
C8 LMT V . -22.18 12.24 -5.59
C9 LMT V . -23.17 11.48 -4.76
C10 LMT V . -23.64 12.35 -3.61
C11 LMT V . -23.87 11.54 -2.37
C12 LMT V . -24.63 12.31 -1.34
H22 LMT V . -19.63 18.42 -8.38
H21 LMT V . -18.93 17.81 -7.14
H32 LMT V . -19.47 15.64 -7.88
H31 LMT V . -20.08 16.21 -9.18
H42 LMT V . -21.70 17.39 -7.97
H41 LMT V . -21.09 16.94 -6.64
H52 LMT V . -22.00 14.99 -8.43
H51 LMT V . -23.00 15.66 -7.47
H62 LMT V . -21.60 14.90 -5.64
H61 LMT V . -20.82 14.08 -6.68
H72 LMT V . -22.97 13.06 -7.28
H71 LMT V . -23.54 13.71 -6.02
H82 LMT V . -21.47 12.56 -5.03
H81 LMT V . -21.73 11.61 -6.19
H92 LMT V . -22.81 10.65 -4.43
H91 LMT V . -23.92 11.20 -5.31
H102 LMT V . -24.44 12.82 -3.86
H101 LMT V . -23.00 13.05 -3.43
H112 LMT V . -23.02 11.26 -2.02
H111 LMT V . -24.35 10.73 -2.60
H123 LMT V . -24.79 11.78 -0.55
H122 LMT V . -25.50 12.60 -1.67
H121 LMT V . -24.14 13.10 -1.08
C1 LMT W . -25.29 29.54 17.85
C2 LMT W . -24.64 29.65 16.51
C3 LMT W . -23.50 30.60 16.38
C4 LMT W . -24.06 31.98 16.20
C5 LMT W . -23.03 33.02 16.49
C6 LMT W . -21.93 33.06 15.47
C7 LMT W . -21.01 34.21 15.76
C8 LMT W . -19.93 34.25 14.73
C9 LMT W . -18.54 34.23 15.28
C10 LMT W . -18.30 35.53 16.02
C11 LMT W . -16.84 35.79 16.21
C12 LMT W . -16.59 36.99 17.06
H22 LMT W . -25.31 29.91 15.86
H21 LMT W . -24.34 28.76 16.24
H32 LMT W . -22.91 30.37 15.64
H31 LMT W . -22.93 30.57 17.17
H42 LMT W . -24.84 32.09 16.76
H41 LMT W . -24.39 32.09 15.30
H52 LMT W . -22.64 32.86 17.37
H51 LMT W . -23.46 33.89 16.56
H62 LMT W . -22.31 33.14 14.58
H61 LMT W . -21.44 32.23 15.46
H72 LMT W . -20.65 34.13 16.64
H71 LMT W . -21.51 35.05 15.76
H82 LMT W . -20.05 35.03 14.17
H81 LMT W . -20.03 33.51 14.13
H92 LMT W . -17.88 34.12 14.57
H91 LMT W . -18.41 33.47 15.87
H102 LMT W . -18.74 35.50 16.89
H101 LMT W . -18.71 36.26 15.55
H112 LMT W . -16.43 35.90 15.34
H111 LMT W . -16.42 35.01 16.62
H123 LMT W . -15.64 37.18 17.14
H122 LMT W . -16.95 36.88 17.95
H121 LMT W . -17.02 37.77 16.66
C1B LMT X . -7.04 -14.51 5.48
C2B LMT X . -8.44 -14.53 6.15
C3B LMT X . -9.05 -15.94 6.14
C4B LMT X . -8.10 -17.01 6.75
C5B LMT X . -6.67 -16.44 6.85
C6B LMT X . -5.71 -17.61 7.03
O1B LMT X . -6.36 -13.32 5.79
O2B LMT X . -8.29 -14.05 7.43
O3B LMT X . -9.48 -16.30 4.89
O4' LMT X . -8.54 -17.36 8.02
O5B LMT X . -6.27 -15.64 5.77
O6B LMT X . -6.17 -18.48 7.97
C1' LMT X . -6.34 -9.26 4.57
C2' LMT X . -7.49 -9.69 5.52
C3' LMT X . -7.42 -11.17 6.02
C4' LMT X . -6.73 -12.15 5.06
C5' LMT X . -5.48 -11.39 4.61
C6' LMT X . -4.42 -12.19 3.92
O1' LMT X . -6.80 -8.33 3.68
O2' LMT X . -7.41 -8.89 6.62
O3' LMT X . -8.68 -11.61 6.29
O5' LMT X . -5.87 -10.34 3.79
O6' LMT X . -3.35 -11.35 3.78
C1 LMT X . -6.71 -6.99 4.11
C2 LMT X . -7.05 -6.19 2.89
C3 LMT X . -5.94 -5.39 2.30
C4 LMT X . -6.17 -5.27 0.81
C5 LMT X . -7.42 -4.53 0.52
C6 LMT X . -7.33 -3.82 -0.79
C7 LMT X . -8.66 -3.26 -1.17
C8 LMT X . -8.48 -2.33 -2.30
C9 LMT X . -9.65 -2.19 -3.21
C10 LMT X . -9.29 -1.18 -4.25
C11 LMT X . -10.43 -0.87 -5.15
C12 LMT X . -9.99 -0.05 -6.32
H1B LMT X . -7.20 -14.61 4.58
H2B LMT X . -9.01 -13.99 5.60
H3B LMT X . -9.83 -15.89 6.71
H4B LMT X . -8.06 -17.76 6.15
H5B LMT X . -6.64 -15.93 7.64
H6'2 LMT X . -4.84 -17.24 7.22
H6'1 LMT X . -5.57 -18.02 6.16
H2O1 LMT X . -8.48 -13.22 7.38
H3O1 LMT X . -8.83 -16.68 4.50
H4O1 LMT X . -7.85 -17.52 8.49
H6B LMT X . -5.48 -18.88 8.27
H1' LMT X . -5.61 -8.91 5.12
H2' LMT X . -8.30 -9.60 5.01
H3' LMT X . -6.87 -11.16 6.81
H4' LMT X . -7.31 -12.33 4.31
H5' LMT X . -5.08 -11.07 5.42
H6D LMT X . -4.75 -12.49 3.08
H6E LMT X . -4.26 -13.02 4.40
H2O2 LMT X . -8.14 -8.99 7.05
H6' LMT X . -3.65 -10.67 3.39
H12 LMT X . -5.85 -6.73 4.46
H11 LMT X . -7.32 -6.83 4.84
H22 LMT X . -7.76 -5.58 3.12
H21 LMT X . -7.42 -6.78 2.23
H32 LMT X . -5.08 -5.80 2.47
H31 LMT X . -5.89 -4.52 2.69
H42 LMT X . -6.17 -6.14 0.41
H41 LMT X . -5.42 -4.82 0.41
H52 LMT X . -7.61 -3.91 1.22
H51 LMT X . -8.17 -5.15 0.51
H62 LMT X . -7.02 -4.41 -1.47
H61 LMT X . -6.68 -3.12 -0.75
H72 LMT X . -9.06 -2.81 -0.42
H71 LMT X . -9.27 -3.96 -1.39
H82 LMT X . -7.72 -2.60 -2.81
H81 LMT X . -8.24 -1.46 -1.96
H92 LMT X . -10.44 -1.92 -2.73
H91 LMT X . -9.87 -3.04 -3.60
H102 LMT X . -8.55 -1.50 -4.76
H101 LMT X . -8.98 -0.38 -3.84
H112 LMT X . -11.10 -0.41 -4.65
H111 LMT X . -10.83 -1.69 -5.45
H123 LMT X . -10.72 0.08 -6.94
H122 LMT X . -9.29 -0.47 -6.80
H121 LMT X . -9.69 0.81 -6.02
C1 LMT Y . 9.07 -16.28 19.53
C2 LMT Y . 9.27 -15.48 18.28
C3 LMT Y . 10.35 -14.46 18.30
C4 LMT Y . 10.42 -13.82 16.94
C5 LMT Y . 11.41 -12.70 16.92
C6 LMT Y . 11.16 -11.76 15.78
C7 LMT Y . 12.07 -10.57 15.88
C8 LMT Y . 11.56 -9.49 15.00
C9 LMT Y . 12.40 -8.25 14.98
C10 LMT Y . 13.14 -8.21 13.67
C11 LMT Y . 14.17 -7.12 13.66
C12 LMT Y . 15.01 -7.18 12.43
H22 LMT Y . 8.43 -15.04 18.07
H21 LMT Y . 9.43 -16.10 17.55
H32 LMT Y . 11.21 -14.84 18.53
H31 LMT Y . 10.18 -13.78 18.98
H42 LMT Y . 9.53 -13.50 16.69
H41 LMT Y . 10.64 -14.48 16.27
H52 LMT Y . 12.30 -13.07 16.85
H51 LMT Y . 11.39 -12.23 17.76
H62 LMT Y . 10.25 -11.48 15.78
H61 LMT Y . 11.29 -12.21 14.94
H72 LMT Y . 12.97 -10.82 15.64
H71 LMT Y . 12.13 -10.26 16.80
H82 LMT Y . 10.67 -9.26 15.26
H81 LMT Y . 11.47 -9.83 14.09
H92 LMT Y . 13.01 -8.23 15.72
H91 LMT Y . 11.85 -7.46 15.08
H102 LMT Y . 12.52 -8.08 12.95
H101 LMT Y . 13.56 -9.07 13.51
H112 LMT Y . 14.73 -7.22 14.45
H111 LMT Y . 13.73 -6.26 13.73
H123 LMT Y . 15.75 -6.56 12.48
H122 LMT Y . 14.50 -6.95 11.65
H121 LMT Y . 15.38 -8.07 12.31
C1 LMT Z . 20.10 8.01 8.85
C2 LMT Z . 19.38 7.10 9.80
C3 LMT Z . 20.23 6.39 10.79
C4 LMT Z . 19.36 5.38 11.49
C5 LMT Z . 20.11 4.73 12.59
C6 LMT Z . 19.50 3.45 13.04
C7 LMT Z . 20.43 2.78 14.00
C8 LMT Z . 19.69 1.84 14.87
C9 LMT Z . 19.05 0.70 14.15
C10 LMT Z . 18.94 -0.43 15.14
C11 LMT Z . 18.07 -1.51 14.62
C12 LMT Z . 17.83 -2.58 15.63
H22 LMT Z . 18.90 6.44 9.28
H21 LMT Z . 18.71 7.60 10.27
H32 LMT Z . 20.62 6.98 11.44
H31 LMT Z . 20.97 5.94 10.37
H42 LMT Z . 19.04 4.73 10.86
H41 LMT Z . 18.57 5.81 11.82
H52 LMT Z . 20.17 5.34 13.33
H51 LMT Z . 21.03 4.58 12.31
H62 LMT Z . 19.31 2.88 12.30
H61 LMT Z . 18.66 3.61 13.46
H72 LMT Z . 20.90 3.43 14.53
H71 LMT Z . 21.12 2.32 13.52
H82 LMT Z . 19.01 2.32 15.35
H81 LMT Z . 20.27 1.50 15.55
H92 LMT Z . 19.56 0.43 13.39
H91 LMT Z . 18.19 0.95 13.81
H102 LMT Z . 18.60 -0.10 15.98
H101 LMT Z . 19.82 -0.77 15.34
H112 LMT Z . 18.49 -1.90 13.83
H111 LMT Z . 17.24 -1.15 14.33
H123 LMT Z . 17.21 -3.24 15.32
H122 LMT Z . 17.47 -2.21 16.46
H121 LMT Z . 18.66 -3.03 15.84
C1 LMT AA . 20.22 9.14 15.20
C2 LMT AA . 19.47 8.13 16.02
C3 LMT AA . 20.11 7.70 17.29
C4 LMT AA . 19.22 6.67 17.92
C5 LMT AA . 19.73 6.26 19.26
C6 LMT AA . 19.51 4.82 19.55
C7 LMT AA . 20.55 3.99 18.86
C8 LMT AA . 20.10 2.57 18.88
C9 LMT AA . 21.23 1.59 18.87
C10 LMT AA . 20.66 0.21 18.73
C11 LMT AA . 21.70 -0.85 18.98
C12 LMT AA . 21.08 -2.20 19.06
H22 LMT AA . 19.33 7.34 15.47
H21 LMT AA . 18.59 8.48 16.21
H32 LMT AA . 20.26 8.44 17.90
H31 LMT AA . 20.98 7.32 17.14
H42 LMT AA . 19.12 5.92 17.34
H41 LMT AA . 18.33 7.03 18.01
H52 LMT AA . 19.33 6.81 19.95
H51 LMT AA . 20.68 6.46 19.31
H62 LMT AA . 18.62 4.56 19.27
H61 LMT AA . 19.52 4.66 20.49
H72 LMT AA . 21.40 4.09 19.31
H71 LMT AA . 20.70 4.29 17.96
H82 LMT AA . 19.54 2.40 18.12
H81 LMT AA . 19.55 2.42 19.64
H92 LMT AA . 21.78 1.65 19.67
H91 LMT AA . 21.85 1.79 18.15
H102 LMT AA . 20.28 0.09 17.84
H101 LMT AA . 19.91 0.10 19.33
H112 LMT AA . 22.15 -0.64 19.80
H111 LMT AA . 22.36 -0.82 18.28
H123 LMT AA . 21.75 -2.87 19.31
H122 LMT AA . 20.70 -2.48 18.22
H121 LMT AA . 20.39 -2.22 19.73
C4 LMT BA . -24.50 -11.61 8.93
C5 LMT BA . -23.31 -11.70 8.03
C6 LMT BA . -23.07 -10.43 7.30
C7 LMT BA . -21.95 -10.63 6.31
C8 LMT BA . -21.68 -9.34 5.62
C9 LMT BA . -20.45 -9.36 4.76
C10 LMT BA . -19.93 -7.96 4.66
C11 LMT BA . -20.90 -7.03 3.99
C12 LMT BA . -20.22 -5.87 3.36
H52 LMT BA . -23.44 -12.43 7.40
H51 LMT BA . -22.53 -11.94 8.55
H62 LMT BA . -22.85 -9.72 7.91
H61 LMT BA . -23.87 -10.13 6.84
H72 LMT BA . -22.18 -11.32 5.68
H71 LMT BA . -21.16 -10.95 6.77
H82 LMT BA . -21.61 -8.63 6.27
H81 LMT BA . -22.45 -9.11 5.07
H92 LMT BA . -20.64 -9.72 3.89
H91 LMT BA . -19.78 -9.95 5.14
H102 LMT BA . -19.09 -7.95 4.18
H101 LMT BA . -19.70 -7.62 5.54
H112 LMT BA . -21.54 -6.72 4.65
H111 LMT BA . -21.41 -7.53 3.33
H123 LMT BA . -20.85 -5.34 2.85
H122 LMT BA . -19.53 -6.15 2.75
H121 LMT BA . -19.83 -5.30 4.04
C1 LMT CA . -28.03 -4.84 4.67
C2 LMT CA . -27.29 -3.72 4.02
C3 LMT CA . -26.01 -4.07 3.34
C4 LMT CA . -25.46 -2.82 2.72
C5 LMT CA . -24.20 -3.11 1.97
C6 LMT CA . -23.21 -1.99 2.04
C7 LMT CA . -21.84 -2.47 1.60
C8 LMT CA . -20.83 -1.40 1.84
C9 LMT CA . -20.66 -0.44 0.72
C10 LMT CA . -20.41 0.94 1.28
C11 LMT CA . -21.68 1.64 1.66
C12 LMT CA . -21.46 3.09 1.85
H22 LMT CA . -27.10 -3.06 4.69
H21 LMT CA . -27.88 -3.28 3.38
H32 LMT CA . -26.13 -4.76 2.66
H31 LMT CA . -25.37 -4.44 3.96
H42 LMT CA . -25.32 -2.15 3.39
H41 LMT CA . -26.11 -2.43 2.11
H52 LMT CA . -24.40 -3.31 1.05
H51 LMT CA . -23.80 -3.93 2.32
H62 LMT CA . -23.17 -1.63 2.93
H61 LMT CA . -23.49 -1.25 1.49
H72 LMT CA . -21.87 -2.70 0.66
H71 LMT CA . -21.61 -3.28 2.05
H82 LMT CA . -19.98 -1.83 2.03
H81 LMT CA . -21.04 -0.93 2.65
H92 LMT CA . -21.43 -0.44 0.13
H91 LMT CA . -19.93 -0.72 0.15
H102 LMT CA . -19.93 1.47 0.64
H101 LMT CA . -19.81 0.88 2.04
H112 LMT CA . -22.03 1.24 2.47
H111 LMT CA . -22.35 1.48 0.97
H123 LMT CA . -22.28 3.54 2.07
H122 LMT CA . -21.11 3.50 1.05
H121 LMT CA . -20.84 3.24 2.57
C1 LMT DA . -15.88 7.14 -21.80
C2 LMT DA . -16.77 6.26 -20.97
C3 LMT DA . -17.92 5.63 -21.66
C4 LMT DA . -18.77 4.94 -20.62
C5 LMT DA . -19.87 4.16 -21.27
C6 LMT DA . -21.05 3.96 -20.38
C7 LMT DA . -20.72 2.98 -19.27
C8 LMT DA . -21.74 1.89 -19.24
C9 LMT DA . -23.09 2.28 -18.73
C10 LMT DA . -23.11 2.26 -17.22
C11 LMT DA . -24.03 1.20 -16.72
C12 LMT DA . -24.09 1.17 -15.22
H22 LMT DA . -17.12 6.79 -20.23
H21 LMT DA . -16.24 5.56 -20.56
H32 LMT DA . -17.64 4.98 -22.32
H31 LMT DA . -18.45 6.27 -22.15
H42 LMT DA . -19.13 5.59 -20.01
H41 LMT DA . -18.22 4.36 -20.08
H52 LMT DA . -19.53 3.30 -21.57
H51 LMT DA . -20.15 4.62 -22.07
H62 LMT DA . -21.80 3.66 -20.89
H61 LMT DA . -21.33 4.80 -20.00
H72 LMT DA . -20.69 3.44 -18.42
H71 LMT DA . -19.83 2.63 -19.38
H82 LMT DA . -21.40 1.15 -18.72
H81 LMT DA . -21.83 1.52 -20.12
H92 LMT DA . -23.78 1.71 -19.08
H91 LMT DA . -23.35 3.17 -19.05
H102 LMT DA . -23.38 3.12 -16.88
H101 LMT DA . -22.21 2.13 -16.87
H112 LMT DA . -23.73 0.34 -17.04
H111 LMT DA . -24.92 1.34 -17.07
H123 LMT DA . -24.73 0.52 -14.90
H122 LMT DA . -24.35 2.03 -14.86
H121 LMT DA . -23.22 0.95 -14.85
C1 LMT EA . -21.68 -15.07 2.91
C2 LMT EA . -22.38 -14.08 2.04
C3 LMT EA . -21.77 -12.71 1.96
C4 LMT EA . -22.59 -11.90 0.99
C5 LMT EA . -22.19 -10.46 1.03
C6 LMT EA . -20.90 -10.21 0.33
C7 LMT EA . -20.59 -8.74 0.38
C8 LMT EA . -19.21 -8.52 -0.13
C9 LMT EA . -18.79 -7.09 -0.12
C10 LMT EA . -18.81 -6.61 -1.54
C11 LMT EA . -18.62 -5.13 -1.63
C12 LMT EA . -19.00 -4.61 -2.96
H22 LMT EA . -23.29 -13.98 2.37
H21 LMT EA . -22.46 -14.44 1.16
H32 LMT EA . -20.85 -12.75 1.68
H31 LMT EA . -21.76 -12.28 2.83
H42 LMT EA . -23.53 -12.00 1.18
H41 LMT EA . -22.49 -12.25 0.09
H52 LMT EA . -22.15 -10.16 1.94
H51 LMT EA . -22.91 -9.93 0.62
H62 LMT EA . -20.94 -10.52 -0.59
H61 LMT EA . -20.19 -10.71 0.73
H72 LMT EA . -20.69 -8.41 1.27
H71 LMT EA . -21.24 -8.24 -0.15
H82 LMT EA . -19.13 -8.89 -1.02
H81 LMT EA . -18.59 -9.04 0.41
H92 LMT EA . -17.90 -6.98 0.25
H91 LMT EA . -19.36 -6.56 0.43
H102 LMT EA . -19.64 -6.86 -1.96
H101 LMT EA . -18.13 -7.05 -2.05
H112 LMT EA . -17.70 -4.93 -1.44
H111 LMT EA . -19.15 -4.70 -0.94
H123 LMT EA . -18.95 -3.64 -3.00
H122 LMT EA . -19.91 -4.86 -3.21
H121 LMT EA . -18.39 -4.95 -3.64
C1 LMT FA . -6.14 43.04 33.80
C2 LMT FA . -5.97 41.59 34.12
C3 LMT FA . -7.22 40.76 34.10
C4 LMT FA . -6.80 39.32 34.04
C5 LMT FA . -7.98 38.42 34.18
C6 LMT FA . -7.78 37.13 33.46
C7 LMT FA . -8.69 36.08 34.04
C8 LMT FA . -8.73 34.90 33.12
C9 LMT FA . -7.42 34.18 32.96
C10 LMT FA . -6.90 34.46 31.58
C11 LMT FA . -5.49 34.02 31.43
C12 LMT FA . -5.21 33.52 30.06
H22 LMT FA . -5.58 41.52 35.00
H21 LMT FA . -5.33 41.21 33.51
H32 LMT FA . -7.78 40.97 33.34
H31 LMT FA . -7.76 40.91 34.87
H42 LMT FA . -6.14 39.13 34.73
H41 LMT FA . -6.35 39.13 33.21
H52 LMT FA . -8.76 38.86 33.84
H51 LMT FA . -8.16 38.26 35.11
H62 LMT FA . -6.85 36.85 33.54
H61 LMT FA . -7.95 37.23 32.53
H72 LMT FA . -9.57 36.45 34.18
H71 LMT FA . -8.38 35.83 34.93
H82 LMT FA . -9.06 35.18 32.26
H81 LMT FA . -9.39 34.27 33.44
H92 LMT FA . -7.52 33.24 33.10
H91 LMT FA . -6.80 34.47 33.63
H102 LMT FA . -6.96 35.40 31.38
H101 LMT FA . -7.46 34.03 30.92
H112 LMT FA . -5.31 33.32 32.08
H111 LMT FA . -4.89 34.75 31.64
H123 LMT FA . -4.29 33.22 29.97
H122 LMT FA . -5.35 34.20 29.39
H121 LMT FA . -5.78 32.77 29.85
C1 LMT GA . -15.03 27.53 44.58
C2 LMT GA . -15.00 28.54 43.47
C3 LMT GA . -14.32 28.12 42.21
C4 LMT GA . -14.43 29.24 41.22
C5 LMT GA . -13.88 28.81 39.90
C6 LMT GA . -13.63 29.94 38.97
C7 LMT GA . -12.60 29.54 37.95
C8 LMT GA . -12.42 30.64 36.99
C9 LMT GA . -11.39 30.37 35.94
C10 LMT GA . -11.87 30.96 34.64
C11 LMT GA . -10.82 30.89 33.58
C12 LMT GA . -11.39 30.98 32.22
H22 LMT GA . -14.56 29.34 43.80
H21 LMT GA . -15.91 28.79 43.27
H32 LMT GA . -14.70 27.32 41.84
H31 LMT GA . -13.39 27.92 42.36
H42 LMT GA . -13.98 30.02 41.55
H41 LMT GA . -15.36 29.51 41.12
H52 LMT GA . -14.49 28.18 39.49
H51 LMT GA . -13.07 28.31 40.06
H62 LMT GA . -13.34 30.72 39.45
H61 LMT GA . -14.45 30.21 38.53
H72 LMT GA . -12.88 28.73 37.50
H71 LMT GA . -11.77 29.31 38.38
H82 LMT GA . -12.18 31.45 37.45
H81 LMT GA . -13.26 30.84 36.56
H92 LMT GA . -11.23 29.42 35.84
H91 LMT GA . -10.54 30.74 36.20
H102 LMT GA . -12.14 31.87 34.78
H101 LMT GA . -12.65 30.50 34.34
H112 LMT GA . -10.32 30.07 33.69
H111 LMT GA . -10.18 31.61 33.72
H123 LMT GA . -10.71 30.88 31.55
H122 LMT GA . -11.83 31.82 32.07
H121 LMT GA . -12.04 30.27 32.08
C1 LMT HA . -22.06 30.10 11.75
C2 LMT HA . -23.35 29.91 11.00
C3 LMT HA . -24.38 29.07 11.66
C4 LMT HA . -24.68 27.86 10.81
C5 LMT HA . -23.55 26.87 10.84
C6 LMT HA . -23.93 25.56 10.23
C7 LMT HA . -24.70 24.72 11.22
C8 LMT HA . -23.85 23.60 11.72
C9 LMT HA . -24.28 23.02 13.03
C10 LMT HA . -25.62 22.33 12.85
C11 LMT HA . -25.99 21.52 14.05
C12 LMT HA . -26.45 22.37 15.19
H22 LMT HA . -23.13 29.55 10.13
H21 LMT HA . -23.72 30.79 10.82
H32 LMT HA . -25.20 29.57 11.81
H31 LMT HA . -24.10 28.79 12.53
H42 LMT HA . -24.88 28.11 9.90
H41 LMT HA . -25.49 27.42 11.12
H52 LMT HA . -23.26 26.73 11.76
H51 LMT HA . -22.79 27.24 10.38
H62 LMT HA . -23.15 25.09 9.91
H61 LMT HA . -24.46 25.70 9.44
H72 LMT HA . -25.50 24.37 10.79
H71 LMT HA . -25.03 25.27 11.95
H82 LMT HA . -22.93 23.90 11.82
H81 LMT HA . -23.81 22.90 11.06
H92 LMT HA . -24.34 23.69 13.72
H91 LMT HA . -23.63 22.40 13.36
H102 LMT HA . -25.60 21.77 12.06
H101 LMT HA . -26.30 23.00 12.67
H112 LMT HA . -25.23 21.00 14.32
H111 LMT HA . -26.68 20.89 13.80
H123 LMT HA . -26.73 21.82 15.94
H122 LMT HA . -27.19 22.93 14.95
H121 LMT HA . -25.72 22.94 15.50
C1 LMT IA . -36.61 7.06 16.21
C2 LMT IA . -35.30 7.66 15.81
C3 LMT IA . -35.34 8.86 14.93
C4 LMT IA . -33.92 9.33 14.73
C5 LMT IA . -33.90 10.58 13.91
C6 LMT IA . -34.14 11.80 14.74
C7 LMT IA . -34.03 13.03 13.88
C8 LMT IA . -32.88 13.86 14.33
C9 LMT IA . -32.61 15.05 13.49
C10 LMT IA . -31.53 15.84 14.15
C11 LMT IA . -31.13 17.03 13.33
C12 LMT IA . -30.21 17.93 14.09
H22 LMT IA . -34.77 6.97 15.37
H21 LMT IA . -34.80 7.88 16.62
H32 LMT IA . -35.88 9.57 15.30
H31 LMT IA . -35.73 8.65 14.07
H42 LMT IA . -33.39 8.64 14.30
H41 LMT IA . -33.50 9.49 15.57
H52 LMT IA . -34.57 10.52 13.22
H51 LMT IA . -33.06 10.65 13.45
H62 LMT IA . -33.51 11.84 15.47
H61 LMT IA . -35.01 11.76 15.17
H72 LMT IA . -34.86 13.53 13.93
H71 LMT IA . -33.94 12.78 12.96
H82 LMT IA . -32.09 13.31 14.37
H81 LMT IA . -33.03 14.14 15.25
H92 LMT IA . -33.40 15.59 13.36
H91 LMT IA . -32.35 14.78 12.60
H102 LMT IA . -30.76 15.28 14.32
H101 LMT IA . -31.82 16.13 15.03
H112 LMT IA . -31.93 17.51 13.08
H111 LMT IA . -30.71 16.73 12.52
H123 LMT IA . -29.96 18.70 13.56
H122 LMT IA . -29.39 17.48 14.34
H121 LMT IA . -30.64 18.26 14.89
C1 LMT JA . -37.85 6.97 13.16
C2 LMT JA . -37.68 6.18 11.89
C3 LMT JA . -37.03 6.89 10.75
C4 LMT JA . -36.85 5.89 9.63
C5 LMT JA . -36.51 6.57 8.35
C6 LMT JA . -35.08 6.98 8.27
C7 LMT JA . -34.91 8.00 7.19
C8 LMT JA . -33.46 8.11 6.88
C9 LMT JA . -33.06 9.43 6.29
C10 LMT JA . -31.86 9.19 5.43
C11 LMT JA . -31.23 10.47 5.02
C12 LMT JA . -30.15 10.24 4.02
H22 LMT JA . -38.55 5.88 11.61
H21 LMT JA . -37.18 5.38 12.09
H32 LMT JA . -36.18 7.28 11.01
H31 LMT JA . -37.57 7.63 10.45
H42 LMT JA . -37.65 5.35 9.54
H41 LMT JA . -36.15 5.26 9.87
H52 LMT JA . -37.08 7.34 8.23
H51 LMT JA . -36.72 5.97 7.61
H62 LMT JA . -34.51 6.21 8.11
H61 LMT JA . -34.78 7.33 9.12
H72 LMT JA . -35.27 8.85 7.47
H71 LMT JA . -35.41 7.75 6.41
H82 LMT JA . -33.20 7.40 6.29
H81 LMT JA . -32.94 7.97 7.68
H92 LMT JA . -32.88 10.08 6.96
H91 LMT JA . -33.80 9.81 5.77
H102 LMT JA . -32.10 8.67 4.65
H101 LMT JA . -31.22 8.64 5.91
H112 LMT JA . -30.87 10.91 5.79
H111 LMT JA . -31.89 11.06 4.65
H123 LMT JA . -29.74 11.07 3.74
H122 LMT JA . -30.47 9.80 3.23
H121 LMT JA . -29.45 9.68 4.40
C1 LMT KA . 8.35 5.13 44.28
C2 LMT KA . 9.54 5.98 43.95
C3 LMT KA . 9.68 6.38 42.52
C4 LMT KA . 11.12 6.80 42.32
C5 LMT KA . 11.28 7.47 40.99
C6 LMT KA . 11.60 8.92 41.11
C7 LMT KA . 11.70 9.52 39.75
C8 LMT KA . 12.00 10.97 39.85
C9 LMT KA . 12.54 11.56 38.59
C10 LMT KA . 12.12 13.01 38.50
C11 LMT KA . 12.72 13.67 37.30
C12 LMT KA . 12.67 15.16 37.41
H22 LMT KA . 10.33 5.51 44.22
H21 LMT KA . 9.51 6.78 44.50
H32 LMT KA . 9.08 7.10 42.29
H31 LMT KA . 9.47 5.65 41.92
H42 LMT KA . 11.70 6.03 42.39
H41 LMT KA . 11.39 7.40 43.03
H52 LMT KA . 10.49 7.35 40.46
H51 LMT KA . 11.98 7.01 40.50
H62 LMT KA . 12.42 9.05 41.60
H61 LMT KA . 10.93 9.38 41.63
H72 LMT KA . 10.88 9.37 39.25
H71 LMT KA . 12.38 9.06 39.23
H82 LMT KA . 12.63 11.12 40.57
H81 LMT KA . 11.20 11.45 40.11
H92 LMT KA . 12.23 11.08 37.81
H91 LMT KA . 13.50 11.48 38.55
H102 LMT KA . 12.37 13.48 39.31
H101 LMT KA . 11.16 13.07 38.46
H112 LMT KA . 12.24 13.38 36.51
H111 LMT KA . 13.64 13.37 37.19
H123 LMT KA . 12.96 15.58 36.58
H122 LMT KA . 13.27 15.48 38.11
H121 LMT KA . 11.78 15.46 37.61
C1 LMT LA . 13.20 -1.87 43.73
C2 LMT LA . 13.55 -0.45 44.09
C3 LMT LA . 14.41 0.28 43.10
C4 LMT LA . 14.48 1.72 43.55
C5 LMT LA . 15.41 2.48 42.66
C6 LMT LA . 15.34 3.96 42.86
C7 LMT LA . 15.75 4.65 41.60
C8 LMT LA . 15.87 6.12 41.85
C9 LMT LA . 16.26 6.90 40.64
C10 LMT LA . 16.51 8.32 41.06
C11 LMT LA . 16.93 9.17 39.89
C12 LMT LA . 16.90 10.62 40.22
H22 LMT LA . 14.01 -0.46 44.94
H21 LMT LA . 12.74 0.03 44.23
H32 LMT LA . 14.05 0.23 42.21
H31 LMT LA . 15.30 -0.09 43.05
H42 LMT LA . 14.76 1.77 44.47
H41 LMT LA . 13.60 2.12 43.53
H52 LMT LA . 15.22 2.26 41.74
H51 LMT LA . 16.31 2.17 42.81
H62 LMT LA . 15.90 4.23 43.60
H61 LMT LA . 14.45 4.23 43.11
H72 LMT LA . 15.11 4.47 40.90
H71 LMT LA . 16.59 4.28 41.27
H82 LMT LA . 16.51 6.27 42.55
H81 LMT LA . 15.03 6.46 42.18
H92 LMT LA . 15.58 6.87 39.95
H91 LMT LA . 17.05 6.51 40.21
H102 LMT LA . 17.20 8.34 41.74
H101 LMT LA . 15.72 8.67 41.48
H112 LMT LA . 16.34 8.98 39.15
H111 LMT LA . 17.81 8.91 39.61
H123 LMT LA . 17.10 11.16 39.46
H122 LMT LA . 17.54 10.84 40.91
H121 LMT LA . 16.02 10.88 40.54
C1 LMT MA . 26.16 13.00 18.46
C2 LMT MA . 25.89 11.74 19.22
C3 LMT MA . 24.75 10.90 18.74
C4 LMT MA . 24.72 9.66 19.58
C5 LMT MA . 23.56 8.80 19.20
C6 LMT MA . 23.95 7.39 18.91
C7 LMT MA . 24.28 6.66 20.18
C8 LMT MA . 24.51 5.22 19.85
C9 LMT MA . 24.74 4.33 21.02
C10 LMT MA . 24.79 2.92 20.49
C11 LMT MA . 25.22 1.94 21.53
C12 LMT MA . 25.42 0.58 20.97
H22 LMT MA . 25.74 11.96 20.15
H21 LMT MA . 26.70 11.20 19.20
H32 LMT MA . 24.83 10.68 17.81
H31 LMT MA . 23.90 11.39 18.82
H42 LMT MA . 24.69 9.90 20.52
H41 LMT MA . 25.54 9.17 19.48
H52 LMT MA . 23.11 9.19 18.43
H51 LMT MA . 22.91 8.82 19.91
H62 LMT MA . 24.71 7.37 18.30
H61 LMT MA . 23.25 6.94 18.43
H72 LMT MA . 23.55 6.74 20.80
H71 LMT MA . 25.04 7.05 20.61
H82 LMT MA . 25.28 5.17 19.25
H81 LMT MA . 23.78 4.88 19.32
H92 LMT MA . 24.04 4.42 21.68
H91 LMT MA . 25.56 4.56 21.48
H102 LMT MA . 25.38 2.87 19.72
H101 LMT MA . 23.92 2.67 20.14
H112 LMT MA . 24.56 1.92 22.23
H111 LMT MA . 26.05 2.25 21.95
H123 LMT MA . 25.75 -0.04 21.64
H122 LMT MA . 26.06 0.58 20.24
H121 LMT MA . 24.58 0.23 20.63
C1 LMT NA . 24.49 17.20 18.26
C2 LMT NA . 24.33 16.01 19.15
C3 LMT NA . 23.08 15.95 19.95
C4 LMT NA . 22.97 14.57 20.55
C5 LMT NA . 21.95 14.57 21.63
C6 LMT NA . 21.11 13.33 21.68
C7 LMT NA . 21.87 12.20 22.34
C8 LMT NA . 20.90 11.10 22.61
C9 LMT NA . 21.53 9.83 23.07
C10 LMT NA . 20.54 8.74 22.81
C11 LMT NA . 20.83 7.50 23.59
C12 LMT NA . 19.77 6.49 23.41
H22 LMT NA . 25.08 15.98 19.76
H21 LMT NA . 24.41 15.21 18.63
H32 LMT NA . 22.30 16.14 19.42
H31 LMT NA . 23.07 16.61 20.65
H42 LMT NA . 23.83 14.29 20.88
H41 LMT NA . 22.75 13.92 19.86
H52 LMT NA . 21.37 15.33 21.53
H51 LMT NA . 22.38 14.69 22.46
H62 LMT NA . 20.82 13.07 20.79
H61 LMT NA . 20.29 13.49 22.16
H72 LMT NA . 22.30 12.50 23.15
H71 LMT NA . 22.59 11.90 21.76
H82 LMT NA . 20.38 10.92 21.82
H81 LMT NA . 20.26 11.39 23.27
H92 LMT NA . 21.75 9.86 24.01
H91 LMT NA . 22.36 9.66 22.62
H102 LMT NA . 20.52 8.53 21.87
H101 LMT NA . 19.64 9.05 23.01
H112 LMT NA . 20.92 7.73 24.52
H111 LMT NA . 21.68 7.13 23.31
H123 LMT NA . 19.95 5.68 23.92
H122 LMT NA . 19.67 6.22 22.48
H121 LMT NA . 18.91 6.83 23.72
C1B LMT OA . -3.28 -13.83 9.40
C2B LMT OA . -2.34 -15.06 9.38
C3B LMT OA . -2.57 -15.95 10.61
C4B LMT OA . -4.06 -16.37 10.78
C5B LMT OA . -4.95 -15.47 9.90
C6B LMT OA . -6.38 -15.59 10.40
O1B LMT OA . -3.30 -13.20 8.13
O2B LMT OA . -2.55 -15.73 8.20
O3B LMT OA . -2.06 -15.40 11.75
O4' LMT OA . -4.22 -17.69 10.38
O5B LMT OA . -4.57 -14.12 9.85
O6B LMT OA . -6.72 -16.90 10.60
C1' LMT OA . -0.89 -10.57 5.84
C2' LMT OA . -0.44 -12.06 5.90
C3' LMT OA . -1.40 -13.02 6.68
C4' LMT OA . -2.20 -12.36 7.81
C5' LMT OA . -2.70 -11.05 7.17
C6' LMT OA . -3.78 -10.34 7.90
O1' LMT OA . 0.21 -9.76 5.82
O2' LMT OA . -0.38 -12.51 4.61
O3' LMT OA . -0.67 -14.05 7.19
O5' LMT OA . -1.62 -10.20 6.99
O6' LMT OA . -4.18 -9.32 7.07
C1 LMT OA . 0.71 -9.47 4.53
C2 LMT OA . 1.73 -8.40 4.76
C3 LMT OA . 1.40 -7.06 4.23
C4 LMT OA . 2.05 -6.01 5.11
C5 LMT OA . 3.53 -6.13 5.08
C6 LMT OA . 4.19 -4.80 5.32
C7 LMT OA . 5.65 -4.98 5.49
C8 LMT OA . 6.30 -3.65 5.44
C9 LMT OA . 7.57 -3.52 6.21
C10 LMT OA . 8.08 -2.13 5.99
C11 LMT OA . 9.41 -1.92 6.62
C12 LMT OA . 9.79 -0.48 6.60
H1B LMT OA . -2.96 -13.28 10.06
H2B LMT OA . -1.45 -14.71 9.47
H3B LMT OA . -2.06 -16.77 10.43
H4B LMT OA . -4.31 -16.21 11.69
H5B LMT OA . -4.92 -15.82 9.03
H6'2 LMT OA . -6.95 -15.13 9.78
H6'1 LMT OA . -6.48 -15.05 11.19
H2O1 LMT OA . -1.97 -15.44 7.66
H3O1 LMT OA . -2.68 -14.93 12.09
H4O1 LMT OA . -4.99 -17.75 10.03
H6B LMT OA . -7.57 -16.93 10.52
H1' LMT OA . -1.45 -10.46 5.06
H2' LMT OA . 0.41 -12.07 6.36
H3' LMT OA . -2.06 -13.32 6.04
H4' LMT OA . -1.62 -12.17 8.55
H5' LMT OA . -3.08 -11.32 6.33
H6D LMT OA . -3.44 -10.00 8.73
H6E LMT OA . -4.47 -10.96 8.18
H2O2 LMT OA . 0.05 -13.24 4.62
H6' LMT OA . -3.48 -8.90 6.88
H12 LMT OA . 0.05 -9.17 3.89
H11 LMT OA . 1.09 -10.26 4.13
H22 LMT OA . 2.56 -8.69 4.37
H21 LMT OA . 1.90 -8.35 5.71
H32 LMT OA . 0.45 -6.90 4.20
H31 LMT OA . 1.71 -6.95 3.33
H42 LMT OA . 1.72 -6.08 6.00
H41 LMT OA . 1.79 -5.13 4.82
H52 LMT OA . 3.82 -6.48 4.24
H51 LMT OA . 3.82 -6.76 5.75
H62 LMT OA . 3.81 -4.38 6.09
H61 LMT OA . 4.01 -4.21 4.59
H72 LMT OA . 6.01 -5.55 4.81
H71 LMT OA . 5.85 -5.42 6.31
H82 LMT OA . 5.67 -2.98 5.75
H81 LMT OA . 6.46 -3.42 4.52
H92 LMT OA . 8.21 -4.17 5.93
H91 LMT OA . 7.41 -3.69 7.14
H102 LMT OA . 7.45 -1.51 6.34
H101 LMT OA . 8.13 -1.94 5.06
H112 LMT OA . 10.05 -2.45 6.15
H111 LMT OA . 9.39 -2.24 7.52
H123 LMT OA . 10.62 -0.33 7.07
H122 LMT OA . 9.13 0.07 7.01
H121 LMT OA . 9.92 -0.18 5.69
C1 LMT PA . -21.09 -16.71 -2.21
C2 LMT PA . -20.50 -15.34 -2.10
C3 LMT PA . -20.86 -14.37 -3.17
C4 LMT PA . -20.21 -13.05 -2.83
C5 LMT PA . -20.43 -12.05 -3.92
C6 LMT PA . -19.43 -10.94 -3.88
C7 LMT PA . -19.58 -10.04 -5.06
C8 LMT PA . -18.37 -9.19 -5.18
C9 LMT PA . -18.40 -8.23 -6.33
C10 LMT PA . -18.63 -6.85 -5.77
C11 LMT PA . -18.90 -5.85 -6.86
C12 LMT PA . -19.28 -4.53 -6.29
H22 LMT PA . -19.52 -15.43 -2.08
H21 LMT PA . -20.75 -14.98 -1.24
H32 LMT PA . -21.81 -14.26 -3.26
H31 LMT PA . -20.55 -14.68 -4.04
H42 LMT PA . -19.25 -13.19 -2.68
H41 LMT PA . -20.55 -12.71 -1.99
H52 LMT PA . -21.33 -11.70 -3.85
H51 LMT PA . -20.40 -12.49 -4.78
H62 LMT PA . -18.54 -11.29 -3.83
H61 LMT PA . -19.54 -10.44 -3.05
H72 LMT PA . -20.38 -9.50 -4.97
H71 LMT PA . -19.73 -10.56 -5.86
H82 LMT PA . -17.60 -9.75 -5.29
H81 LMT PA . -18.22 -8.71 -4.36
H92 LMT PA . -19.09 -8.45 -6.96
H91 LMT PA . -17.58 -8.26 -6.83
H102 LMT PA . -17.87 -6.57 -5.25
H101 LMT PA . -19.37 -6.87 -5.14
H112 LMT PA . -19.61 -6.19 -7.41
H111 LMT PA . -18.12 -5.77 -7.41
H123 LMT PA . -19.57 -3.92 -6.98
H122 LMT PA . -18.53 -4.10 -5.84
H121 LMT PA . -20.00 -4.62 -5.66
C1 LMT QA . -14.58 7.16 -16.82
C2 LMT QA . -14.73 5.70 -16.52
C3 LMT QA . -16.06 5.10 -16.82
C4 LMT QA . -16.06 3.71 -16.26
C5 LMT QA . -17.31 3.00 -16.65
C6 LMT QA . -17.60 1.82 -15.80
C7 LMT QA . -18.95 1.30 -16.14
C8 LMT QA . -19.07 -0.13 -15.76
C9 LMT QA . -18.95 -0.40 -14.30
C10 LMT QA . -19.71 -1.67 -14.03
C11 LMT QA . -19.42 -2.19 -12.67
C12 LMT QA . -20.06 -3.52 -12.43
H22 LMT QA . -14.54 5.57 -15.58
H21 LMT QA . -14.05 5.22 -17.00
H32 LMT QA . -16.24 5.08 -17.76
H31 LMT QA . -16.77 5.61 -16.43
H42 LMT QA . -15.97 3.74 -15.30
H41 LMT QA . -15.29 3.23 -16.57
H52 LMT QA . -17.25 2.74 -17.58
H51 LMT QA . -18.05 3.62 -16.61
H62 LMT QA . -17.53 2.03 -14.87
H61 LMT QA . -16.94 1.13 -15.95
H72 LMT QA . -19.14 1.42 -17.07
H71 LMT QA . -19.62 1.82 -15.69
H82 LMT QA . -18.41 -0.64 -16.23
H81 LMT QA . -19.91 -0.48 -16.08
H92 LMT QA . -19.29 0.32 -13.78
H91 LMT QA . -18.03 -0.49 -14.05
H102 LMT QA . -19.49 -2.33 -14.70
H101 LMT QA . -20.66 -1.51 -14.14
H112 LMT QA . -19.75 -1.55 -12.02
H111 LMT QA . -18.48 -2.25 -12.55
H123 LMT QA . -19.81 -3.88 -11.58
H122 LMT QA . -19.80 -4.17 -13.11
H121 LMT QA . -21.02 -3.43 -12.45
C1 LMT RA . -15.82 2.97 -21.55
C2 LMT RA . -15.95 1.55 -21.10
C3 LMT RA . -17.04 0.75 -21.73
C4 LMT RA . -17.01 -0.62 -21.10
C5 LMT RA . -18.01 -1.52 -21.75
C6 LMT RA . -18.65 -2.46 -20.79
C7 LMT RA . -19.75 -1.76 -20.03
C8 LMT RA . -20.13 -2.60 -18.87
C9 LMT RA . -21.54 -2.42 -18.43
C10 LMT RA . -21.75 -3.19 -17.17
C11 LMT RA . -23.21 -3.29 -16.81
C12 LMT RA . -23.43 -4.23 -15.68
H22 LMT RA . -16.10 1.55 -20.14
H21 LMT RA . -15.11 1.09 -21.23
H32 LMT RA . -16.94 0.68 -22.68
H31 LMT RA . -17.91 1.15 -21.59
H42 LMT RA . -17.18 -0.55 -20.16
H41 LMT RA . -16.14 -0.99 -21.18
H52 LMT RA . -17.60 -2.01 -22.46
H51 LMT RA . -18.70 -0.98 -22.18
H62 LMT RA . -18.00 -2.81 -20.18
H61 LMT RA . -19.00 -3.22 -21.25
H72 LMT RA . -20.50 -1.61 -20.61
H71 LMT RA . -19.46 -0.88 -19.75
H82 LMT RA . -19.54 -2.39 -18.12
H81 LMT RA . -19.96 -3.52 -19.06
H92 LMT RA . -22.17 -2.71 -19.12
H91 LMT RA . -21.75 -1.48 -18.31
H102 LMT RA . -21.26 -2.78 -16.43
H101 LMT RA . -21.37 -4.07 -17.25
H112 LMT RA . -23.70 -3.58 -17.59
H111 LMT RA . -23.55 -2.41 -16.59
H123 LMT RA . -24.39 -4.35 -15.52
H122 LMT RA . -23.04 -3.92 -14.86
H121 LMT RA . -23.06 -5.10 -15.89
C1 LMT SA . 14.57 -19.13 6.74
C2 LMT SA . 14.08 -18.74 5.38
C3 LMT SA . 13.99 -17.27 5.09
C4 LMT SA . 14.52 -17.04 3.70
C5 LMT SA . 14.32 -15.63 3.27
C6 LMT SA . 15.01 -15.36 1.98
C7 LMT SA . 14.34 -14.26 1.22
C8 LMT SA . 14.96 -14.17 -0.13
C9 LMT SA . 14.76 -12.88 -0.83
C10 LMT SA . 15.47 -12.93 -2.15
C11 LMT SA . 16.95 -12.76 -2.04
C12 LMT SA . 17.69 -13.99 -2.44
H22 LMT SA . 13.20 -19.12 5.26
H21 LMT SA . 14.65 -19.16 4.73
H32 LMT SA . 14.51 -16.75 5.73
H31 LMT SA . 13.09 -16.94 5.16
H42 LMT SA . 14.07 -17.66 3.08
H41 LMT SA . 15.45 -17.28 3.65
H52 LMT SA . 14.66 -15.05 3.96
H51 LMT SA . 13.38 -15.45 3.19
H62 LMT SA . 15.04 -16.16 1.44
H61 LMT SA . 15.94 -15.14 2.14
H72 LMT SA . 14.43 -13.43 1.69
H71 LMT SA . 13.39 -14.41 1.15
H82 LMT SA . 14.61 -14.89 -0.67
H81 LMT SA . 15.90 -14.36 -0.06
H92 LMT SA . 15.07 -12.14 -0.30
H91 LMT SA . 13.82 -12.72 -0.96
H102 LMT SA . 15.11 -12.25 -2.74
H101 LMT SA . 15.27 -13.76 -2.60
H112 LMT SA . 17.17 -12.51 -1.13
H111 LMT SA . 17.23 -12.02 -2.59
H123 LMT SA . 18.64 -13.91 -2.26
H122 LMT SA . 17.58 -14.19 -3.38
H121 LMT SA . 17.36 -14.75 -1.94
C1 LMT TA . 26.99 0.92 -7.63
C2 LMT TA . 26.93 -0.17 -6.60
C3 LMT TA . 25.57 -0.51 -6.08
C4 LMT TA . 25.73 -1.60 -5.05
C5 LMT TA . 24.40 -2.07 -4.58
C6 LMT TA . 24.52 -3.15 -3.56
C7 LMT TA . 23.34 -4.08 -3.60
C8 LMT TA . 23.43 -5.01 -4.76
C9 LMT TA . 22.91 -6.38 -4.50
C10 LMT TA . 22.77 -7.05 -5.85
C11 LMT TA . 22.58 -8.52 -5.73
C12 LMT TA . 22.88 -9.20 -7.02
H22 LMT TA . 27.49 0.09 -5.85
H21 LMT TA . 27.34 -0.97 -6.97
H32 LMT TA . 24.97 -0.80 -6.78
H31 LMT TA . 25.14 0.26 -5.68
H42 LMT TA . 26.27 -1.27 -4.31
H41 LMT TA . 26.23 -2.33 -5.41
H52 LMT TA . 23.88 -2.36 -5.33
H51 LMT TA . 23.91 -1.32 -4.22
H62 LMT TA . 24.61 -2.77 -2.68
H61 LMT TA . 25.35 -3.64 -3.67
H72 LMT TA . 22.51 -3.56 -3.64
H71 LMT TA . 23.27 -4.58 -2.77
H82 LMT TA . 24.33 -5.06 -5.08
H81 LMT TA . 22.93 -4.63 -5.50
H92 LMT TA . 22.07 -6.37 -4.03
H91 LMT TA . 23.52 -6.87 -3.93
H102 LMT TA . 23.54 -6.86 -6.40
H101 LMT TA . 22.02 -6.66 -6.32
H112 LMT TA . 21.69 -8.70 -5.46
H111 LMT TA . 23.17 -8.87 -5.04
H123 LMT TA . 22.75 -10.15 -6.95
H122 LMT TA . 23.78 -9.05 -7.31
H121 LMT TA . 22.28 -8.87 -7.71
C1 LMT UA . 21.82 5.48 1.41
C2 LMT UA . 22.10 4.47 0.33
C3 LMT UA . 22.39 3.08 0.79
C4 LMT UA . 22.56 2.21 -0.44
C5 LMT UA . 22.82 0.80 -0.07
C6 LMT UA . 21.79 -0.14 -0.62
C7 LMT UA . 22.16 -1.56 -0.31
C8 LMT UA . 20.97 -2.43 -0.47
C9 LMT UA . 21.27 -3.90 -0.53
C10 LMT UA . 20.78 -4.53 0.75
C11 LMT UA . 21.24 -5.95 0.86
C12 LMT UA . 20.36 -6.76 1.75
H22 LMT UA . 22.86 4.78 -0.18
H21 LMT UA . 21.35 4.46 -0.27
H32 LMT UA . 21.67 2.73 1.34
H31 LMT UA . 23.18 3.04 1.33
H42 LMT UA . 23.28 2.56 -0.99
H41 LMT UA . 21.78 2.27 -1.01
H52 LMT UA . 22.85 0.71 0.90
H51 LMT UA . 23.69 0.54 -0.38
H62 LMT UA . 21.69 -0.01 -1.58
H61 LMT UA . 20.91 0.06 -0.26
H72 LMT UA . 22.52 -1.62 0.59
H71 LMT UA . 22.89 -1.84 -0.88
H82 LMT UA . 20.51 -2.18 -1.29
H81 LMT UA . 20.34 -2.26 0.24
H92 LMT UA . 22.21 -4.06 -0.65
H91 LMT UA . 20.84 -4.30 -1.29
H102 LMT UA . 19.82 -4.49 0.79
H101 LMT UA . 21.08 -4.02 1.51
H112 LMT UA . 22.15 -5.96 1.20
H111 LMT UA . 21.28 -6.35 -0.01
H123 LMT UA . 20.66 -7.68 1.79
H122 LMT UA . 19.44 -6.75 1.45
H121 LMT UA . 20.38 -6.41 2.67
C1 LMT VA . 29.68 -12.59 -32.58
C2 LMT VA . 28.91 -13.00 -31.36
C3 LMT VA . 28.80 -14.46 -31.10
C4 LMT VA . 28.13 -14.66 -29.76
C5 LMT VA . 27.40 -15.97 -29.76
C6 LMT VA . 27.14 -16.48 -28.38
C7 LMT VA . 26.32 -15.50 -27.59
C8 LMT VA . 25.56 -16.24 -26.54
C9 LMT VA . 25.22 -15.43 -25.33
C10 LMT VA . 26.25 -15.73 -24.28
C11 LMT VA . 26.17 -14.80 -23.12
C12 LMT VA . 27.38 -14.88 -22.28
H22 LMT VA . 28.02 -12.63 -31.43
H21 LMT VA . 29.31 -12.58 -30.59
H32 LMT VA . 29.66 -14.89 -31.12
H31 LMT VA . 28.29 -14.90 -31.79
H42 LMT VA . 27.53 -13.92 -29.58
H41 LMT VA . 28.79 -14.64 -29.05
H52 LMT VA . 27.92 -16.61 -30.25
H51 LMT VA . 26.58 -15.86 -30.23
H62 LMT VA . 27.97 -16.67 -27.92
H61 LMT VA . 26.70 -17.34 -28.43
H72 LMT VA . 25.72 -15.03 -28.16
H71 LMT VA . 26.88 -14.82 -27.21
H82 LMT VA . 26.05 -17.02 -26.27
H81 LMT VA . 24.75 -16.59 -26.92
H92 LMT VA . 24.33 -15.64 -25.00
H91 LMT VA . 25.20 -14.49 -25.54
H102 LMT VA . 27.14 -15.70 -24.66
H101 LMT VA . 26.15 -16.65 -23.97
H112 LMT VA . 25.39 -15.01 -22.60
H111 LMT VA . 26.05 -13.89 -23.43
H123 LMT VA . 27.26 -14.43 -21.42
H122 LMT VA . 28.16 -14.48 -22.71
H121 LMT VA . 27.61 -15.81 -22.08
C1 LMT WA . 13.71 -6.01 -52.51
C2 LMT WA . 13.07 -6.24 -51.19
C3 LMT WA . 13.94 -6.85 -50.12
C4 LMT WA . 13.10 -6.99 -48.88
C5 LMT WA . 13.90 -7.62 -47.78
C6 LMT WA . 13.05 -7.93 -46.60
C7 LMT WA . 12.49 -9.31 -46.73
C8 LMT WA . 11.45 -9.52 -45.68
C9 LMT WA . 10.08 -9.80 -46.23
C10 LMT WA . 9.11 -9.75 -45.09
C11 LMT WA . 7.91 -10.60 -45.35
C12 LMT WA . 7.22 -10.21 -46.62
H22 LMT WA . 12.30 -6.82 -51.31
H21 LMT WA . 12.71 -5.40 -50.86
H32 LMT WA . 14.72 -6.31 -49.95
H31 LMT WA . 14.27 -7.71 -50.40
H42 LMT WA . 12.31 -7.49 -49.06
H41 LMT WA . 12.79 -6.12 -48.59
H52 LMT WA . 14.63 -7.05 -47.53
H51 LMT WA . 14.30 -8.44 -48.12
H62 LMT WA . 12.35 -7.28 -46.52
H61 LMT WA . 13.56 -7.84 -45.79
H72 LMT WA . 13.20 -9.96 -46.65
H71 LMT WA . 12.13 -9.44 -47.61
H82 LMT WA . 11.41 -8.77 -45.09
H81 LMT WA . 11.72 -10.26 -45.12
H92 LMT WA . 10.04 -10.66 -46.68
H91 LMT WA . 9.85 -9.16 -46.91
H102 LMT WA . 8.84 -8.84 -44.93
H101 LMT WA . 9.55 -10.02 -44.27
H112 LMT WA . 7.29 -10.52 -44.60
H111 LMT WA . 8.16 -11.53 -45.38
H123 LMT WA . 6.30 -10.50 -46.62
H122 LMT WA . 7.66 -10.60 -47.39
H121 LMT WA . 7.24 -9.25 -46.72
C1 LMT XA . 8.45 -29.44 -42.64
C2 LMT XA . 9.42 -28.32 -42.86
C3 LMT XA . 9.01 -26.98 -42.38
C4 LMT XA . 10.12 -26.01 -42.68
C5 LMT XA . 9.74 -24.63 -42.27
C6 LMT XA . 10.79 -23.63 -42.64
C7 LMT XA . 10.17 -22.39 -43.20
C8 LMT XA . 11.25 -21.49 -43.68
C9 LMT XA . 10.77 -20.22 -44.32
C10 LMT XA . 10.61 -19.19 -43.25
C11 LMT XA . 11.84 -18.36 -43.08
C12 LMT XA . 11.93 -17.76 -41.73
H22 LMT XA . 9.59 -28.25 -43.82
H21 LMT XA . 10.26 -28.55 -42.46
H32 LMT XA . 8.82 -26.97 -41.43
H31 LMT XA . 8.19 -26.67 -42.79
H42 LMT XA . 10.33 -26.04 -43.62
H41 LMT XA . 10.93 -26.28 -42.23
H52 LMT XA . 9.59 -24.62 -41.32
H51 LMT XA . 8.89 -24.41 -42.67
H62 LMT XA . 11.41 -24.01 -43.27
H61 LMT XA . 11.33 -23.43 -41.87
H72 LMT XA . 9.63 -21.95 -42.52
H71 LMT XA . 9.56 -22.60 -43.91
H82 LMT XA . 11.80 -21.97 -44.32
H81 LMT XA . 11.85 -21.27 -42.96
H92 LMT XA . 9.92 -20.36 -44.79
H91 LMT XA . 11.38 -19.92 -45.00
H102 LMT XA . 10.37 -19.60 -42.41
H101 LMT XA . 9.86 -18.61 -43.45
H112 LMT XA . 11.86 -17.67 -43.76
H111 LMT XA . 12.62 -18.91 -43.25
H123 LMT XA . 12.70 -17.19 -41.63
H122 LMT XA . 11.98 -18.43 -41.03
H121 LMT XA . 11.15 -17.22 -41.56
C1 LMT YA . 4.10 -32.27 -41.04
C2 LMT YA . 4.80 -31.01 -41.43
C3 LMT YA . 3.94 -29.80 -41.59
C4 LMT YA . 4.81 -28.69 -42.13
C5 LMT YA . 4.03 -27.41 -42.19
C6 LMT YA . 4.86 -26.29 -42.70
C7 LMT YA . 4.44 -25.02 -42.02
C8 LMT YA . 5.07 -23.85 -42.70
C9 LMT YA . 4.60 -22.53 -42.19
C10 LMT YA . 5.51 -22.10 -41.07
C11 LMT YA . 6.66 -21.27 -41.54
C12 LMT YA . 7.29 -20.52 -40.42
H22 LMT YA . 5.27 -31.16 -42.25
H21 LMT YA . 5.48 -30.81 -40.76
H32 LMT YA . 3.53 -29.53 -40.76
H31 LMT YA . 3.20 -29.96 -42.21
H42 LMT YA . 5.15 -28.92 -43.00
H41 LMT YA . 5.59 -28.58 -41.56
H52 LMT YA . 3.69 -27.20 -41.32
H51 LMT YA . 3.26 -27.54 -42.76
H62 LMT YA . 4.77 -26.20 -43.66
H61 LMT YA . 5.80 -26.45 -42.55
H72 LMT YA . 4.68 -25.04 -41.08
H71 LMT YA . 3.48 -24.94 -42.02
H82 LMT YA . 4.89 -23.90 -43.64
H81 LMT YA . 6.03 -23.91 -42.62
H92 LMT YA . 3.69 -22.58 -41.87
H91 LMT YA . 4.57 -21.87 -42.90
H102 LMT YA . 5.84 -22.87 -40.59
H101 LMT YA . 5.00 -21.60 -40.41
H112 LMT YA . 6.36 -20.65 -42.21
H111 LMT YA . 7.32 -21.83 -41.97
H123 LMT YA . 7.99 -19.93 -40.74
H122 LMT YA . 7.68 -21.12 -39.78
H121 LMT YA . 6.63 -19.97 -39.97
C1 LMT ZA . -1.27 -27.27 -42.53
C2 LMT ZA . -0.63 -25.98 -42.10
C3 LMT ZA . -0.87 -24.80 -42.98
C4 LMT ZA . -0.10 -23.64 -42.41
C5 LMT ZA . -0.42 -22.39 -43.14
C6 LMT ZA . 0.39 -21.23 -42.67
C7 LMT ZA . 0.46 -20.17 -43.72
C8 LMT ZA . 0.60 -18.84 -43.08
C9 LMT ZA . -0.69 -18.17 -42.73
C10 LMT ZA . -0.38 -16.96 -41.90
C11 LMT ZA . -1.62 -16.22 -41.51
C12 LMT ZA . -1.34 -15.26 -40.39
H22 LMT ZA . 0.32 -26.11 -42.03
H21 LMT ZA . -0.93 -25.77 -41.21
H32 LMT ZA . -1.80 -24.57 -43.04
H31 LMT ZA . -0.59 -24.96 -43.88
H42 LMT ZA . 0.85 -23.84 -42.43
H41 LMT ZA . -0.29 -23.54 -41.47
H52 LMT ZA . -1.35 -22.18 -43.03
H51 LMT ZA . -0.28 -22.53 -44.08
H62 LMT ZA . 1.29 -21.52 -42.43
H61 LMT ZA . 0.04 -20.88 -41.84
H72 LMT ZA . -0.34 -20.20 -44.27
H71 LMT ZA . 1.18 -20.35 -44.32
H82 LMT ZA . 1.10 -18.26 -43.66
H81 LMT ZA . 1.15 -18.92 -42.28
H92 LMT ZA . -1.28 -18.77 -42.25
H91 LMT ZA . -1.18 -17.93 -43.53
H102 LMT ZA . 0.21 -16.36 -42.39
H101 LMT ZA . 0.11 -17.22 -41.12
H112 LMT ZA . -2.29 -16.85 -41.23
H111 LMT ZA . -1.97 -15.74 -42.26
H123 LMT ZA . -2.13 -14.76 -40.16
H122 LMT ZA . -0.65 -14.64 -40.63
H121 LMT ZA . -1.06 -15.74 -39.60
C1 LMT AB . -13.25 -25.29 -36.65
C2 LMT AB . -13.35 -23.80 -36.70
C3 LMT AB . -12.51 -23.12 -37.74
C4 LMT AB . -12.51 -21.64 -37.43
C5 LMT AB . -11.75 -20.90 -38.48
C6 LMT AB . -11.48 -19.50 -38.08
C7 LMT AB . -10.74 -18.77 -39.17
C8 LMT AB . -9.27 -19.08 -39.13
C9 LMT AB . -8.42 -17.91 -39.51
C10 LMT AB . -6.98 -18.33 -39.44
C11 LMT AB . -6.08 -17.15 -39.60
C12 LMT AB . -5.88 -16.44 -38.30
H22 LMT AB . -13.09 -23.45 -35.83
H21 LMT AB . -14.27 -23.54 -36.83
H32 LMT AB . -12.85 -23.27 -38.63
H31 LMT AB . -11.60 -23.45 -37.74
H42 LMT AB . -12.13 -21.48 -36.56
H41 LMT AB . -13.41 -21.31 -37.39
H52 LMT AB . -12.24 -20.92 -39.31
H51 LMT AB . -10.92 -21.36 -38.67
H62 LMT AB . -11.01 -19.45 -37.24
H61 LMT AB . -12.31 -19.04 -37.89
H72 LMT AB . -10.88 -17.81 -39.09
H71 LMT AB . -11.10 -18.99 -40.03
H82 LMT AB . -9.08 -19.81 -39.72
H81 LMT AB . -9.01 -19.39 -38.25
H92 LMT AB . -8.57 -17.15 -38.92
H91 LMT AB . -8.64 -17.58 -40.38
H102 LMT AB . -6.80 -18.98 -40.13
H101 LMT AB . -6.81 -18.79 -38.61
H112 LMT AB . -6.45 -16.56 -40.26
H111 LMT AB . -5.22 -17.44 -39.94
H123 LMT AB . -5.21 -15.74 -38.38
H122 LMT AB . -5.60 -17.03 -37.60
H121 LMT AB . -6.71 -16.02 -38.02
C1 LMT BB . 28.46 -29.25 -16.35
C2 LMT BB . 28.56 -27.79 -16.66
C3 LMT BB . 28.44 -27.40 -18.09
C4 LMT BB . 28.29 -25.91 -18.15
C5 LMT BB . 28.20 -25.46 -19.58
C6 LMT BB . 28.14 -23.98 -19.70
C7 LMT BB . 27.23 -23.54 -20.82
C8 LMT BB . 27.92 -23.72 -22.13
C9 LMT BB . 28.53 -22.47 -22.70
C10 LMT BB . 27.44 -21.58 -23.23
C11 LMT BB . 28.00 -20.54 -24.14
C12 LMT BB . 28.12 -21.04 -25.55
H22 LMT BB . 29.40 -27.45 -16.32
H21 LMT BB . 27.87 -27.32 -16.16
H32 LMT BB . 27.69 -27.84 -18.53
H31 LMT BB . 29.23 -27.68 -18.59
H42 LMT BB . 29.03 -25.48 -17.70
H41 LMT BB . 27.50 -25.63 -17.68
H52 LMT BB . 27.43 -25.87 -20.00
H51 LMT BB . 28.95 -25.80 -20.07
H62 LMT BB . 29.03 -23.61 -19.84
H61 LMT BB . 27.86 -23.58 -18.87
H72 LMT BB . 26.99 -22.62 -20.69
H71 LMT BB . 26.40 -24.03 -20.78
H82 LMT BB . 27.29 -24.10 -22.76
H81 LMT BB . 28.61 -24.39 -22.05
H92 LMT BB . 29.16 -22.68 -23.40
H91 LMT BB . 29.05 -22.02 -22.02
H102 LMT BB . 26.98 -21.16 -22.50
H101 LMT BB . 26.77 -22.10 -23.69
H112 LMT BB . 28.86 -20.27 -23.81
H111 LMT BB . 27.44 -19.76 -24.12
H123 LMT BB . 28.53 -20.38 -26.12
H122 LMT BB . 27.26 -21.26 -25.92
H121 LMT BB . 28.67 -21.83 -25.57
C1 LMT CB . 24.99 -31.06 -11.02
C2 LMT CB . 25.31 -29.61 -10.84
C3 LMT CB . 26.34 -29.02 -11.74
C4 LMT CB . 26.66 -27.65 -11.24
C5 LMT CB . 27.51 -26.93 -12.24
C6 LMT CB . 27.96 -25.60 -11.74
C7 LMT CB . 26.93 -24.54 -12.01
C8 LMT CB . 26.95 -24.10 -13.43
C9 LMT CB . 26.81 -22.63 -13.62
C10 LMT CB . 26.34 -22.41 -15.03
C11 LMT CB . 26.39 -20.96 -15.41
C12 LMT CB . 27.27 -20.74 -16.58
H22 LMT CB . 25.60 -29.47 -9.93
H21 LMT CB . 24.49 -29.10 -10.92
H32 LMT CB . 26.03 -28.99 -12.66
H31 LMT CB . 27.14 -29.56 -11.76
H42 LMT CB . 27.11 -27.71 -10.39
H41 LMT CB . 25.85 -27.15 -11.06
H52 LMT CB . 27.02 -26.85 -13.06
H51 LMT CB . 28.27 -27.48 -12.46
H62 LMT CB . 28.82 -25.36 -12.11
H61 LMT CB . 28.14 -25.65 -10.79
H72 LMT CB . 27.07 -23.78 -11.42
H71 LMT CB . 26.04 -24.86 -11.77
H82 LMT CB . 26.26 -24.55 -13.92
H81 LMT CB . 27.77 -24.38 -13.86
H92 LMT CB . 27.64 -22.17 -13.45
H91 LMT CB . 26.19 -22.26 -12.98
H102 LMT CB . 25.44 -22.73 -15.13
H101 LMT CB . 26.87 -22.93 -15.63
H112 LMT CB . 26.70 -20.44 -14.65
H111 LMT CB . 25.49 -20.65 -15.60
H123 LMT CB . 27.30 -19.80 -16.83
H122 LMT CB . 26.97 -21.23 -17.36
H121 LMT CB . 28.18 -21.01 -16.38
C1 LMT DB . 25.98 4.82 -2.99
C2 LMT DB . 26.82 3.59 -3.06
C3 LMT DB . 26.89 2.75 -1.82
C4 LMT DB . 27.89 1.65 -2.06
C5 LMT DB . 27.94 0.71 -0.90
C6 LMT DB . 26.84 -0.29 -0.93
C7 LMT DB . 27.08 -1.35 0.10
C8 LMT DB . 25.84 -2.15 0.30
C9 LMT DB . 26.04 -3.60 0.63
C10 LMT DB . 26.55 -4.33 -0.59
C11 LMT DB . 25.98 -5.72 -0.68
C12 LMT DB . 26.72 -6.55 -1.68
H22 LMT DB . 27.73 3.84 -3.30
H21 LMT DB . 26.51 3.03 -3.79
H32 LMT DB . 26.03 2.38 -1.58
H31 LMT DB . 27.16 3.28 -1.05
H42 LMT DB . 28.76 2.04 -2.23
H41 LMT DB . 27.67 1.17 -2.87
H52 LMT DB . 27.90 1.21 -0.07
H51 LMT DB . 28.79 0.26 -0.89
H62 LMT DB . 26.76 -0.70 -1.81
H61 LMT DB . 25.99 0.14 -0.78
H72 LMT DB . 27.37 -0.95 0.93
H71 LMT DB . 27.82 -1.92 -0.17
H82 LMT DB . 25.27 -2.06 -0.47
H81 LMT DB . 25.32 -1.74 1.01
H92 LMT DB . 25.22 -4.01 0.94
H91 LMT DB . 26.65 -3.70 1.37
H102 LMT DB . 27.51 -4.37 -0.57
H101 LMT DB . 26.34 -3.84 -1.40
H112 LMT DB . 25.05 -5.66 -0.92
H111 LMT DB . 26.02 -6.14 0.19
H123 LMT DB . 26.35 -7.45 -1.72
H122 LMT DB . 27.66 -6.64 -1.45
H121 LMT DB . 26.65 -6.16 -2.56
C1 LMT EB . 30.95 -13.96 -26.03
C2 LMT EB . 30.85 -12.58 -25.47
C3 LMT EB . 30.44 -11.49 -26.40
C4 LMT EB . 31.66 -11.07 -27.18
C5 LMT EB . 31.29 -10.31 -28.41
C6 LMT EB . 30.70 -8.97 -28.12
C7 LMT EB . 30.46 -8.23 -29.40
C8 LMT EB . 29.89 -6.88 -29.09
C9 LMT EB . 28.60 -6.58 -29.79
C10 LMT EB . 28.87 -6.46 -31.27
C11 LMT EB . 27.76 -5.74 -31.98
C12 LMT EB . 27.96 -5.74 -33.46
H22 LMT EB . 31.70 -12.33 -25.08
H21 LMT EB . 30.22 -12.59 -24.72
H32 LMT EB . 30.05 -10.73 -25.95
H31 LMT EB . 29.75 -11.80 -27.02
H42 LMT EB . 32.20 -11.84 -27.39
H41 LMT EB . 32.23 -10.52 -26.62
H52 LMT EB . 30.66 -10.84 -28.93
H51 LMT EB . 32.07 -10.22 -28.98
H62 LMT EB . 31.28 -8.47 -27.53
H61 LMT EB . 29.87 -9.06 -27.62
H72 LMT EB . 29.89 -8.73 -29.97
H71 LMT EB . 31.30 -8.14 -29.89
H82 LMT EB . 30.54 -6.20 -29.30
H81 LMT EB . 29.75 -6.80 -28.14
H92 LMT EB . 28.19 -5.76 -29.46
H91 LMT EB . 27.94 -7.27 -29.62
H102 LMT EB . 28.98 -7.35 -31.66
H101 LMT EB . 29.71 -6.02 -31.42
H112 LMT EB . 27.73 -4.83 -31.65
H111 LMT EB . 26.92 -6.15 -31.76
H123 LMT EB . 27.26 -5.23 -33.90
H122 LMT EB . 27.95 -6.63 -33.82
H121 LMT EB . 28.82 -5.33 -33.68
C4 LMT FB . 11.46 -24.20 9.87
C5 LMT FB . 10.69 -22.96 10.16
C6 LMT FB . 11.34 -21.75 9.60
C7 LMT FB . 10.60 -20.53 10.04
C8 LMT FB . 11.24 -19.32 9.43
C9 LMT FB . 10.47 -18.06 9.63
C10 LMT FB . 10.79 -17.12 8.49
C11 LMT FB . 12.24 -16.74 8.49
C12 LMT FB . 12.46 -15.43 7.82
H52 LMT FB . 10.59 -22.86 11.12
H51 LMT FB . 9.79 -23.04 9.82
H62 LMT FB . 11.37 -21.79 8.63
H61 LMT FB . 12.27 -21.70 9.87
H72 LMT FB . 10.60 -20.46 11.00
H71 LMT FB . 9.67 -20.59 9.79
H82 LMT FB . 11.37 -19.47 8.49
H81 LMT FB . 12.13 -19.21 9.80
H92 LMT FB . 10.67 -17.65 10.48
H91 LMT FB . 9.51 -18.24 9.66
H102 LMT FB . 10.25 -16.33 8.57
H101 LMT FB . 10.54 -17.52 7.66
H112 LMT FB . 12.74 -17.43 8.03
H111 LMT FB . 12.58 -16.72 9.40
H123 LMT FB . 13.38 -15.15 7.89
H122 LMT FB . 11.92 -14.73 8.21
H121 LMT FB . 12.25 -15.49 6.88
C1 LMT GB . 18.98 -20.01 8.38
C2 LMT GB . 19.13 -18.67 7.73
C3 LMT GB . 18.10 -17.65 8.06
C4 LMT GB . 18.46 -16.37 7.36
C5 LMT GB . 17.49 -15.29 7.69
C6 LMT GB . 17.25 -14.35 6.54
C7 LMT GB . 16.02 -13.52 6.80
C8 LMT GB . 15.67 -12.73 5.57
C9 LMT GB . 16.34 -11.40 5.50
C10 LMT GB . 16.69 -11.11 4.06
C11 LMT GB . 17.98 -11.75 3.66
C12 LMT GB . 18.51 -11.17 2.39
H22 LMT GB . 19.14 -18.80 6.78
H21 LMT GB . 20.01 -18.32 7.96
H32 LMT GB . 18.02 -17.50 9.02
H31 LMT GB . 17.22 -17.93 7.79
H42 LMT GB . 18.52 -16.52 6.41
H41 LMT GB . 19.36 -16.09 7.61
H52 LMT GB . 17.80 -14.78 8.45
H51 LMT GB . 16.66 -15.69 7.97
H62 LMT GB . 17.16 -14.85 5.71
H61 LMT GB . 18.02 -13.78 6.40
H72 LMT GB . 16.17 -12.93 7.55
H71 LMT GB . 15.28 -14.07 7.06
H82 LMT GB . 14.72 -12.61 5.55
H81 LMT GB . 15.87 -13.24 4.79
H92 LMT GB . 17.13 -11.36 6.07
H91 LMT GB . 15.76 -10.71 5.86
H102 LMT GB . 16.76 -10.16 3.93
H101 LMT GB . 15.98 -11.39 3.48
H112 LMT GB . 17.85 -12.71 3.56
H111 LMT GB . 18.64 -11.66 4.37
H123 LMT GB . 19.35 -11.58 2.14
H122 LMT GB . 18.65 -10.22 2.47
H121 LMT GB . 17.89 -11.33 1.67
C1 LMT HB . 22.49 11.04 12.26
C2 LMT HB . 22.53 9.59 12.65
C3 LMT HB . 23.33 9.25 13.85
C4 LMT HB . 23.38 7.75 13.97
C5 LMT HB . 24.05 7.34 15.23
C6 LMT HB . 24.66 5.98 15.17
C7 LMT HB . 23.59 4.91 15.13
C8 LMT HB . 23.84 3.90 16.20
C9 LMT HB . 25.00 2.98 15.96
C10 LMT HB . 24.59 1.85 15.07
C11 LMT HB . 24.65 0.55 15.80
C12 LMT HB . 24.29 -0.61 14.93
H22 LMT HB . 22.89 9.09 11.90
H21 LMT HB . 21.62 9.28 12.77
H32 LMT HB . 22.94 9.62 14.66
H31 LMT HB . 24.22 9.61 13.81
H42 LMT HB . 23.84 7.38 13.20
H41 LMT HB . 22.49 7.38 13.92
H52 LMT HB . 23.40 7.37 15.96
H51 LMT HB . 24.72 7.98 15.46
H62 LMT HB . 25.25 5.84 15.91
H61 LMT HB . 25.22 5.90 14.39
H72 LMT HB . 23.57 4.48 14.26
H71 LMT HB . 22.71 5.30 15.22
H82 LMT HB . 23.04 3.37 16.34
H81 LMT HB . 23.96 4.36 17.04
H92 LMT HB . 25.36 2.65 16.80
H91 LMT HB . 25.75 3.46 15.57
H102 LMT HB . 25.17 1.81 14.29
H101 LMT HB . 23.70 1.99 14.71
H112 LMT HB . 24.06 0.58 16.56
H111 LMT HB . 25.55 0.41 16.16
H123 LMT HB . 24.38 -1.46 15.39
H122 LMT HB . 24.85 -0.66 14.14
H121 LMT HB . 23.37 -0.53 14.64
C1 LMT IB . 9.01 -19.71 15.34
C2 LMT IB . 10.33 -19.01 15.33
C3 LMT IB . 10.56 -18.06 14.19
C4 LMT IB . 11.91 -17.42 14.40
C5 LMT IB . 12.33 -16.64 13.20
C6 LMT IB . 11.60 -15.34 13.08
C7 LMT IB . 12.09 -14.60 11.87
C8 LMT IB . 11.21 -13.41 11.65
C9 LMT IB . 11.61 -12.60 10.46
C10 LMT IB . 12.26 -11.35 10.97
C11 LMT IB . 12.90 -10.57 9.87
C12 LMT IB . 13.84 -9.56 10.40
H22 LMT IB . 11.03 -19.69 15.30
H21 LMT IB . 10.45 -18.54 16.15
H32 LMT IB . 9.87 -17.39 14.15
H31 LMT IB . 10.54 -18.52 13.34
H42 LMT IB . 12.57 -18.09 14.61
H41 LMT IB . 11.89 -16.85 15.18
H52 LMT IB . 12.19 -17.17 12.41
H51 LMT IB . 13.28 -16.48 13.23
H62 LMT IB . 11.71 -14.81 13.89
H61 LMT IB . 10.65 -15.49 13.02
H72 LMT IB . 12.09 -15.18 11.11
H71 LMT IB . 13.01 -14.34 12.00
H82 LMT IB . 11.20 -12.87 12.43
H81 LMT IB . 10.30 -13.71 11.53
H92 LMT IB . 10.85 -12.38 9.91
H91 LMT IB . 12.20 -13.09 9.88
H102 LMT IB . 12.93 -11.58 11.64
H101 LMT IB . 11.62 -10.81 11.43
H112 LMT IB . 12.20 -10.15 9.35
H111 LMT IB . 13.37 -11.17 9.27
H123 LMT IB . 14.30 -9.09 9.68
H122 LMT IB . 14.50 -9.94 10.99
H121 LMT IB . 13.35 -8.88 10.90
C1 LMT JB . 18.06 -10.28 -50.99
C2 LMT JB . 17.08 -11.04 -50.15
C3 LMT JB . 17.67 -12.01 -49.18
C4 LMT JB . 16.60 -12.36 -48.19
C5 LMT JB . 17.07 -13.45 -47.29
C6 LMT JB . 16.43 -13.36 -45.94
C7 LMT JB . 16.46 -14.69 -45.26
C8 LMT JB . 16.14 -14.53 -43.81
C9 LMT JB . 14.75 -14.03 -43.53
C10 LMT JB . 14.85 -12.62 -43.05
C11 LMT JB . 13.51 -11.96 -43.00
C12 LMT JB . 13.39 -11.01 -41.87
H22 LMT JB . 16.49 -11.53 -50.74
H21 LMT JB . 16.53 -10.41 -49.67
H32 LMT JB . 18.46 -11.65 -48.73
H31 LMT JB . 17.99 -12.81 -49.63
H42 LMT JB . 15.79 -12.61 -48.65
H41 LMT JB . 16.36 -11.58 -47.66
H52 LMT JB . 18.02 -13.42 -47.19
H51 LMT JB . 16.87 -14.30 -47.69
H62 LMT JB . 15.51 -13.05 -46.03
H61 LMT JB . 16.87 -12.70 -45.40
H72 LMT JB . 17.33 -15.10 -45.38
H71 LMT JB . 15.84 -15.31 -45.69
H82 LMT JB . 16.78 -13.94 -43.41
H81 LMT JB . 16.27 -15.37 -43.36
H92 LMT JB . 14.30 -14.59 -42.88
H91 LMT JB . 14.21 -14.09 -44.32
H102 LMT JB . 15.44 -12.10 -43.60
H101 LMT JB . 15.26 -12.60 -42.17
H112 LMT JB . 12.83 -12.65 -42.93
H111 LMT JB . 13.35 -11.50 -43.84
H123 LMT JB . 12.52 -10.59 -41.85
H122 LMT JB . 14.04 -10.29 -41.94
H121 LMT JB . 13.52 -11.46 -41.04
C1 LMT KB . 14.33 -29.43 -43.58
C2 LMT KB . 15.13 -28.16 -43.67
C3 LMT KB . 14.70 -27.05 -42.77
C4 LMT KB . 15.64 -25.89 -42.97
C5 LMT KB . 15.33 -24.81 -42.00
C6 LMT KB . 15.96 -23.51 -42.35
C7 LMT KB . 15.20 -22.39 -41.71
C8 LMT KB . 15.89 -21.11 -41.98
C9 LMT KB . 15.19 -19.91 -41.43
C10 LMT KB . 16.24 -18.94 -40.95
C11 LMT KB . 15.63 -17.64 -40.54
C12 LMT KB . 16.52 -16.88 -39.62
H22 LMT KB . 15.10 -27.84 -44.58
H21 LMT KB . 16.05 -28.38 -43.48
H32 LMT KB . 14.70 -27.31 -41.84
H31 LMT KB . 13.81 -26.76 -42.97
H42 LMT KB . 15.59 -25.58 -43.87
H41 LMT KB . 16.56 -26.18 -42.86
H52 LMT KB . 15.61 -25.09 -41.12
H51 LMT KB . 14.37 -24.71 -41.94
H62 LMT KB . 16.00 -23.38 -43.30
H61 LMT KB . 16.88 -23.49 -42.07
H72 LMT KB . 15.12 -22.54 -40.75
H71 LMT KB . 14.28 -22.38 -42.03
H82 LMT KB . 15.98 -20.99 -42.94
H81 LMT KB . 16.78 -21.14 -41.65
H92 LMT KB . 14.59 -20.16 -40.70
H91 LMT KB . 14.62 -19.51 -42.09
H102 LMT KB . 16.89 -18.80 -41.63
H101 LMT KB . 16.72 -19.32 -40.22
H112 LMT KB . 14.78 -17.81 -40.12
H111 LMT KB . 15.45 -17.11 -41.33
H123 LMT KB . 16.10 -16.07 -39.32
H122 LMT KB . 17.35 -16.65 -40.04
H121 LMT KB . 16.71 -17.42 -38.83
C1 LMT LB . 30.28 -7.51 -23.61
C2 LMT LB . 31.43 -7.69 -22.66
C3 LMT LB . 31.66 -9.07 -22.16
C4 LMT LB . 31.49 -9.10 -20.64
C5 LMT LB . 30.06 -8.96 -20.24
C6 LMT LB . 29.86 -9.25 -18.79
C7 LMT LB . 29.78 -10.74 -18.55
C8 LMT LB . 28.38 -11.14 -18.26
C9 LMT LB . 28.07 -12.59 -18.50
C10 LMT LB . 28.85 -13.43 -17.52
C11 LMT LB . 28.41 -14.86 -17.54
C12 LMT LB . 28.91 -15.59 -18.75
H22 LMT LB . 31.30 -7.09 -21.92
H21 LMT LB . 32.23 -7.37 -23.11
H32 LMT LB . 32.54 -9.40 -22.39
H31 LMT LB . 31.04 -9.70 -22.55
H42 LMT LB . 32.04 -8.42 -20.23
H41 LMT LB . 31.85 -9.94 -20.30
H52 LMT LB . 29.52 -9.55 -20.77
H51 LMT LB . 29.76 -8.07 -20.45
H62 LMT LB . 29.07 -8.80 -18.46
H61 LMT LB . 30.58 -8.87 -18.27
H72 LMT LB . 30.37 -10.98 -17.82
H71 LMT LB . 30.13 -11.22 -19.32
H82 LMT LB . 27.76 -10.61 -18.79
H81 LMT LB . 28.16 -10.92 -17.34
H92 LMT LB . 28.29 -12.85 -19.41
H91 LMT LB . 27.13 -12.75 -18.42
H102 LMT LB . 28.76 -13.07 -16.63
H101 LMT LB . 29.80 -13.37 -17.72
H112 LMT LB . 27.44 -14.89 -17.52
H111 LMT LB . 28.71 -15.30 -16.74
H123 LMT LB . 28.65 -16.52 -18.72
H122 LMT LB . 29.87 -15.56 -18.82
H121 LMT LB . 28.53 -15.21 -19.55
C1 LMT MB . 28.97 -28.04 -5.19
C2 LMT MB . 28.32 -26.82 -5.76
C3 LMT MB . 29.21 -25.67 -6.10
C4 LMT MB . 28.36 -24.59 -6.72
C5 LMT MB . 29.21 -23.45 -7.16
C6 LMT MB . 29.81 -23.68 -8.51
C7 LMT MB . 30.59 -22.46 -8.93
C8 LMT MB . 29.96 -21.86 -10.14
C9 LMT MB . 30.59 -20.59 -10.58
C10 LMT MB . 29.94 -20.18 -11.87
C11 LMT MB . 30.45 -18.88 -12.37
C12 LMT MB . 29.96 -18.58 -13.74
H22 LMT MB . 27.65 -26.51 -5.11
H21 LMT MB . 27.82 -27.07 -6.54
H32 LMT MB . 29.92 -25.93 -6.71
H31 LMT MB . 29.66 -25.33 -5.31
H42 LMT MB . 27.69 -24.29 -6.08
H41 LMT MB . 27.86 -24.94 -7.46
H52 LMT MB . 29.91 -23.31 -6.51
H51 LMT MB . 28.68 -22.64 -7.15
H62 LMT MB . 29.12 -23.88 -9.15
H61 LMT MB . 30.38 -24.46 -8.50
H72 LMT MB . 31.51 -22.71 -9.11
H71 LMT MB . 30.64 -21.83 -8.21
H82 LMT MB . 29.03 -21.70 -9.96
H81 LMT MB . 29.98 -22.49 -10.86
H92 LMT MB . 31.54 -20.67 -10.69
H91 LMT MB . 30.48 -19.90 -9.91
H102 LMT MB . 28.98 -20.15 -11.76
H101 LMT MB . 30.09 -20.87 -12.54
H112 LMT MB . 31.42 -18.89 -12.35
H111 LMT MB . 30.18 -18.17 -11.76
H123 LMT MB . 30.30 -17.73 -14.07
H122 LMT MB . 28.99 -18.53 -13.79
H121 LMT MB . 30.26 -19.26 -14.37
C1 LMT NB . 30.75 -26.44 -2.93
C2 LMT NB . 30.55 -25.74 -1.62
C3 LMT NB . 30.70 -24.26 -1.64
C4 LMT NB . 30.34 -23.75 -0.25
C5 LMT NB . 30.76 -22.34 -0.07
C6 LMT NB . 29.83 -21.37 -0.72
C7 LMT NB . 30.52 -20.04 -0.87
C8 LMT NB . 29.48 -19.01 -1.16
C9 LMT NB . 30.00 -17.82 -1.89
C10 LMT NB . 29.14 -16.65 -1.51
C11 LMT NB . 29.39 -15.48 -2.39
C12 LMT NB . 28.67 -14.28 -1.90
H22 LMT NB . 31.18 -26.12 -0.99
H21 LMT NB . 29.67 -25.97 -1.29
H32 LMT NB . 30.14 -23.85 -2.31
H31 LMT NB . 31.60 -24.01 -1.86
H42 LMT NB . 30.74 -24.32 0.42
H41 LMT NB . 29.38 -23.84 -0.12
H52 LMT NB . 31.65 -22.21 -0.42
H51 LMT NB . 30.82 -22.15 0.88
H62 LMT NB . 29.02 -21.28 -0.20
H61 LMT NB . 29.54 -21.70 -1.58
H72 LMT NB . 31.17 -20.08 -1.57
H71 LMT NB . 31.01 -19.83 -0.07
H82 LMT NB . 29.07 -18.74 -0.33
H81 LMT NB . 28.77 -19.40 -1.68
H92 LMT NB . 30.01 -17.95 -2.84
H91 LMT NB . 30.93 -17.65 -1.65
H102 LMT NB . 29.27 -16.42 -0.58
H101 LMT NB . 28.21 -16.91 -1.57
H112 LMT NB . 29.12 -15.69 -3.28
H111 LMT NB . 30.34 -15.30 -2.43
H123 LMT NB . 28.84 -13.50 -2.46
H122 LMT NB . 28.92 -14.04 -1.00
H121 LMT NB . 27.71 -14.43 -1.90
C1 LMT OB . -19.53 5.23 -28.03
C2 LMT OB . -20.17 4.00 -27.47
C3 LMT OB . -19.55 3.41 -26.25
C4 LMT OB . -20.39 2.25 -25.83
C5 LMT OB . -19.79 1.56 -24.65
C6 LMT OB . -20.76 1.39 -23.53
C7 LMT OB . -21.75 0.31 -23.83
C8 LMT OB . -22.59 0.08 -22.63
C9 LMT OB . -23.56 -1.05 -22.73
C10 LMT OB . -24.18 -1.23 -21.37
C11 LMT OB . -25.32 -2.19 -21.40
C12 LMT OB . -26.03 -2.24 -20.09
H22 LMT OB . -20.19 3.32 -28.17
H21 LMT OB . -21.10 4.20 -27.28
H32 LMT OB . -19.47 4.06 -25.54
H31 LMT OB . -18.64 3.12 -26.43
H42 LMT OB . -20.50 1.63 -26.57
H41 LMT OB . -21.29 2.55 -25.64
H52 LMT OB . -19.02 2.08 -24.34
H51 LMT OB . -19.45 0.71 -24.92
H62 LMT OB . -21.23 2.23 -23.34
H61 LMT OB . -20.29 1.20 -22.70
H72 LMT OB . -21.28 -0.50 -24.08
H71 LMT OB . -22.29 0.55 -24.60
H82 LMT OB . -23.08 0.89 -22.43
H81 LMT OB . -22.03 -0.06 -21.86
H92 LMT OB . -23.12 -1.87 -23.02
H91 LMT OB . -24.23 -0.87 -23.41
H102 LMT OB . -24.48 -0.37 -21.03
H101 LMT OB . -23.50 -1.52 -20.74
H112 LMT OB . -24.98 -3.06 -21.63
H111 LMT OB . -25.94 -1.94 -22.11
H123 LMT OB . -26.81 -2.83 -20.13
H122 LMT OB . -26.36 -1.37 -19.82
H121 LMT OB . -25.44 -2.57 -19.40
C1 LMT PB . -15.95 6.29 -30.58
C2 LMT PB . -16.68 5.04 -30.19
C3 LMT PB . -15.91 3.76 -30.30
C4 LMT PB . -16.70 2.68 -29.60
C5 LMT PB . -16.16 1.35 -29.99
C6 LMT PB . -16.14 0.36 -28.86
C7 LMT PB . -17.52 -0.21 -28.62
C8 LMT PB . -17.37 -1.38 -27.71
C9 LMT PB . -18.66 -1.93 -27.22
C10 LMT PB . -18.34 -2.71 -25.96
C11 LMT PB . -19.45 -3.66 -25.60
C12 LMT PB . -19.05 -4.51 -24.45
H22 LMT PB . -17.47 4.96 -30.75
H21 LMT PB . -17.01 5.13 -29.30
H32 LMT PB . -15.04 3.84 -29.90
H31 LMT PB . -15.75 3.52 -31.21
H42 LMT PB . -17.63 2.76 -29.83
H41 LMT PB . -16.66 2.80 -28.65
H52 LMT PB . -15.27 1.45 -30.34
H51 LMT PB . -16.68 1.01 -30.70
H62 LMT PB . -15.80 0.76 -28.05
H61 LMT PB . -15.52 -0.36 -29.06
H72 LMT PB . -17.93 -0.47 -29.46
H71 LMT PB . -18.10 0.46 -28.25
H82 LMT PB . -16.83 -1.13 -26.95
H81 LMT PB . -16.88 -2.08 -28.16
H92 LMT PB . -19.08 -2.50 -27.87
H91 LMT PB . -19.31 -1.24 -27.03
H102 LMT PB . -18.18 -2.10 -25.24
H101 LMT PB . -17.52 -3.19 -26.08
H112 LMT PB . -19.65 -4.21 -26.37
H111 LMT PB . -20.25 -3.16 -25.39
H123 LMT PB . -19.76 -5.13 -24.21
H122 LMT PB . -18.86 -3.97 -23.66
H121 LMT PB . -18.26 -5.04 -24.66
C1 LMT QB . -16.15 -26.54 -33.04
C2 LMT QB . -16.58 -25.32 -33.80
C3 LMT QB . -16.11 -24.02 -33.26
C4 LMT QB . -17.00 -22.94 -33.85
C5 LMT QB . -16.43 -21.58 -33.58
C6 LMT QB . -15.96 -20.90 -34.82
C7 LMT QB . -15.37 -19.58 -34.47
C8 LMT QB . -14.89 -18.89 -35.69
C9 LMT QB . -14.68 -17.42 -35.51
C10 LMT QB . -13.57 -16.96 -36.42
C11 LMT QB . -13.39 -15.48 -36.35
C12 LMT QB . -12.61 -14.96 -37.51
H22 LMT QB . -17.55 -25.30 -33.82
H21 LMT QB . -16.30 -25.41 -34.72
H32 LMT QB . -15.19 -23.84 -33.50
H31 LMT QB . -16.15 -23.98 -32.30
H42 LMT QB . -17.89 -23.01 -33.47
H41 LMT QB . -17.10 -23.08 -34.80
H52 LMT QB . -15.70 -21.65 -32.95
H51 LMT QB . -17.11 -21.05 -33.14
H62 LMT QB . -16.70 -20.79 -35.44
H61 LMT QB . -15.33 -21.44 -35.30
H72 LMT QB . -14.65 -19.70 -33.83
H71 LMT QB . -16.02 -19.03 -33.99
H82 LMT QB . -15.52 -19.04 -36.41
H81 LMT QB . -14.07 -19.30 -35.99
H92 LMT QB . -14.47 -17.21 -34.59
H91 LMT QB . -15.49 -16.94 -35.69
H102 LMT QB . -13.75 -17.24 -37.33
H101 LMT QB . -12.74 -17.41 -36.18
H112 LMT QB . -12.94 -15.26 -35.52
H111 LMT QB . -14.26 -15.05 -36.31
H123 LMT QB . -12.40 -14.02 -37.40
H122 LMT QB . -13.11 -15.04 -38.34
H121 LMT QB . -11.78 -15.45 -37.61
C1 LMT RB . -23.56 -26.56 -28.81
C2 LMT RB . -23.21 -26.05 -30.17
C3 LMT RB . -23.25 -24.56 -30.35
C4 LMT RB . -22.69 -24.25 -31.72
C5 LMT RB . -22.82 -22.80 -32.00
C6 LMT RB . -22.04 -22.35 -33.20
C7 LMT RB . -21.68 -20.91 -33.06
C8 LMT RB . -21.08 -20.42 -34.33
C9 LMT RB . -20.67 -18.99 -34.29
C10 LMT RB . -20.26 -18.57 -35.67
C11 LMT RB . -19.84 -17.13 -35.71
C12 LMT RB . -19.15 -16.78 -36.99
H22 LMT RB . -23.81 -26.45 -30.81
H21 LMT RB . -22.33 -26.37 -30.40
H32 LMT RB . -22.75 -24.10 -29.68
H31 LMT RB . -24.16 -24.22 -30.29
H42 LMT RB . -23.14 -24.77 -32.40
H41 LMT RB . -21.76 -24.53 -31.77
H52 LMT RB . -22.52 -22.30 -31.22
H51 LMT RB . -23.74 -22.57 -32.10
H62 LMT RB . -22.56 -22.51 -34.01
H61 LMT RB . -21.25 -22.89 -33.32
H72 LMT RB . -21.06 -20.79 -32.33
H71 LMT RB . -22.46 -20.39 -32.82
H82 LMT RB . -21.72 -20.55 -35.05
H81 LMT RB . -20.32 -20.96 -34.57
H92 LMT RB . -19.95 -18.84 -33.66
H91 LMT RB . -21.39 -18.42 -33.96
H102 LMT RB . -20.99 -18.72 -36.30
H101 LMT RB . -19.54 -19.15 -35.98
H112 LMT RB . -19.24 -16.97 -34.96
H111 LMT RB . -20.61 -16.57 -35.59
H123 LMT RB . -18.83 -15.87 -36.98
H122 LMT RB . -19.75 -16.87 -37.75
H121 LMT RB . -18.39 -17.36 -37.14
#